data_3ODK
# 
_entry.id   3ODK 
# 
_audit_conform.dict_name       mmcif_pdbx.dic 
_audit_conform.dict_version    5.387 
_audit_conform.dict_location   http://mmcif.pdb.org/dictionaries/ascii/mmcif_pdbx.dic 
# 
loop_
_database_2.database_id 
_database_2.database_code 
_database_2.pdbx_database_accession 
_database_2.pdbx_DOI 
PDB   3ODK         pdb_00003odk 10.2210/pdb3odk/pdb 
RCSB  RCSB060980   ?            ?                   
WWPDB D_1000060980 ?            ?                   
# 
loop_
_pdbx_audit_revision_history.ordinal 
_pdbx_audit_revision_history.data_content_type 
_pdbx_audit_revision_history.major_revision 
_pdbx_audit_revision_history.minor_revision 
_pdbx_audit_revision_history.revision_date 
1 'Structure model' 1 0 2010-10-27 
2 'Structure model' 1 1 2011-07-13 
3 'Structure model' 1 2 2024-02-21 
# 
_pdbx_audit_revision_details.ordinal             1 
_pdbx_audit_revision_details.revision_ordinal    1 
_pdbx_audit_revision_details.data_content_type   'Structure model' 
_pdbx_audit_revision_details.provider            repository 
_pdbx_audit_revision_details.type                'Initial release' 
_pdbx_audit_revision_details.description         ? 
_pdbx_audit_revision_details.details             ? 
# 
loop_
_pdbx_audit_revision_group.ordinal 
_pdbx_audit_revision_group.revision_ordinal 
_pdbx_audit_revision_group.data_content_type 
_pdbx_audit_revision_group.group 
1 2 'Structure model' 'Version format compliance' 
2 3 'Structure model' 'Data collection'           
3 3 'Structure model' 'Database references'       
4 3 'Structure model' 'Derived calculations'      
# 
loop_
_pdbx_audit_revision_category.ordinal 
_pdbx_audit_revision_category.revision_ordinal 
_pdbx_audit_revision_category.data_content_type 
_pdbx_audit_revision_category.category 
1 3 'Structure model' chem_comp_atom     
2 3 'Structure model' chem_comp_bond     
3 3 'Structure model' database_2         
4 3 'Structure model' struct_ref_seq_dif 
5 3 'Structure model' struct_site        
# 
loop_
_pdbx_audit_revision_item.ordinal 
_pdbx_audit_revision_item.revision_ordinal 
_pdbx_audit_revision_item.data_content_type 
_pdbx_audit_revision_item.item 
1 3 'Structure model' '_database_2.pdbx_DOI'                
2 3 'Structure model' '_database_2.pdbx_database_accession' 
3 3 'Structure model' '_struct_ref_seq_dif.details'         
4 3 'Structure model' '_struct_site.pdbx_auth_asym_id'      
5 3 'Structure model' '_struct_site.pdbx_auth_comp_id'      
6 3 'Structure model' '_struct_site.pdbx_auth_seq_id'       
# 
_pdbx_database_status.status_code                     REL 
_pdbx_database_status.entry_id                        3ODK 
_pdbx_database_status.recvd_initial_deposition_date   2010-08-11 
_pdbx_database_status.deposit_site                    RCSB 
_pdbx_database_status.process_site                    RCSB 
_pdbx_database_status.status_code_sf                  REL 
_pdbx_database_status.status_code_mr                  ? 
_pdbx_database_status.SG_entry                        ? 
_pdbx_database_status.pdb_format_compatible           Y 
_pdbx_database_status.status_code_cs                  ? 
_pdbx_database_status.status_code_nmr_data            ? 
_pdbx_database_status.methods_development_category    ? 
# 
loop_
_pdbx_database_related.db_name 
_pdbx_database_related.db_id 
_pdbx_database_related.details 
_pdbx_database_related.content_type 
PDB 3KAB . unspecified 
PDB 3KAC . unspecified 
PDB 3KAD . unspecified 
PDB 3KAF . unspecified 
PDB 3KAG . unspecified 
PDB 3KAH . unspecified 
PDB 3KAI . unspecified 
PDB 3KCE . unspecified 
# 
loop_
_audit_author.name 
_audit_author.pdbx_ordinal 
'Potter, A.'       1  
'Oldfield, V.'     2  
'Nunns, C.'        3  
'Fromont, C.'      4  
'Ray, S.'          5  
'Northfield, C.J.' 6  
'Bryant, C.J.'     7  
'Scrace, S.F.'     8  
'Robinson, D.'     9  
'Matossova, N.'    10 
'Baker, L.'        11 
'Dokurno, P.'      12 
'Surgenor, A.E.'   13 
'Davis, B.E.'      14 
'Richardson, C.M.' 15 
'Murray, J.B.'     16 
'Moore, J.D.'      17 
# 
_citation.id                        primary 
_citation.title                     
'Discovery of cell-active phenyl-imidazole Pin1 inhibitors by structure-guided fragment evolution.' 
_citation.journal_abbrev            Bioorg.Med.Chem.Lett. 
_citation.journal_volume            20 
_citation.page_first                6483 
_citation.page_last                 6488 
_citation.year                      2010 
_citation.journal_id_ASTM           BMCLE8 
_citation.country                   UK 
_citation.journal_id_ISSN           0960-894X 
_citation.journal_id_CSD            1127 
_citation.book_publisher            ? 
_citation.pdbx_database_id_PubMed   20932746 
_citation.pdbx_database_id_DOI      10.1016/j.bmcl.2010.09.063 
# 
loop_
_citation_author.citation_id 
_citation_author.name 
_citation_author.ordinal 
_citation_author.identifier_ORCID 
primary 'Potter, A.'       1  ? 
primary 'Oldfield, V.'     2  ? 
primary 'Nunns, C.'        3  ? 
primary 'Fromont, C.'      4  ? 
primary 'Ray, S.'          5  ? 
primary 'Northfield, C.J.' 6  ? 
primary 'Bryant, C.J.'     7  ? 
primary 'Scrace, S.F.'     8  ? 
primary 'Robinson, D.'     9  ? 
primary 'Matossova, N.'    10 ? 
primary 'Baker, L.'        11 ? 
primary 'Dokurno, P.'      12 ? 
primary 'Surgenor, A.E.'   13 ? 
primary 'Davis, B.'        14 ? 
primary 'Richardson, C.M.' 15 ? 
primary 'Murray, J.B.'     16 ? 
primary 'Moore, J.D.'      17 ? 
# 
loop_
_entity.id 
_entity.type 
_entity.src_method 
_entity.pdbx_description 
_entity.formula_weight 
_entity.pdbx_number_of_molecules 
_entity.pdbx_ec 
_entity.pdbx_mutation 
_entity.pdbx_fragment 
_entity.details 
1 polymer     man 'Peptidyl-prolyl cis-trans isomerase NIMA-interacting 1'                             18524.525 1  5.2.1.8 R14A ? 
? 
2 non-polymer syn '2-{2-[2-(2-{2-[2-(2-ETHOXY-ETHOXY)-ETHOXY]-ETHOXY}-ETHOXY)-ETHOXY]-ETHOXY}-ETHANOL' 354.436   1  ?       ?    ? 
? 
3 non-polymer syn '3-pyridin-2-yl-1H-pyrazole-5-carboxylic acid'                                       189.171   1  ?       ?    ? 
? 
4 water       nat water                                                                                18.015    67 ?       ?    ? 
? 
# 
_entity_name_com.entity_id   1 
_entity_name_com.name        'Peptidyl-prolyl cis-trans isomerase Pin1, PPIase Pin1, Rotamase Pin1' 
# 
_entity_poly.entity_id                      1 
_entity_poly.type                           'polypeptide(L)' 
_entity_poly.nstd_linkage                   no 
_entity_poly.nstd_monomer                   no 
_entity_poly.pdbx_seq_one_letter_code       
;GSHGMADEEKLPPGWEKAMSRSSGRVYYFNHITNASQWERPSGNSSSGGKNGQGEPARVRCSHLLVKHSQSRRPSSWRQE
KITRTKEEALELINGYIQKIKSGEEDFESLASQFSDCSSAKARGDLGAFSRGQMQKPFEDASFALRTGEMSGPVFTDSGI
HIILRTE
;
_entity_poly.pdbx_seq_one_letter_code_can   
;GSHGMADEEKLPPGWEKAMSRSSGRVYYFNHITNASQWERPSGNSSSGGKNGQGEPARVRCSHLLVKHSQSRRPSSWRQE
KITRTKEEALELINGYIQKIKSGEEDFESLASQFSDCSSAKARGDLGAFSRGQMQKPFEDASFALRTGEMSGPVFTDSGI
HIILRTE
;
_entity_poly.pdbx_strand_id                 A 
_entity_poly.pdbx_target_identifier         ? 
# 
loop_
_pdbx_entity_nonpoly.entity_id 
_pdbx_entity_nonpoly.name 
_pdbx_entity_nonpoly.comp_id 
2 '2-{2-[2-(2-{2-[2-(2-ETHOXY-ETHOXY)-ETHOXY]-ETHOXY}-ETHOXY)-ETHOXY]-ETHOXY}-ETHANOL' PE4 
3 '3-pyridin-2-yl-1H-pyrazole-5-carboxylic acid'                                       ODK 
4 water                                                                                HOH 
# 
loop_
_entity_poly_seq.entity_id 
_entity_poly_seq.num 
_entity_poly_seq.mon_id 
_entity_poly_seq.hetero 
1 1   GLY n 
1 2   SER n 
1 3   HIS n 
1 4   GLY n 
1 5   MET n 
1 6   ALA n 
1 7   ASP n 
1 8   GLU n 
1 9   GLU n 
1 10  LYS n 
1 11  LEU n 
1 12  PRO n 
1 13  PRO n 
1 14  GLY n 
1 15  TRP n 
1 16  GLU n 
1 17  LYS n 
1 18  ALA n 
1 19  MET n 
1 20  SER n 
1 21  ARG n 
1 22  SER n 
1 23  SER n 
1 24  GLY n 
1 25  ARG n 
1 26  VAL n 
1 27  TYR n 
1 28  TYR n 
1 29  PHE n 
1 30  ASN n 
1 31  HIS n 
1 32  ILE n 
1 33  THR n 
1 34  ASN n 
1 35  ALA n 
1 36  SER n 
1 37  GLN n 
1 38  TRP n 
1 39  GLU n 
1 40  ARG n 
1 41  PRO n 
1 42  SER n 
1 43  GLY n 
1 44  ASN n 
1 45  SER n 
1 46  SER n 
1 47  SER n 
1 48  GLY n 
1 49  GLY n 
1 50  LYS n 
1 51  ASN n 
1 52  GLY n 
1 53  GLN n 
1 54  GLY n 
1 55  GLU n 
1 56  PRO n 
1 57  ALA n 
1 58  ARG n 
1 59  VAL n 
1 60  ARG n 
1 61  CYS n 
1 62  SER n 
1 63  HIS n 
1 64  LEU n 
1 65  LEU n 
1 66  VAL n 
1 67  LYS n 
1 68  HIS n 
1 69  SER n 
1 70  GLN n 
1 71  SER n 
1 72  ARG n 
1 73  ARG n 
1 74  PRO n 
1 75  SER n 
1 76  SER n 
1 77  TRP n 
1 78  ARG n 
1 79  GLN n 
1 80  GLU n 
1 81  LYS n 
1 82  ILE n 
1 83  THR n 
1 84  ARG n 
1 85  THR n 
1 86  LYS n 
1 87  GLU n 
1 88  GLU n 
1 89  ALA n 
1 90  LEU n 
1 91  GLU n 
1 92  LEU n 
1 93  ILE n 
1 94  ASN n 
1 95  GLY n 
1 96  TYR n 
1 97  ILE n 
1 98  GLN n 
1 99  LYS n 
1 100 ILE n 
1 101 LYS n 
1 102 SER n 
1 103 GLY n 
1 104 GLU n 
1 105 GLU n 
1 106 ASP n 
1 107 PHE n 
1 108 GLU n 
1 109 SER n 
1 110 LEU n 
1 111 ALA n 
1 112 SER n 
1 113 GLN n 
1 114 PHE n 
1 115 SER n 
1 116 ASP n 
1 117 CYS n 
1 118 SER n 
1 119 SER n 
1 120 ALA n 
1 121 LYS n 
1 122 ALA n 
1 123 ARG n 
1 124 GLY n 
1 125 ASP n 
1 126 LEU n 
1 127 GLY n 
1 128 ALA n 
1 129 PHE n 
1 130 SER n 
1 131 ARG n 
1 132 GLY n 
1 133 GLN n 
1 134 MET n 
1 135 GLN n 
1 136 LYS n 
1 137 PRO n 
1 138 PHE n 
1 139 GLU n 
1 140 ASP n 
1 141 ALA n 
1 142 SER n 
1 143 PHE n 
1 144 ALA n 
1 145 LEU n 
1 146 ARG n 
1 147 THR n 
1 148 GLY n 
1 149 GLU n 
1 150 MET n 
1 151 SER n 
1 152 GLY n 
1 153 PRO n 
1 154 VAL n 
1 155 PHE n 
1 156 THR n 
1 157 ASP n 
1 158 SER n 
1 159 GLY n 
1 160 ILE n 
1 161 HIS n 
1 162 ILE n 
1 163 ILE n 
1 164 LEU n 
1 165 ARG n 
1 166 THR n 
1 167 GLU n 
# 
_entity_src_gen.entity_id                          1 
_entity_src_gen.pdbx_src_id                        1 
_entity_src_gen.pdbx_alt_source_flag               sample 
_entity_src_gen.pdbx_seq_type                      ? 
_entity_src_gen.pdbx_beg_seq_num                   ? 
_entity_src_gen.pdbx_end_seq_num                   ? 
_entity_src_gen.gene_src_common_name               human 
_entity_src_gen.gene_src_genus                     ? 
_entity_src_gen.pdbx_gene_src_gene                 PIN1 
_entity_src_gen.gene_src_species                   ? 
_entity_src_gen.gene_src_strain                    ? 
_entity_src_gen.gene_src_tissue                    ? 
_entity_src_gen.gene_src_tissue_fraction           ? 
_entity_src_gen.gene_src_details                   ? 
_entity_src_gen.pdbx_gene_src_fragment             ? 
_entity_src_gen.pdbx_gene_src_scientific_name      'Homo sapiens' 
_entity_src_gen.pdbx_gene_src_ncbi_taxonomy_id     9606 
_entity_src_gen.pdbx_gene_src_variant              ? 
_entity_src_gen.pdbx_gene_src_cell_line            ? 
_entity_src_gen.pdbx_gene_src_atcc                 ? 
_entity_src_gen.pdbx_gene_src_organ                ? 
_entity_src_gen.pdbx_gene_src_organelle            ? 
_entity_src_gen.pdbx_gene_src_cell                 ? 
_entity_src_gen.pdbx_gene_src_cellular_location    ? 
_entity_src_gen.host_org_common_name               ? 
_entity_src_gen.pdbx_host_org_scientific_name      'Escherichia coli' 
_entity_src_gen.pdbx_host_org_ncbi_taxonomy_id     469008 
_entity_src_gen.host_org_genus                     ? 
_entity_src_gen.pdbx_host_org_gene                 ? 
_entity_src_gen.pdbx_host_org_organ                ? 
_entity_src_gen.host_org_species                   ? 
_entity_src_gen.pdbx_host_org_tissue               ? 
_entity_src_gen.pdbx_host_org_tissue_fraction      ? 
_entity_src_gen.pdbx_host_org_strain               'Bl21(DE3)' 
_entity_src_gen.pdbx_host_org_variant              ? 
_entity_src_gen.pdbx_host_org_cell_line            ? 
_entity_src_gen.pdbx_host_org_atcc                 ? 
_entity_src_gen.pdbx_host_org_culture_collection   ? 
_entity_src_gen.pdbx_host_org_cell                 ? 
_entity_src_gen.pdbx_host_org_organelle            ? 
_entity_src_gen.pdbx_host_org_cellular_location    ? 
_entity_src_gen.pdbx_host_org_vector_type          Plasmid 
_entity_src_gen.pdbx_host_org_vector               ? 
_entity_src_gen.host_org_details                   ? 
_entity_src_gen.expression_system_id               ? 
_entity_src_gen.plasmid_name                       PET28A 
_entity_src_gen.plasmid_details                    ? 
_entity_src_gen.pdbx_description                   ? 
# 
loop_
_chem_comp.id 
_chem_comp.type 
_chem_comp.mon_nstd_flag 
_chem_comp.name 
_chem_comp.pdbx_synonyms 
_chem_comp.formula 
_chem_comp.formula_weight 
ALA 'L-peptide linking' y ALANINE                                                                              ? 'C3 H7 N O2'     
89.093  
ARG 'L-peptide linking' y ARGININE                                                                             ? 'C6 H15 N4 O2 1' 
175.209 
ASN 'L-peptide linking' y ASPARAGINE                                                                           ? 'C4 H8 N2 O3'    
132.118 
ASP 'L-peptide linking' y 'ASPARTIC ACID'                                                                      ? 'C4 H7 N O4'     
133.103 
CYS 'L-peptide linking' y CYSTEINE                                                                             ? 'C3 H7 N O2 S'   
121.158 
GLN 'L-peptide linking' y GLUTAMINE                                                                            ? 'C5 H10 N2 O3'   
146.144 
GLU 'L-peptide linking' y 'GLUTAMIC ACID'                                                                      ? 'C5 H9 N O4'     
147.129 
GLY 'peptide linking'   y GLYCINE                                                                              ? 'C2 H5 N O2'     
75.067  
HIS 'L-peptide linking' y HISTIDINE                                                                            ? 'C6 H10 N3 O2 1' 
156.162 
HOH non-polymer         . WATER                                                                                ? 'H2 O'           
18.015  
ILE 'L-peptide linking' y ISOLEUCINE                                                                           ? 'C6 H13 N O2'    
131.173 
LEU 'L-peptide linking' y LEUCINE                                                                              ? 'C6 H13 N O2'    
131.173 
LYS 'L-peptide linking' y LYSINE                                                                               ? 'C6 H15 N2 O2 1' 
147.195 
MET 'L-peptide linking' y METHIONINE                                                                           ? 'C5 H11 N O2 S'  
149.211 
ODK non-polymer         . '3-pyridin-2-yl-1H-pyrazole-5-carboxylic acid'                                       
'5-Pyridin-2-yl-2H-pyrazole-3-carboxylic acid' 'C9 H7 N3 O2'    189.171 
PE4 non-polymer         . '2-{2-[2-(2-{2-[2-(2-ETHOXY-ETHOXY)-ETHOXY]-ETHOXY}-ETHOXY)-ETHOXY]-ETHOXY}-ETHANOL' 
'POLYETHYLENE GLYCOL PEG4000'                  'C16 H34 O8'     354.436 
PHE 'L-peptide linking' y PHENYLALANINE                                                                        ? 'C9 H11 N O2'    
165.189 
PRO 'L-peptide linking' y PROLINE                                                                              ? 'C5 H9 N O2'     
115.130 
SER 'L-peptide linking' y SERINE                                                                               ? 'C3 H7 N O3'     
105.093 
THR 'L-peptide linking' y THREONINE                                                                            ? 'C4 H9 N O3'     
119.119 
TRP 'L-peptide linking' y TRYPTOPHAN                                                                           ? 'C11 H12 N2 O2'  
204.225 
TYR 'L-peptide linking' y TYROSINE                                                                             ? 'C9 H11 N O3'    
181.189 
VAL 'L-peptide linking' y VALINE                                                                               ? 'C5 H11 N O2'    
117.146 
# 
loop_
_pdbx_poly_seq_scheme.asym_id 
_pdbx_poly_seq_scheme.entity_id 
_pdbx_poly_seq_scheme.seq_id 
_pdbx_poly_seq_scheme.mon_id 
_pdbx_poly_seq_scheme.ndb_seq_num 
_pdbx_poly_seq_scheme.pdb_seq_num 
_pdbx_poly_seq_scheme.auth_seq_num 
_pdbx_poly_seq_scheme.pdb_mon_id 
_pdbx_poly_seq_scheme.auth_mon_id 
_pdbx_poly_seq_scheme.pdb_strand_id 
_pdbx_poly_seq_scheme.pdb_ins_code 
_pdbx_poly_seq_scheme.hetero 
A 1 1   GLY 1   -3  ?   ?   ?   A . n 
A 1 2   SER 2   -2  ?   ?   ?   A . n 
A 1 3   HIS 3   -1  ?   ?   ?   A . n 
A 1 4   GLY 4   0   ?   ?   ?   A . n 
A 1 5   MET 5   1   ?   ?   ?   A . n 
A 1 6   ALA 6   2   ?   ?   ?   A . n 
A 1 7   ASP 7   3   ?   ?   ?   A . n 
A 1 8   GLU 8   4   ?   ?   ?   A . n 
A 1 9   GLU 9   5   ?   ?   ?   A . n 
A 1 10  LYS 10  6   ?   ?   ?   A . n 
A 1 11  LEU 11  7   7   LEU LEU A . n 
A 1 12  PRO 12  8   8   PRO PRO A . n 
A 1 13  PRO 13  9   9   PRO PRO A . n 
A 1 14  GLY 14  10  10  GLY GLY A . n 
A 1 15  TRP 15  11  11  TRP TRP A . n 
A 1 16  GLU 16  12  12  GLU GLU A . n 
A 1 17  LYS 17  13  13  LYS LYS A . n 
A 1 18  ALA 18  14  14  ALA ALA A . n 
A 1 19  MET 19  15  15  MET MET A . n 
A 1 20  SER 20  16  16  SER SER A . n 
A 1 21  ARG 21  17  17  ARG ARG A . n 
A 1 22  SER 22  18  18  SER SER A . n 
A 1 23  SER 23  19  19  SER SER A . n 
A 1 24  GLY 24  20  20  GLY GLY A . n 
A 1 25  ARG 25  21  21  ARG ARG A . n 
A 1 26  VAL 26  22  22  VAL VAL A . n 
A 1 27  TYR 27  23  23  TYR TYR A . n 
A 1 28  TYR 28  24  24  TYR TYR A . n 
A 1 29  PHE 29  25  25  PHE PHE A . n 
A 1 30  ASN 30  26  26  ASN ASN A . n 
A 1 31  HIS 31  27  27  HIS HIS A . n 
A 1 32  ILE 32  28  28  ILE ILE A . n 
A 1 33  THR 33  29  29  THR THR A . n 
A 1 34  ASN 34  30  30  ASN ASN A . n 
A 1 35  ALA 35  31  31  ALA ALA A . n 
A 1 36  SER 36  32  32  SER SER A . n 
A 1 37  GLN 37  33  33  GLN GLN A . n 
A 1 38  TRP 38  34  34  TRP TRP A . n 
A 1 39  GLU 39  35  35  GLU GLU A . n 
A 1 40  ARG 40  36  36  ARG ARG A . n 
A 1 41  PRO 41  37  37  PRO PRO A . n 
A 1 42  SER 42  38  38  SER SER A . n 
A 1 43  GLY 43  39  ?   ?   ?   A . n 
A 1 44  ASN 44  40  ?   ?   ?   A . n 
A 1 45  SER 45  41  ?   ?   ?   A . n 
A 1 46  SER 46  42  ?   ?   ?   A . n 
A 1 47  SER 47  43  ?   ?   ?   A . n 
A 1 48  GLY 48  44  ?   ?   ?   A . n 
A 1 49  GLY 49  45  ?   ?   ?   A . n 
A 1 50  LYS 50  46  ?   ?   ?   A . n 
A 1 51  ASN 51  47  ?   ?   ?   A . n 
A 1 52  GLY 52  48  ?   ?   ?   A . n 
A 1 53  GLN 53  49  ?   ?   ?   A . n 
A 1 54  GLY 54  50  ?   ?   ?   A . n 
A 1 55  GLU 55  51  51  GLU GLU A . n 
A 1 56  PRO 56  52  52  PRO PRO A . n 
A 1 57  ALA 57  53  53  ALA ALA A . n 
A 1 58  ARG 58  54  54  ARG ARG A . n 
A 1 59  VAL 59  55  55  VAL VAL A . n 
A 1 60  ARG 60  56  56  ARG ARG A . n 
A 1 61  CYS 61  57  57  CYS CYS A . n 
A 1 62  SER 62  58  58  SER SER A . n 
A 1 63  HIS 63  59  59  HIS HIS A . n 
A 1 64  LEU 64  60  60  LEU LEU A . n 
A 1 65  LEU 65  61  61  LEU LEU A . n 
A 1 66  VAL 66  62  62  VAL VAL A . n 
A 1 67  LYS 67  63  63  LYS LYS A . n 
A 1 68  HIS 68  64  64  HIS HIS A . n 
A 1 69  SER 69  65  65  SER SER A . n 
A 1 70  GLN 70  66  66  GLN GLN A . n 
A 1 71  SER 71  67  67  SER SER A . n 
A 1 72  ARG 72  68  68  ARG ARG A . n 
A 1 73  ARG 73  69  69  ARG ARG A . n 
A 1 74  PRO 74  70  70  PRO PRO A . n 
A 1 75  SER 75  71  71  SER SER A . n 
A 1 76  SER 76  72  72  SER SER A . n 
A 1 77  TRP 77  73  73  TRP TRP A . n 
A 1 78  ARG 78  74  74  ARG ARG A . n 
A 1 79  GLN 79  75  75  GLN GLN A . n 
A 1 80  GLU 80  76  76  GLU GLU A . n 
A 1 81  LYS 81  77  77  LYS LYS A . n 
A 1 82  ILE 82  78  78  ILE ILE A . n 
A 1 83  THR 83  79  79  THR THR A . n 
A 1 84  ARG 84  80  80  ARG ARG A . n 
A 1 85  THR 85  81  81  THR THR A . n 
A 1 86  LYS 86  82  82  LYS LYS A . n 
A 1 87  GLU 87  83  83  GLU GLU A . n 
A 1 88  GLU 88  84  84  GLU GLU A . n 
A 1 89  ALA 89  85  85  ALA ALA A . n 
A 1 90  LEU 90  86  86  LEU LEU A . n 
A 1 91  GLU 91  87  87  GLU GLU A . n 
A 1 92  LEU 92  88  88  LEU LEU A . n 
A 1 93  ILE 93  89  89  ILE ILE A . n 
A 1 94  ASN 94  90  90  ASN ASN A . n 
A 1 95  GLY 95  91  91  GLY GLY A . n 
A 1 96  TYR 96  92  92  TYR TYR A . n 
A 1 97  ILE 97  93  93  ILE ILE A . n 
A 1 98  GLN 98  94  94  GLN GLN A . n 
A 1 99  LYS 99  95  95  LYS LYS A . n 
A 1 100 ILE 100 96  96  ILE ILE A . n 
A 1 101 LYS 101 97  97  LYS LYS A . n 
A 1 102 SER 102 98  98  SER SER A . n 
A 1 103 GLY 103 99  99  GLY GLY A . n 
A 1 104 GLU 104 100 100 GLU GLU A . n 
A 1 105 GLU 105 101 101 GLU GLU A . n 
A 1 106 ASP 106 102 102 ASP ASP A . n 
A 1 107 PHE 107 103 103 PHE PHE A . n 
A 1 108 GLU 108 104 104 GLU GLU A . n 
A 1 109 SER 109 105 105 SER SER A . n 
A 1 110 LEU 110 106 106 LEU LEU A . n 
A 1 111 ALA 111 107 107 ALA ALA A . n 
A 1 112 SER 112 108 108 SER SER A . n 
A 1 113 GLN 113 109 109 GLN GLN A . n 
A 1 114 PHE 114 110 110 PHE PHE A . n 
A 1 115 SER 115 111 111 SER SER A . n 
A 1 116 ASP 116 112 112 ASP ASP A . n 
A 1 117 CYS 117 113 113 CYS CYS A . n 
A 1 118 SER 118 114 114 SER SER A . n 
A 1 119 SER 119 115 115 SER SER A . n 
A 1 120 ALA 120 116 116 ALA ALA A . n 
A 1 121 LYS 121 117 117 LYS LYS A . n 
A 1 122 ALA 122 118 118 ALA ALA A . n 
A 1 123 ARG 123 119 119 ARG ARG A . n 
A 1 124 GLY 124 120 120 GLY GLY A . n 
A 1 125 ASP 125 121 121 ASP ASP A . n 
A 1 126 LEU 126 122 122 LEU LEU A . n 
A 1 127 GLY 127 123 123 GLY GLY A . n 
A 1 128 ALA 128 124 124 ALA ALA A . n 
A 1 129 PHE 129 125 125 PHE PHE A . n 
A 1 130 SER 130 126 126 SER SER A . n 
A 1 131 ARG 131 127 127 ARG ARG A . n 
A 1 132 GLY 132 128 128 GLY GLY A . n 
A 1 133 GLN 133 129 129 GLN GLN A . n 
A 1 134 MET 134 130 130 MET MET A . n 
A 1 135 GLN 135 131 131 GLN GLN A . n 
A 1 136 LYS 136 132 132 LYS LYS A . n 
A 1 137 PRO 137 133 133 PRO PRO A . n 
A 1 138 PHE 138 134 134 PHE PHE A . n 
A 1 139 GLU 139 135 135 GLU GLU A . n 
A 1 140 ASP 140 136 136 ASP ASP A . n 
A 1 141 ALA 141 137 137 ALA ALA A . n 
A 1 142 SER 142 138 138 SER SER A . n 
A 1 143 PHE 143 139 139 PHE PHE A . n 
A 1 144 ALA 144 140 140 ALA ALA A . n 
A 1 145 LEU 145 141 141 LEU LEU A . n 
A 1 146 ARG 146 142 142 ARG ARG A . n 
A 1 147 THR 147 143 143 THR THR A . n 
A 1 148 GLY 148 144 144 GLY GLY A . n 
A 1 149 GLU 149 145 145 GLU GLU A . n 
A 1 150 MET 150 146 146 MET MET A . n 
A 1 151 SER 151 147 147 SER SER A . n 
A 1 152 GLY 152 148 148 GLY GLY A . n 
A 1 153 PRO 153 149 149 PRO PRO A . n 
A 1 154 VAL 154 150 150 VAL VAL A . n 
A 1 155 PHE 155 151 151 PHE PHE A . n 
A 1 156 THR 156 152 152 THR THR A . n 
A 1 157 ASP 157 153 153 ASP ASP A . n 
A 1 158 SER 158 154 154 SER SER A . n 
A 1 159 GLY 159 155 155 GLY GLY A . n 
A 1 160 ILE 160 156 156 ILE ILE A . n 
A 1 161 HIS 161 157 157 HIS HIS A . n 
A 1 162 ILE 162 158 158 ILE ILE A . n 
A 1 163 ILE 163 159 159 ILE ILE A . n 
A 1 164 LEU 164 160 160 LEU LEU A . n 
A 1 165 ARG 165 161 161 ARG ARG A . n 
A 1 166 THR 166 162 162 THR THR A . n 
A 1 167 GLU 167 163 163 GLU GLU A . n 
# 
loop_
_pdbx_nonpoly_scheme.asym_id 
_pdbx_nonpoly_scheme.entity_id 
_pdbx_nonpoly_scheme.mon_id 
_pdbx_nonpoly_scheme.ndb_seq_num 
_pdbx_nonpoly_scheme.pdb_seq_num 
_pdbx_nonpoly_scheme.auth_seq_num 
_pdbx_nonpoly_scheme.pdb_mon_id 
_pdbx_nonpoly_scheme.auth_mon_id 
_pdbx_nonpoly_scheme.pdb_strand_id 
_pdbx_nonpoly_scheme.pdb_ins_code 
B 2 PE4 1  164 1   PE4 PE4 A . 
C 3 ODK 1  165 1   ODK ODK A . 
D 4 HOH 1  166 166 HOH HOH A . 
D 4 HOH 2  167 1   HOH HOH A . 
D 4 HOH 3  168 168 HOH HOH A . 
D 4 HOH 4  169 2   HOH HOH A . 
D 4 HOH 5  170 5   HOH HOH A . 
D 4 HOH 6  171 171 HOH HOH A . 
D 4 HOH 7  172 6   HOH HOH A . 
D 4 HOH 8  173 7   HOH HOH A . 
D 4 HOH 9  174 8   HOH HOH A . 
D 4 HOH 10 175 9   HOH HOH A . 
D 4 HOH 11 176 10  HOH HOH A . 
D 4 HOH 12 177 177 HOH HOH A . 
D 4 HOH 13 178 178 HOH HOH A . 
D 4 HOH 14 179 13  HOH HOH A . 
D 4 HOH 15 180 14  HOH HOH A . 
D 4 HOH 16 181 16  HOH HOH A . 
D 4 HOH 17 182 17  HOH HOH A . 
D 4 HOH 18 183 183 HOH HOH A . 
D 4 HOH 19 184 184 HOH HOH A . 
D 4 HOH 20 185 185 HOH HOH A . 
D 4 HOH 21 186 186 HOH HOH A . 
D 4 HOH 22 187 18  HOH HOH A . 
D 4 HOH 23 188 188 HOH HOH A . 
D 4 HOH 24 189 21  HOH HOH A . 
D 4 HOH 25 190 23  HOH HOH A . 
D 4 HOH 26 191 191 HOH HOH A . 
D 4 HOH 27 192 192 HOH HOH A . 
D 4 HOH 28 193 193 HOH HOH A . 
D 4 HOH 29 194 24  HOH HOH A . 
D 4 HOH 30 195 195 HOH HOH A . 
D 4 HOH 31 196 25  HOH HOH A . 
D 4 HOH 32 197 197 HOH HOH A . 
D 4 HOH 33 198 198 HOH HOH A . 
D 4 HOH 34 199 199 HOH HOH A . 
D 4 HOH 35 200 200 HOH HOH A . 
D 4 HOH 36 201 26  HOH HOH A . 
D 4 HOH 37 202 36  HOH HOH A . 
D 4 HOH 38 203 37  HOH HOH A . 
D 4 HOH 39 204 38  HOH HOH A . 
D 4 HOH 40 205 39  HOH HOH A . 
D 4 HOH 41 206 40  HOH HOH A . 
D 4 HOH 42 207 42  HOH HOH A . 
D 4 HOH 43 208 49  HOH HOH A . 
D 4 HOH 44 209 55  HOH HOH A . 
D 4 HOH 45 210 57  HOH HOH A . 
D 4 HOH 46 211 61  HOH HOH A . 
D 4 HOH 47 212 62  HOH HOH A . 
D 4 HOH 48 213 63  HOH HOH A . 
D 4 HOH 49 214 66  HOH HOH A . 
D 4 HOH 50 215 69  HOH HOH A . 
D 4 HOH 51 216 73  HOH HOH A . 
D 4 HOH 52 217 74  HOH HOH A . 
D 4 HOH 53 218 85  HOH HOH A . 
D 4 HOH 54 219 88  HOH HOH A . 
D 4 HOH 55 220 92  HOH HOH A . 
D 4 HOH 56 221 99  HOH HOH A . 
D 4 HOH 57 222 105 HOH HOH A . 
D 4 HOH 58 223 106 HOH HOH A . 
D 4 HOH 59 224 107 HOH HOH A . 
D 4 HOH 60 225 110 HOH HOH A . 
D 4 HOH 61 226 111 HOH HOH A . 
D 4 HOH 62 227 113 HOH HOH A . 
D 4 HOH 63 228 119 HOH HOH A . 
D 4 HOH 64 229 125 HOH HOH A . 
D 4 HOH 65 230 128 HOH HOH A . 
D 4 HOH 66 231 148 HOH HOH A . 
D 4 HOH 67 232 153 HOH HOH A . 
# 
_pdbx_unobs_or_zero_occ_atoms.id               1 
_pdbx_unobs_or_zero_occ_atoms.PDB_model_num    1 
_pdbx_unobs_or_zero_occ_atoms.polymer_flag     N 
_pdbx_unobs_or_zero_occ_atoms.occupancy_flag   1 
_pdbx_unobs_or_zero_occ_atoms.auth_asym_id     A 
_pdbx_unobs_or_zero_occ_atoms.auth_comp_id     PE4 
_pdbx_unobs_or_zero_occ_atoms.auth_seq_id      164 
_pdbx_unobs_or_zero_occ_atoms.PDB_ins_code     ? 
_pdbx_unobs_or_zero_occ_atoms.auth_atom_id     O1 
_pdbx_unobs_or_zero_occ_atoms.label_alt_id     ? 
_pdbx_unobs_or_zero_occ_atoms.label_asym_id    B 
_pdbx_unobs_or_zero_occ_atoms.label_comp_id    PE4 
_pdbx_unobs_or_zero_occ_atoms.label_seq_id     1 
_pdbx_unobs_or_zero_occ_atoms.label_atom_id    O1 
# 
loop_
_software.name 
_software.classification 
_software.version 
_software.citation_id 
_software.pdbx_ordinal 
CrystalClear 'data collection' .        ? 1 
AMoRE        phasing           .        ? 2 
REFMAC       refinement        5.5.0109 ? 3 
d*TREK       'data reduction'  .        ? 4 
d*TREK       'data scaling'    .        ? 5 
# 
_cell.entry_id           3ODK 
_cell.length_a           68.048 
_cell.length_b           68.048 
_cell.length_c           79.567 
_cell.angle_alpha        90.00 
_cell.angle_beta         90.00 
_cell.angle_gamma        120.00 
_cell.Z_PDB              6 
_cell.pdbx_unique_axis   ? 
_cell.length_a_esd       ? 
_cell.length_b_esd       ? 
_cell.length_c_esd       ? 
_cell.angle_alpha_esd    ? 
_cell.angle_beta_esd     ? 
_cell.angle_gamma_esd    ? 
# 
_symmetry.entry_id                         3ODK 
_symmetry.space_group_name_H-M             'P 31 2 1' 
_symmetry.pdbx_full_space_group_name_H-M   ? 
_symmetry.cell_setting                     ? 
_symmetry.Int_Tables_number                152 
_symmetry.space_group_name_Hall            ? 
# 
_exptl.entry_id          3ODK 
_exptl.method            'X-RAY DIFFRACTION' 
_exptl.crystals_number   1 
# 
_exptl_crystal.id                    1 
_exptl_crystal.density_meas          ? 
_exptl_crystal.density_Matthews      2.87 
_exptl_crystal.density_percent_sol   57.15 
_exptl_crystal.description           ? 
_exptl_crystal.F_000                 ? 
_exptl_crystal.preparation           ? 
# 
_exptl_crystal_grow.crystal_id      1 
_exptl_crystal_grow.method          'VAPOR DIFFUSION, HANGING DROP' 
_exptl_crystal_grow.temp            277.0 
_exptl_crystal_grow.temp_details    ? 
_exptl_crystal_grow.pH              7.5 
_exptl_crystal_grow.pdbx_details    
'2.2M Ammonium sulphate, 0.1M HEPES buffer, 1% PEG 400, 5mM DTT, pH 7.5, VAPOR DIFFUSION, HANGING DROP, temperature 277.0K' 
_exptl_crystal_grow.pdbx_pH_range   ? 
# 
_diffrn.id                     1 
_diffrn.ambient_temp           100 
_diffrn.ambient_temp_details   ? 
_diffrn.crystal_id             1 
# 
_diffrn_detector.diffrn_id              1 
_diffrn_detector.detector               'IMAGE PLATE' 
_diffrn_detector.type                   'RIGAKU RAXIS IV++' 
_diffrn_detector.pdbx_collection_date   ? 
_diffrn_detector.details                mirrors 
# 
_diffrn_radiation.diffrn_id                        1 
_diffrn_radiation.wavelength_id                    1 
_diffrn_radiation.pdbx_monochromatic_or_laue_m_l   M 
_diffrn_radiation.monochromator                    Mirrors 
_diffrn_radiation.pdbx_diffrn_protocol             'SINGLE WAVELENGTH' 
_diffrn_radiation.pdbx_scattering_type             x-ray 
# 
_diffrn_radiation_wavelength.id           1 
_diffrn_radiation_wavelength.wavelength   1.5418 
_diffrn_radiation_wavelength.wt           1.0 
# 
_diffrn_source.diffrn_id                   1 
_diffrn_source.source                      'ROTATING ANODE' 
_diffrn_source.type                        'RIGAKU RUH3R' 
_diffrn_source.pdbx_synchrotron_site       ? 
_diffrn_source.pdbx_synchrotron_beamline   ? 
_diffrn_source.pdbx_wavelength             ? 
_diffrn_source.pdbx_wavelength_list        1.5418 
# 
_reflns.entry_id                     3ODK 
_reflns.observed_criterion_sigma_I   1.0 
_reflns.observed_criterion_sigma_F   1.0 
_reflns.d_resolution_low             58.93 
_reflns.d_resolution_high            2.30 
_reflns.number_obs                   9853 
_reflns.number_all                   14924 
_reflns.percent_possible_obs         69.4 
_reflns.pdbx_Rmerge_I_obs            0.072 
_reflns.pdbx_Rsym_value              ? 
_reflns.pdbx_netI_over_sigmaI        4.5 
_reflns.B_iso_Wilson_estimate        ? 
_reflns.pdbx_redundancy              1.17 
_reflns.R_free_details               ? 
_reflns.limit_h_max                  ? 
_reflns.limit_h_min                  ? 
_reflns.limit_k_max                  ? 
_reflns.limit_k_min                  ? 
_reflns.limit_l_max                  ? 
_reflns.limit_l_min                  ? 
_reflns.observed_criterion_F_max     ? 
_reflns.observed_criterion_F_min     ? 
_reflns.pdbx_chi_squared             ? 
_reflns.pdbx_scaling_rejects         ? 
_reflns.pdbx_diffrn_id               1 
_reflns.pdbx_ordinal                 1 
# 
_reflns_shell.d_res_high             2.30 
_reflns_shell.d_res_low              2.38 
_reflns_shell.percent_possible_all   68.5 
_reflns_shell.Rmerge_I_obs           0.439 
_reflns_shell.pdbx_Rsym_value        ? 
_reflns_shell.meanI_over_sigI_obs    1.2 
_reflns_shell.pdbx_redundancy        1.19 
_reflns_shell.percent_possible_obs   ? 
_reflns_shell.number_unique_all      ? 
_reflns_shell.number_measured_all    ? 
_reflns_shell.number_measured_obs    ? 
_reflns_shell.number_unique_obs      ? 
_reflns_shell.pdbx_chi_squared       ? 
_reflns_shell.pdbx_diffrn_id         ? 
_reflns_shell.pdbx_ordinal           1 
# 
_refine.entry_id                                 3ODK 
_refine.ls_number_reflns_obs                     7552 
_refine.ls_number_reflns_all                     12725 
_refine.pdbx_ls_sigma_I                          0.0 
_refine.pdbx_ls_sigma_F                          . 
_refine.pdbx_data_cutoff_high_absF               ? 
_refine.pdbx_data_cutoff_low_absF                ? 
_refine.pdbx_data_cutoff_high_rms_absF           ? 
_refine.ls_d_res_low                             58.93 
_refine.ls_d_res_high                            2.30 
_refine.ls_percent_reflns_obs                    80.61 
_refine.ls_R_factor_obs                          0.25106 
_refine.ls_R_factor_all                          0.25106 
_refine.ls_R_factor_R_work                       0.24695 
_refine.ls_R_factor_R_free                       0.33528 
_refine.ls_R_factor_R_free_error                 ? 
_refine.ls_R_factor_R_free_error_details         ? 
_refine.ls_percent_reflns_R_free                 4.9 
_refine.ls_number_reflns_R_free                  386 
_refine.ls_number_parameters                     ? 
_refine.ls_number_restraints                     ? 
_refine.occupancy_min                            ? 
_refine.occupancy_max                            ? 
_refine.correlation_coeff_Fo_to_Fc               0.943 
_refine.correlation_coeff_Fo_to_Fc_free          0.882 
_refine.B_iso_mean                               53.370 
_refine.aniso_B[1][1]                            1.22 
_refine.aniso_B[2][2]                            1.22 
_refine.aniso_B[3][3]                            -1.83 
_refine.aniso_B[1][2]                            0.61 
_refine.aniso_B[1][3]                            0.00 
_refine.aniso_B[2][3]                            0.00 
_refine.solvent_model_details                    MASK 
_refine.solvent_model_param_ksol                 ? 
_refine.solvent_model_param_bsol                 ? 
_refine.pdbx_solvent_vdw_probe_radii             1.40 
_refine.pdbx_solvent_ion_probe_radii             0.80 
_refine.pdbx_solvent_shrinkage_radii             0.80 
_refine.pdbx_ls_cross_valid_method               THROUGHOUT 
_refine.details                                  'HYDROGENS HAVE BEEN ADDED IN THE RIDING POSITIONS' 
_refine.pdbx_starting_model                      ? 
_refine.pdbx_method_to_determine_struct          'MOLECULAR REPLACEMENT' 
_refine.pdbx_isotropic_thermal_model             ? 
_refine.pdbx_stereochemistry_target_values       'MAXIMUM LIKELIHOOD' 
_refine.pdbx_stereochem_target_val_spec_case     ? 
_refine.pdbx_R_Free_selection_details            RANDOM 
_refine.pdbx_overall_ESU_R_Free                  0.344 
_refine.overall_SU_ML                            0.261 
_refine.overall_SU_B                             11.322 
_refine.overall_SU_R_Cruickshank_DPI             ? 
_refine.ls_redundancy_reflns_obs                 ? 
_refine.B_iso_min                                ? 
_refine.B_iso_max                                ? 
_refine.overall_SU_R_free                        ? 
_refine.ls_wR_factor_R_free                      ? 
_refine.ls_wR_factor_R_work                      ? 
_refine.overall_FOM_free_R_set                   ? 
_refine.overall_FOM_work_R_set                   ? 
_refine.pdbx_overall_phase_error                 ? 
_refine.pdbx_refine_id                           'X-RAY DIFFRACTION' 
_refine.pdbx_overall_ESU_R                       ? 
_refine.pdbx_diffrn_id                           1 
_refine.pdbx_TLS_residual_ADP_flag               ? 
_refine.pdbx_overall_SU_R_free_Cruickshank_DPI   ? 
_refine.pdbx_overall_SU_R_Blow_DPI               ? 
_refine.pdbx_overall_SU_R_free_Blow_DPI          ? 
# 
_refine_hist.pdbx_refine_id                   'X-RAY DIFFRACTION' 
_refine_hist.cycle_id                         LAST 
_refine_hist.pdbx_number_atoms_protein        1156 
_refine_hist.pdbx_number_atoms_nucleic_acid   0 
_refine_hist.pdbx_number_atoms_ligand         37 
_refine_hist.number_atoms_solvent             67 
_refine_hist.number_atoms_total               1260 
_refine_hist.d_res_high                       2.30 
_refine_hist.d_res_low                        58.93 
# 
loop_
_refine_ls_restr.type 
_refine_ls_restr.dev_ideal 
_refine_ls_restr.dev_ideal_target 
_refine_ls_restr.weight 
_refine_ls_restr.number 
_refine_ls_restr.pdbx_refine_id 
_refine_ls_restr.pdbx_restraint_function 
r_bond_refined_d             0.017  0.021  ? 1218 'X-RAY DIFFRACTION' ? 
r_bond_other_d               ?      ?      ? ?    'X-RAY DIFFRACTION' ? 
r_angle_refined_deg          1.766  1.972  ? 1627 'X-RAY DIFFRACTION' ? 
r_angle_other_deg            ?      ?      ? ?    'X-RAY DIFFRACTION' ? 
r_dihedral_angle_1_deg       6.816  5.000  ? 143  'X-RAY DIFFRACTION' ? 
r_dihedral_angle_2_deg       33.130 22.586 ? 58   'X-RAY DIFFRACTION' ? 
r_dihedral_angle_3_deg       17.452 15.000 ? 211  'X-RAY DIFFRACTION' ? 
r_dihedral_angle_4_deg       20.283 15.000 ? 13   'X-RAY DIFFRACTION' ? 
r_chiral_restr               0.101  0.200  ? 162  'X-RAY DIFFRACTION' ? 
r_gen_planes_refined         0.005  0.021  ? 926  'X-RAY DIFFRACTION' ? 
r_gen_planes_other           ?      ?      ? ?    'X-RAY DIFFRACTION' ? 
r_nbd_refined                ?      ?      ? ?    'X-RAY DIFFRACTION' ? 
r_nbd_other                  ?      ?      ? ?    'X-RAY DIFFRACTION' ? 
r_nbtor_refined              ?      ?      ? ?    'X-RAY DIFFRACTION' ? 
r_nbtor_other                ?      ?      ? ?    'X-RAY DIFFRACTION' ? 
r_xyhbond_nbd_refined        ?      ?      ? ?    'X-RAY DIFFRACTION' ? 
r_xyhbond_nbd_other          ?      ?      ? ?    'X-RAY DIFFRACTION' ? 
r_metal_ion_refined          ?      ?      ? ?    'X-RAY DIFFRACTION' ? 
r_metal_ion_other            ?      ?      ? ?    'X-RAY DIFFRACTION' ? 
r_symmetry_vdw_refined       ?      ?      ? ?    'X-RAY DIFFRACTION' ? 
r_symmetry_vdw_other         ?      ?      ? ?    'X-RAY DIFFRACTION' ? 
r_symmetry_hbond_refined     ?      ?      ? ?    'X-RAY DIFFRACTION' ? 
r_symmetry_hbond_other       ?      ?      ? ?    'X-RAY DIFFRACTION' ? 
r_symmetry_metal_ion_refined ?      ?      ? ?    'X-RAY DIFFRACTION' ? 
r_symmetry_metal_ion_other   ?      ?      ? ?    'X-RAY DIFFRACTION' ? 
r_mcbond_it                  0.789  1.500  ? 721  'X-RAY DIFFRACTION' ? 
r_mcbond_other               ?      ?      ? ?    'X-RAY DIFFRACTION' ? 
r_mcangle_it                 1.479  2.000  ? 1155 'X-RAY DIFFRACTION' ? 
r_scbond_it                  2.075  3.000  ? 497  'X-RAY DIFFRACTION' ? 
r_scangle_it                 3.425  4.500  ? 472  'X-RAY DIFFRACTION' ? 
r_rigid_bond_restr           ?      ?      ? ?    'X-RAY DIFFRACTION' ? 
r_sphericity_free            ?      ?      ? ?    'X-RAY DIFFRACTION' ? 
r_sphericity_bonded          ?      ?      ? ?    'X-RAY DIFFRACTION' ? 
# 
_refine_ls_shell.pdbx_total_number_of_bins_used   20 
_refine_ls_shell.d_res_high                       2.301 
_refine_ls_shell.d_res_low                        2.360 
_refine_ls_shell.number_reflns_R_work             556 
_refine_ls_shell.R_factor_R_work                  0.402 
_refine_ls_shell.percent_reflns_obs               81.74 
_refine_ls_shell.R_factor_R_free                  0.426 
_refine_ls_shell.R_factor_R_free_error            ? 
_refine_ls_shell.percent_reflns_R_free            ? 
_refine_ls_shell.number_reflns_R_free             35 
_refine_ls_shell.number_reflns_all                ? 
_refine_ls_shell.R_factor_all                     ? 
_refine_ls_shell.number_reflns_obs                ? 
_refine_ls_shell.redundancy_reflns_obs            ? 
_refine_ls_shell.pdbx_refine_id                   'X-RAY DIFFRACTION' 
# 
_struct.entry_id                  3ODK 
_struct.title                     
'Discovery of cell-active phenyl-imidazole Pin1 inhibitors by structure-guided fragment evolution' 
_struct.pdbx_model_details        ? 
_struct.pdbx_CASP_flag            N 
_struct.pdbx_model_type_details   ? 
# 
_struct_keywords.entry_id        3ODK 
_struct_keywords.pdbx_keywords   ISOMERASE 
_struct_keywords.text            
;SBDD, PPIASE, ISOMERASE, ROTAMASE, SMALL MOLECULE, Proline directed kinase, cell cycle, Oncogenic transformation, Nucleus, Phosphoprotein
;
# 
loop_
_struct_asym.id 
_struct_asym.pdbx_blank_PDB_chainid_flag 
_struct_asym.pdbx_modified 
_struct_asym.entity_id 
_struct_asym.details 
A N N 1 ? 
B N N 2 ? 
C N N 3 ? 
D N N 4 ? 
# 
_struct_ref.id                         1 
_struct_ref.db_name                    UNP 
_struct_ref.db_code                    PIN1_HUMAN 
_struct_ref.pdbx_db_accession          Q13526 
_struct_ref.entity_id                  1 
_struct_ref.pdbx_seq_one_letter_code   
;MADEEKLPPGWEKRMSRSSGRVYYFNHITNASQWERPSGNSSSGGKNGQGEPARVRCSHLLVKHSQSRRPSSWRQEKITR
TKEEALELINGYIQKIKSGEEDFESLASQFSDCSSAKARGDLGAFSRGQMQKPFEDASFALRTGEMSGPVFTDSGIHIIL
RTE
;
_struct_ref.pdbx_align_begin           1 
_struct_ref.pdbx_db_isoform            ? 
# 
_struct_ref_seq.align_id                      1 
_struct_ref_seq.ref_id                        1 
_struct_ref_seq.pdbx_PDB_id_code              3ODK 
_struct_ref_seq.pdbx_strand_id                A 
_struct_ref_seq.seq_align_beg                 5 
_struct_ref_seq.pdbx_seq_align_beg_ins_code   ? 
_struct_ref_seq.seq_align_end                 167 
_struct_ref_seq.pdbx_seq_align_end_ins_code   ? 
_struct_ref_seq.pdbx_db_accession             Q13526 
_struct_ref_seq.db_align_beg                  1 
_struct_ref_seq.pdbx_db_align_beg_ins_code    ? 
_struct_ref_seq.db_align_end                  163 
_struct_ref_seq.pdbx_db_align_end_ins_code    ? 
_struct_ref_seq.pdbx_auth_seq_align_beg       1 
_struct_ref_seq.pdbx_auth_seq_align_end       163 
# 
loop_
_struct_ref_seq_dif.align_id 
_struct_ref_seq_dif.pdbx_pdb_id_code 
_struct_ref_seq_dif.mon_id 
_struct_ref_seq_dif.pdbx_pdb_strand_id 
_struct_ref_seq_dif.seq_num 
_struct_ref_seq_dif.pdbx_pdb_ins_code 
_struct_ref_seq_dif.pdbx_seq_db_name 
_struct_ref_seq_dif.pdbx_seq_db_accession_code 
_struct_ref_seq_dif.db_mon_id 
_struct_ref_seq_dif.pdbx_seq_db_seq_num 
_struct_ref_seq_dif.details 
_struct_ref_seq_dif.pdbx_auth_seq_num 
_struct_ref_seq_dif.pdbx_ordinal 
1 3ODK GLY A 1  ? UNP Q13526 ?   ?  'expression tag'      -3 1 
1 3ODK SER A 2  ? UNP Q13526 ?   ?  'expression tag'      -2 2 
1 3ODK HIS A 3  ? UNP Q13526 ?   ?  'expression tag'      -1 3 
1 3ODK GLY A 4  ? UNP Q13526 ?   ?  'expression tag'      0  4 
1 3ODK ALA A 18 ? UNP Q13526 ARG 14 'engineered mutation' 14 5 
# 
_pdbx_struct_assembly.id                   1 
_pdbx_struct_assembly.details              author_defined_assembly 
_pdbx_struct_assembly.method_details       ? 
_pdbx_struct_assembly.oligomeric_details   monomeric 
_pdbx_struct_assembly.oligomeric_count     1 
# 
_pdbx_struct_assembly_gen.assembly_id       1 
_pdbx_struct_assembly_gen.oper_expression   1 
_pdbx_struct_assembly_gen.asym_id_list      A,B,C,D 
# 
_pdbx_struct_oper_list.id                   1 
_pdbx_struct_oper_list.type                 'identity operation' 
_pdbx_struct_oper_list.name                 1_555 
_pdbx_struct_oper_list.symmetry_operation   x,y,z 
_pdbx_struct_oper_list.matrix[1][1]         1.0000000000 
_pdbx_struct_oper_list.matrix[1][2]         0.0000000000 
_pdbx_struct_oper_list.matrix[1][3]         0.0000000000 
_pdbx_struct_oper_list.vector[1]            0.0000000000 
_pdbx_struct_oper_list.matrix[2][1]         0.0000000000 
_pdbx_struct_oper_list.matrix[2][2]         1.0000000000 
_pdbx_struct_oper_list.matrix[2][3]         0.0000000000 
_pdbx_struct_oper_list.vector[2]            0.0000000000 
_pdbx_struct_oper_list.matrix[3][1]         0.0000000000 
_pdbx_struct_oper_list.matrix[3][2]         0.0000000000 
_pdbx_struct_oper_list.matrix[3][3]         1.0000000000 
_pdbx_struct_oper_list.vector[3]            0.0000000000 
# 
_struct_biol.id        1 
_struct_biol.details   ? 
# 
loop_
_struct_conf.conf_type_id 
_struct_conf.id 
_struct_conf.pdbx_PDB_helix_id 
_struct_conf.beg_label_comp_id 
_struct_conf.beg_label_asym_id 
_struct_conf.beg_label_seq_id 
_struct_conf.pdbx_beg_PDB_ins_code 
_struct_conf.end_label_comp_id 
_struct_conf.end_label_asym_id 
_struct_conf.end_label_seq_id 
_struct_conf.pdbx_end_PDB_ins_code 
_struct_conf.beg_auth_comp_id 
_struct_conf.beg_auth_asym_id 
_struct_conf.beg_auth_seq_id 
_struct_conf.end_auth_comp_id 
_struct_conf.end_auth_asym_id 
_struct_conf.end_auth_seq_id 
_struct_conf.pdbx_PDB_helix_class 
_struct_conf.details 
_struct_conf.pdbx_PDB_helix_length 
HELX_P HELX_P1 1 THR A 85  ? SER A 102 ? THR A 81  SER A 98  1 ? 18 
HELX_P HELX_P2 2 ASP A 106 ? SER A 115 ? ASP A 102 SER A 111 1 ? 10 
HELX_P HELX_P3 3 CYS A 117 ? ARG A 123 ? CYS A 113 ARG A 119 5 ? 7  
HELX_P HELX_P4 4 GLN A 135 ? LEU A 145 ? GLN A 131 LEU A 141 1 ? 11 
# 
_struct_conf_type.id          HELX_P 
_struct_conf_type.criteria    ? 
_struct_conf_type.reference   ? 
# 
loop_
_struct_sheet.id 
_struct_sheet.type 
_struct_sheet.number_strands 
_struct_sheet.details 
A ? 3 ? 
B ? 4 ? 
# 
loop_
_struct_sheet_order.sheet_id 
_struct_sheet_order.range_id_1 
_struct_sheet_order.range_id_2 
_struct_sheet_order.offset 
_struct_sheet_order.sense 
A 1 2 ? anti-parallel 
A 2 3 ? anti-parallel 
B 1 2 ? anti-parallel 
B 2 3 ? anti-parallel 
B 3 4 ? anti-parallel 
# 
loop_
_struct_sheet_range.sheet_id 
_struct_sheet_range.id 
_struct_sheet_range.beg_label_comp_id 
_struct_sheet_range.beg_label_asym_id 
_struct_sheet_range.beg_label_seq_id 
_struct_sheet_range.pdbx_beg_PDB_ins_code 
_struct_sheet_range.end_label_comp_id 
_struct_sheet_range.end_label_asym_id 
_struct_sheet_range.end_label_seq_id 
_struct_sheet_range.pdbx_end_PDB_ins_code 
_struct_sheet_range.beg_auth_comp_id 
_struct_sheet_range.beg_auth_asym_id 
_struct_sheet_range.beg_auth_seq_id 
_struct_sheet_range.end_auth_comp_id 
_struct_sheet_range.end_auth_asym_id 
_struct_sheet_range.end_auth_seq_id 
A 1 TRP A 15  ? MET A 19  ? TRP A 11  MET A 15  
A 2 VAL A 26  ? ASN A 30  ? VAL A 22  ASN A 26  
A 3 SER A 36  ? GLN A 37  ? SER A 32  GLN A 33  
B 1 ASP A 125 ? SER A 130 ? ASP A 121 SER A 126 
B 2 ARG A 58  ? VAL A 66  ? ARG A 54  VAL A 62  
B 3 ILE A 160 ? GLU A 167 ? ILE A 156 GLU A 163 
B 4 VAL A 154 ? PHE A 155 ? VAL A 150 PHE A 151 
# 
loop_
_pdbx_struct_sheet_hbond.sheet_id 
_pdbx_struct_sheet_hbond.range_id_1 
_pdbx_struct_sheet_hbond.range_id_2 
_pdbx_struct_sheet_hbond.range_1_label_atom_id 
_pdbx_struct_sheet_hbond.range_1_label_comp_id 
_pdbx_struct_sheet_hbond.range_1_label_asym_id 
_pdbx_struct_sheet_hbond.range_1_label_seq_id 
_pdbx_struct_sheet_hbond.range_1_PDB_ins_code 
_pdbx_struct_sheet_hbond.range_1_auth_atom_id 
_pdbx_struct_sheet_hbond.range_1_auth_comp_id 
_pdbx_struct_sheet_hbond.range_1_auth_asym_id 
_pdbx_struct_sheet_hbond.range_1_auth_seq_id 
_pdbx_struct_sheet_hbond.range_2_label_atom_id 
_pdbx_struct_sheet_hbond.range_2_label_comp_id 
_pdbx_struct_sheet_hbond.range_2_label_asym_id 
_pdbx_struct_sheet_hbond.range_2_label_seq_id 
_pdbx_struct_sheet_hbond.range_2_PDB_ins_code 
_pdbx_struct_sheet_hbond.range_2_auth_atom_id 
_pdbx_struct_sheet_hbond.range_2_auth_comp_id 
_pdbx_struct_sheet_hbond.range_2_auth_asym_id 
_pdbx_struct_sheet_hbond.range_2_auth_seq_id 
A 1 2 N GLU A 16  ? N GLU A 12  O PHE A 29  ? O PHE A 25  
A 2 3 N TYR A 28  ? N TYR A 24  O GLN A 37  ? O GLN A 33  
B 1 2 O PHE A 129 ? O PHE A 125 N VAL A 59  ? N VAL A 55  
B 2 3 N ARG A 60  ? N ARG A 56  O GLU A 167 ? O GLU A 163 
B 3 4 O HIS A 161 ? O HIS A 157 N VAL A 154 ? N VAL A 150 
# 
loop_
_struct_site.id 
_struct_site.pdbx_evidence_code 
_struct_site.pdbx_auth_asym_id 
_struct_site.pdbx_auth_comp_id 
_struct_site.pdbx_auth_seq_id 
_struct_site.pdbx_auth_ins_code 
_struct_site.pdbx_num_residues 
_struct_site.details 
AC1 Software A PE4 164 ? 12 'BINDING SITE FOR RESIDUE PE4 A 164' 
AC2 Software A ODK 165 ? 8  'BINDING SITE FOR RESIDUE ODK A 165' 
# 
loop_
_struct_site_gen.id 
_struct_site_gen.site_id 
_struct_site_gen.pdbx_num_res 
_struct_site_gen.label_comp_id 
_struct_site_gen.label_asym_id 
_struct_site_gen.label_seq_id 
_struct_site_gen.pdbx_auth_ins_code 
_struct_site_gen.auth_comp_id 
_struct_site_gen.auth_asym_id 
_struct_site_gen.auth_seq_id 
_struct_site_gen.label_atom_id 
_struct_site_gen.label_alt_id 
_struct_site_gen.symmetry 
_struct_site_gen.details 
1  AC1 12 TYR A 27  ? TYR A 23  . ? 1_555 ? 
2  AC1 12 ALA A 35  ? ALA A 31  . ? 1_555 ? 
3  AC1 12 SER A 36  ? SER A 32  . ? 1_555 ? 
4  AC1 12 GLN A 37  ? GLN A 33  . ? 1_555 ? 
5  AC1 12 TRP A 38  ? TRP A 34  . ? 1_555 ? 
6  AC1 12 LYS A 101 ? LYS A 97  . ? 1_555 ? 
7  AC1 12 SER A 102 ? SER A 98  . ? 6_555 ? 
8  AC1 12 GLY A 103 ? GLY A 99  . ? 6_555 ? 
9  AC1 12 MET A 150 ? MET A 146 . ? 1_555 ? 
10 AC1 12 HOH D .   ? HOH A 175 . ? 1_555 ? 
11 AC1 12 HOH D .   ? HOH A 183 . ? 1_555 ? 
12 AC1 12 HOH D .   ? HOH A 186 . ? 1_555 ? 
13 AC2 8  HIS A 63  ? HIS A 59  . ? 1_555 ? 
14 AC2 8  LYS A 67  ? LYS A 63  . ? 1_555 ? 
15 AC2 8  CYS A 117 ? CYS A 113 . ? 1_555 ? 
16 AC2 8  MET A 134 ? MET A 130 . ? 1_555 ? 
17 AC2 8  GLN A 135 ? GLN A 131 . ? 1_555 ? 
18 AC2 8  PHE A 138 ? PHE A 134 . ? 1_555 ? 
19 AC2 8  SER A 158 ? SER A 154 . ? 1_555 ? 
20 AC2 8  HOH D .   ? HOH A 195 . ? 1_555 ? 
# 
loop_
_pdbx_validate_torsion.id 
_pdbx_validate_torsion.PDB_model_num 
_pdbx_validate_torsion.auth_comp_id 
_pdbx_validate_torsion.auth_asym_id 
_pdbx_validate_torsion.auth_seq_id 
_pdbx_validate_torsion.PDB_ins_code 
_pdbx_validate_torsion.label_alt_id 
_pdbx_validate_torsion.phi 
_pdbx_validate_torsion.psi 
1 1 PRO A 8   ? ? -46.30  173.69  
2 1 PRO A 9   ? ? -38.82  112.70  
3 1 PRO A 37  ? ? -42.44  153.53  
4 1 PRO A 70  ? ? -64.08  54.32   
5 1 TRP A 73  ? ? -38.54  -16.42  
6 1 SER A 115 ? ? -53.74  -8.20   
7 1 SER A 126 ? ? -127.65 -168.97 
8 1 THR A 143 ? ? -20.04  107.37  
# 
loop_
_pdbx_unobs_or_zero_occ_residues.id 
_pdbx_unobs_or_zero_occ_residues.PDB_model_num 
_pdbx_unobs_or_zero_occ_residues.polymer_flag 
_pdbx_unobs_or_zero_occ_residues.occupancy_flag 
_pdbx_unobs_or_zero_occ_residues.auth_asym_id 
_pdbx_unobs_or_zero_occ_residues.auth_comp_id 
_pdbx_unobs_or_zero_occ_residues.auth_seq_id 
_pdbx_unobs_or_zero_occ_residues.PDB_ins_code 
_pdbx_unobs_or_zero_occ_residues.label_asym_id 
_pdbx_unobs_or_zero_occ_residues.label_comp_id 
_pdbx_unobs_or_zero_occ_residues.label_seq_id 
1  1 Y 1 A GLY -3 ? A GLY 1  
2  1 Y 1 A SER -2 ? A SER 2  
3  1 Y 1 A HIS -1 ? A HIS 3  
4  1 Y 1 A GLY 0  ? A GLY 4  
5  1 Y 1 A MET 1  ? A MET 5  
6  1 Y 1 A ALA 2  ? A ALA 6  
7  1 Y 1 A ASP 3  ? A ASP 7  
8  1 Y 1 A GLU 4  ? A GLU 8  
9  1 Y 1 A GLU 5  ? A GLU 9  
10 1 Y 1 A LYS 6  ? A LYS 10 
11 1 Y 1 A GLY 39 ? A GLY 43 
12 1 Y 1 A ASN 40 ? A ASN 44 
13 1 Y 1 A SER 41 ? A SER 45 
14 1 Y 1 A SER 42 ? A SER 46 
15 1 Y 1 A SER 43 ? A SER 47 
16 1 Y 1 A GLY 44 ? A GLY 48 
17 1 Y 1 A GLY 45 ? A GLY 49 
18 1 Y 1 A LYS 46 ? A LYS 50 
19 1 Y 1 A ASN 47 ? A ASN 51 
20 1 Y 1 A GLY 48 ? A GLY 52 
21 1 Y 1 A GLN 49 ? A GLN 53 
22 1 Y 1 A GLY 50 ? A GLY 54 
# 
loop_
_chem_comp_atom.comp_id 
_chem_comp_atom.atom_id 
_chem_comp_atom.type_symbol 
_chem_comp_atom.pdbx_aromatic_flag 
_chem_comp_atom.pdbx_stereo_config 
_chem_comp_atom.pdbx_ordinal 
ALA N    N N N 1   
ALA CA   C N S 2   
ALA C    C N N 3   
ALA O    O N N 4   
ALA CB   C N N 5   
ALA OXT  O N N 6   
ALA H    H N N 7   
ALA H2   H N N 8   
ALA HA   H N N 9   
ALA HB1  H N N 10  
ALA HB2  H N N 11  
ALA HB3  H N N 12  
ALA HXT  H N N 13  
ARG N    N N N 14  
ARG CA   C N S 15  
ARG C    C N N 16  
ARG O    O N N 17  
ARG CB   C N N 18  
ARG CG   C N N 19  
ARG CD   C N N 20  
ARG NE   N N N 21  
ARG CZ   C N N 22  
ARG NH1  N N N 23  
ARG NH2  N N N 24  
ARG OXT  O N N 25  
ARG H    H N N 26  
ARG H2   H N N 27  
ARG HA   H N N 28  
ARG HB2  H N N 29  
ARG HB3  H N N 30  
ARG HG2  H N N 31  
ARG HG3  H N N 32  
ARG HD2  H N N 33  
ARG HD3  H N N 34  
ARG HE   H N N 35  
ARG HH11 H N N 36  
ARG HH12 H N N 37  
ARG HH21 H N N 38  
ARG HH22 H N N 39  
ARG HXT  H N N 40  
ASN N    N N N 41  
ASN CA   C N S 42  
ASN C    C N N 43  
ASN O    O N N 44  
ASN CB   C N N 45  
ASN CG   C N N 46  
ASN OD1  O N N 47  
ASN ND2  N N N 48  
ASN OXT  O N N 49  
ASN H    H N N 50  
ASN H2   H N N 51  
ASN HA   H N N 52  
ASN HB2  H N N 53  
ASN HB3  H N N 54  
ASN HD21 H N N 55  
ASN HD22 H N N 56  
ASN HXT  H N N 57  
ASP N    N N N 58  
ASP CA   C N S 59  
ASP C    C N N 60  
ASP O    O N N 61  
ASP CB   C N N 62  
ASP CG   C N N 63  
ASP OD1  O N N 64  
ASP OD2  O N N 65  
ASP OXT  O N N 66  
ASP H    H N N 67  
ASP H2   H N N 68  
ASP HA   H N N 69  
ASP HB2  H N N 70  
ASP HB3  H N N 71  
ASP HD2  H N N 72  
ASP HXT  H N N 73  
CYS N    N N N 74  
CYS CA   C N R 75  
CYS C    C N N 76  
CYS O    O N N 77  
CYS CB   C N N 78  
CYS SG   S N N 79  
CYS OXT  O N N 80  
CYS H    H N N 81  
CYS H2   H N N 82  
CYS HA   H N N 83  
CYS HB2  H N N 84  
CYS HB3  H N N 85  
CYS HG   H N N 86  
CYS HXT  H N N 87  
GLN N    N N N 88  
GLN CA   C N S 89  
GLN C    C N N 90  
GLN O    O N N 91  
GLN CB   C N N 92  
GLN CG   C N N 93  
GLN CD   C N N 94  
GLN OE1  O N N 95  
GLN NE2  N N N 96  
GLN OXT  O N N 97  
GLN H    H N N 98  
GLN H2   H N N 99  
GLN HA   H N N 100 
GLN HB2  H N N 101 
GLN HB3  H N N 102 
GLN HG2  H N N 103 
GLN HG3  H N N 104 
GLN HE21 H N N 105 
GLN HE22 H N N 106 
GLN HXT  H N N 107 
GLU N    N N N 108 
GLU CA   C N S 109 
GLU C    C N N 110 
GLU O    O N N 111 
GLU CB   C N N 112 
GLU CG   C N N 113 
GLU CD   C N N 114 
GLU OE1  O N N 115 
GLU OE2  O N N 116 
GLU OXT  O N N 117 
GLU H    H N N 118 
GLU H2   H N N 119 
GLU HA   H N N 120 
GLU HB2  H N N 121 
GLU HB3  H N N 122 
GLU HG2  H N N 123 
GLU HG3  H N N 124 
GLU HE2  H N N 125 
GLU HXT  H N N 126 
GLY N    N N N 127 
GLY CA   C N N 128 
GLY C    C N N 129 
GLY O    O N N 130 
GLY OXT  O N N 131 
GLY H    H N N 132 
GLY H2   H N N 133 
GLY HA2  H N N 134 
GLY HA3  H N N 135 
GLY HXT  H N N 136 
HIS N    N N N 137 
HIS CA   C N S 138 
HIS C    C N N 139 
HIS O    O N N 140 
HIS CB   C N N 141 
HIS CG   C Y N 142 
HIS ND1  N Y N 143 
HIS CD2  C Y N 144 
HIS CE1  C Y N 145 
HIS NE2  N Y N 146 
HIS OXT  O N N 147 
HIS H    H N N 148 
HIS H2   H N N 149 
HIS HA   H N N 150 
HIS HB2  H N N 151 
HIS HB3  H N N 152 
HIS HD1  H N N 153 
HIS HD2  H N N 154 
HIS HE1  H N N 155 
HIS HE2  H N N 156 
HIS HXT  H N N 157 
HOH O    O N N 158 
HOH H1   H N N 159 
HOH H2   H N N 160 
ILE N    N N N 161 
ILE CA   C N S 162 
ILE C    C N N 163 
ILE O    O N N 164 
ILE CB   C N S 165 
ILE CG1  C N N 166 
ILE CG2  C N N 167 
ILE CD1  C N N 168 
ILE OXT  O N N 169 
ILE H    H N N 170 
ILE H2   H N N 171 
ILE HA   H N N 172 
ILE HB   H N N 173 
ILE HG12 H N N 174 
ILE HG13 H N N 175 
ILE HG21 H N N 176 
ILE HG22 H N N 177 
ILE HG23 H N N 178 
ILE HD11 H N N 179 
ILE HD12 H N N 180 
ILE HD13 H N N 181 
ILE HXT  H N N 182 
LEU N    N N N 183 
LEU CA   C N S 184 
LEU C    C N N 185 
LEU O    O N N 186 
LEU CB   C N N 187 
LEU CG   C N N 188 
LEU CD1  C N N 189 
LEU CD2  C N N 190 
LEU OXT  O N N 191 
LEU H    H N N 192 
LEU H2   H N N 193 
LEU HA   H N N 194 
LEU HB2  H N N 195 
LEU HB3  H N N 196 
LEU HG   H N N 197 
LEU HD11 H N N 198 
LEU HD12 H N N 199 
LEU HD13 H N N 200 
LEU HD21 H N N 201 
LEU HD22 H N N 202 
LEU HD23 H N N 203 
LEU HXT  H N N 204 
LYS N    N N N 205 
LYS CA   C N S 206 
LYS C    C N N 207 
LYS O    O N N 208 
LYS CB   C N N 209 
LYS CG   C N N 210 
LYS CD   C N N 211 
LYS CE   C N N 212 
LYS NZ   N N N 213 
LYS OXT  O N N 214 
LYS H    H N N 215 
LYS H2   H N N 216 
LYS HA   H N N 217 
LYS HB2  H N N 218 
LYS HB3  H N N 219 
LYS HG2  H N N 220 
LYS HG3  H N N 221 
LYS HD2  H N N 222 
LYS HD3  H N N 223 
LYS HE2  H N N 224 
LYS HE3  H N N 225 
LYS HZ1  H N N 226 
LYS HZ2  H N N 227 
LYS HZ3  H N N 228 
LYS HXT  H N N 229 
MET N    N N N 230 
MET CA   C N S 231 
MET C    C N N 232 
MET O    O N N 233 
MET CB   C N N 234 
MET CG   C N N 235 
MET SD   S N N 236 
MET CE   C N N 237 
MET OXT  O N N 238 
MET H    H N N 239 
MET H2   H N N 240 
MET HA   H N N 241 
MET HB2  H N N 242 
MET HB3  H N N 243 
MET HG2  H N N 244 
MET HG3  H N N 245 
MET HE1  H N N 246 
MET HE2  H N N 247 
MET HE3  H N N 248 
MET HXT  H N N 249 
ODK C12  C Y N 250 
ODK C14  C Y N 251 
ODK C13  C Y N 252 
ODK C11  C Y N 253 
ODK N8   N Y N 254 
ODK C7   C Y N 255 
ODK C4   C Y N 256 
ODK C2   C Y N 257 
ODK C1   C Y N 258 
ODK C6   C N N 259 
ODK O10  O N N 260 
ODK O9   O N N 261 
ODK N5   N Y N 262 
ODK N3   N Y N 263 
ODK H12  H N N 264 
ODK H14  H N N 265 
ODK H13  H N N 266 
ODK H11  H N N 267 
ODK H2   H N N 268 
ODK HO9  H N N 269 
ODK HN5  H N N 270 
PE4 O1   O N N 271 
PE4 C1   C N N 272 
PE4 C2   C N N 273 
PE4 O2   O N N 274 
PE4 C3   C N N 275 
PE4 C4   C N N 276 
PE4 O3   O N N 277 
PE4 C5   C N N 278 
PE4 C6   C N N 279 
PE4 O4   O N N 280 
PE4 C7   C N N 281 
PE4 C8   C N N 282 
PE4 O5   O N N 283 
PE4 C9   C N N 284 
PE4 C10  C N N 285 
PE4 O6   O N N 286 
PE4 C11  C N N 287 
PE4 C12  C N N 288 
PE4 O7   O N N 289 
PE4 C13  C N N 290 
PE4 C14  C N N 291 
PE4 O8   O N N 292 
PE4 C15  C N N 293 
PE4 C16  C N N 294 
PE4 HO1  H N N 295 
PE4 H11  H N N 296 
PE4 H12  H N N 297 
PE4 H21  H N N 298 
PE4 H22  H N N 299 
PE4 H31  H N N 300 
PE4 H32  H N N 301 
PE4 H41  H N N 302 
PE4 H42  H N N 303 
PE4 H51  H N N 304 
PE4 H52  H N N 305 
PE4 H61  H N N 306 
PE4 H62  H N N 307 
PE4 H71  H N N 308 
PE4 H72  H N N 309 
PE4 H81  H N N 310 
PE4 H82  H N N 311 
PE4 H91  H N N 312 
PE4 H92  H N N 313 
PE4 H101 H N N 314 
PE4 H102 H N N 315 
PE4 H111 H N N 316 
PE4 H112 H N N 317 
PE4 H121 H N N 318 
PE4 H122 H N N 319 
PE4 H131 H N N 320 
PE4 H132 H N N 321 
PE4 H141 H N N 322 
PE4 H142 H N N 323 
PE4 H151 H N N 324 
PE4 H152 H N N 325 
PE4 H161 H N N 326 
PE4 H162 H N N 327 
PE4 H163 H N N 328 
PHE N    N N N 329 
PHE CA   C N S 330 
PHE C    C N N 331 
PHE O    O N N 332 
PHE CB   C N N 333 
PHE CG   C Y N 334 
PHE CD1  C Y N 335 
PHE CD2  C Y N 336 
PHE CE1  C Y N 337 
PHE CE2  C Y N 338 
PHE CZ   C Y N 339 
PHE OXT  O N N 340 
PHE H    H N N 341 
PHE H2   H N N 342 
PHE HA   H N N 343 
PHE HB2  H N N 344 
PHE HB3  H N N 345 
PHE HD1  H N N 346 
PHE HD2  H N N 347 
PHE HE1  H N N 348 
PHE HE2  H N N 349 
PHE HZ   H N N 350 
PHE HXT  H N N 351 
PRO N    N N N 352 
PRO CA   C N S 353 
PRO C    C N N 354 
PRO O    O N N 355 
PRO CB   C N N 356 
PRO CG   C N N 357 
PRO CD   C N N 358 
PRO OXT  O N N 359 
PRO H    H N N 360 
PRO HA   H N N 361 
PRO HB2  H N N 362 
PRO HB3  H N N 363 
PRO HG2  H N N 364 
PRO HG3  H N N 365 
PRO HD2  H N N 366 
PRO HD3  H N N 367 
PRO HXT  H N N 368 
SER N    N N N 369 
SER CA   C N S 370 
SER C    C N N 371 
SER O    O N N 372 
SER CB   C N N 373 
SER OG   O N N 374 
SER OXT  O N N 375 
SER H    H N N 376 
SER H2   H N N 377 
SER HA   H N N 378 
SER HB2  H N N 379 
SER HB3  H N N 380 
SER HG   H N N 381 
SER HXT  H N N 382 
THR N    N N N 383 
THR CA   C N S 384 
THR C    C N N 385 
THR O    O N N 386 
THR CB   C N R 387 
THR OG1  O N N 388 
THR CG2  C N N 389 
THR OXT  O N N 390 
THR H    H N N 391 
THR H2   H N N 392 
THR HA   H N N 393 
THR HB   H N N 394 
THR HG1  H N N 395 
THR HG21 H N N 396 
THR HG22 H N N 397 
THR HG23 H N N 398 
THR HXT  H N N 399 
TRP N    N N N 400 
TRP CA   C N S 401 
TRP C    C N N 402 
TRP O    O N N 403 
TRP CB   C N N 404 
TRP CG   C Y N 405 
TRP CD1  C Y N 406 
TRP CD2  C Y N 407 
TRP NE1  N Y N 408 
TRP CE2  C Y N 409 
TRP CE3  C Y N 410 
TRP CZ2  C Y N 411 
TRP CZ3  C Y N 412 
TRP CH2  C Y N 413 
TRP OXT  O N N 414 
TRP H    H N N 415 
TRP H2   H N N 416 
TRP HA   H N N 417 
TRP HB2  H N N 418 
TRP HB3  H N N 419 
TRP HD1  H N N 420 
TRP HE1  H N N 421 
TRP HE3  H N N 422 
TRP HZ2  H N N 423 
TRP HZ3  H N N 424 
TRP HH2  H N N 425 
TRP HXT  H N N 426 
TYR N    N N N 427 
TYR CA   C N S 428 
TYR C    C N N 429 
TYR O    O N N 430 
TYR CB   C N N 431 
TYR CG   C Y N 432 
TYR CD1  C Y N 433 
TYR CD2  C Y N 434 
TYR CE1  C Y N 435 
TYR CE2  C Y N 436 
TYR CZ   C Y N 437 
TYR OH   O N N 438 
TYR OXT  O N N 439 
TYR H    H N N 440 
TYR H2   H N N 441 
TYR HA   H N N 442 
TYR HB2  H N N 443 
TYR HB3  H N N 444 
TYR HD1  H N N 445 
TYR HD2  H N N 446 
TYR HE1  H N N 447 
TYR HE2  H N N 448 
TYR HH   H N N 449 
TYR HXT  H N N 450 
VAL N    N N N 451 
VAL CA   C N S 452 
VAL C    C N N 453 
VAL O    O N N 454 
VAL CB   C N N 455 
VAL CG1  C N N 456 
VAL CG2  C N N 457 
VAL OXT  O N N 458 
VAL H    H N N 459 
VAL H2   H N N 460 
VAL HA   H N N 461 
VAL HB   H N N 462 
VAL HG11 H N N 463 
VAL HG12 H N N 464 
VAL HG13 H N N 465 
VAL HG21 H N N 466 
VAL HG22 H N N 467 
VAL HG23 H N N 468 
VAL HXT  H N N 469 
# 
loop_
_chem_comp_bond.comp_id 
_chem_comp_bond.atom_id_1 
_chem_comp_bond.atom_id_2 
_chem_comp_bond.value_order 
_chem_comp_bond.pdbx_aromatic_flag 
_chem_comp_bond.pdbx_stereo_config 
_chem_comp_bond.pdbx_ordinal 
ALA N   CA   sing N N 1   
ALA N   H    sing N N 2   
ALA N   H2   sing N N 3   
ALA CA  C    sing N N 4   
ALA CA  CB   sing N N 5   
ALA CA  HA   sing N N 6   
ALA C   O    doub N N 7   
ALA C   OXT  sing N N 8   
ALA CB  HB1  sing N N 9   
ALA CB  HB2  sing N N 10  
ALA CB  HB3  sing N N 11  
ALA OXT HXT  sing N N 12  
ARG N   CA   sing N N 13  
ARG N   H    sing N N 14  
ARG N   H2   sing N N 15  
ARG CA  C    sing N N 16  
ARG CA  CB   sing N N 17  
ARG CA  HA   sing N N 18  
ARG C   O    doub N N 19  
ARG C   OXT  sing N N 20  
ARG CB  CG   sing N N 21  
ARG CB  HB2  sing N N 22  
ARG CB  HB3  sing N N 23  
ARG CG  CD   sing N N 24  
ARG CG  HG2  sing N N 25  
ARG CG  HG3  sing N N 26  
ARG CD  NE   sing N N 27  
ARG CD  HD2  sing N N 28  
ARG CD  HD3  sing N N 29  
ARG NE  CZ   sing N N 30  
ARG NE  HE   sing N N 31  
ARG CZ  NH1  sing N N 32  
ARG CZ  NH2  doub N N 33  
ARG NH1 HH11 sing N N 34  
ARG NH1 HH12 sing N N 35  
ARG NH2 HH21 sing N N 36  
ARG NH2 HH22 sing N N 37  
ARG OXT HXT  sing N N 38  
ASN N   CA   sing N N 39  
ASN N   H    sing N N 40  
ASN N   H2   sing N N 41  
ASN CA  C    sing N N 42  
ASN CA  CB   sing N N 43  
ASN CA  HA   sing N N 44  
ASN C   O    doub N N 45  
ASN C   OXT  sing N N 46  
ASN CB  CG   sing N N 47  
ASN CB  HB2  sing N N 48  
ASN CB  HB3  sing N N 49  
ASN CG  OD1  doub N N 50  
ASN CG  ND2  sing N N 51  
ASN ND2 HD21 sing N N 52  
ASN ND2 HD22 sing N N 53  
ASN OXT HXT  sing N N 54  
ASP N   CA   sing N N 55  
ASP N   H    sing N N 56  
ASP N   H2   sing N N 57  
ASP CA  C    sing N N 58  
ASP CA  CB   sing N N 59  
ASP CA  HA   sing N N 60  
ASP C   O    doub N N 61  
ASP C   OXT  sing N N 62  
ASP CB  CG   sing N N 63  
ASP CB  HB2  sing N N 64  
ASP CB  HB3  sing N N 65  
ASP CG  OD1  doub N N 66  
ASP CG  OD2  sing N N 67  
ASP OD2 HD2  sing N N 68  
ASP OXT HXT  sing N N 69  
CYS N   CA   sing N N 70  
CYS N   H    sing N N 71  
CYS N   H2   sing N N 72  
CYS CA  C    sing N N 73  
CYS CA  CB   sing N N 74  
CYS CA  HA   sing N N 75  
CYS C   O    doub N N 76  
CYS C   OXT  sing N N 77  
CYS CB  SG   sing N N 78  
CYS CB  HB2  sing N N 79  
CYS CB  HB3  sing N N 80  
CYS SG  HG   sing N N 81  
CYS OXT HXT  sing N N 82  
GLN N   CA   sing N N 83  
GLN N   H    sing N N 84  
GLN N   H2   sing N N 85  
GLN CA  C    sing N N 86  
GLN CA  CB   sing N N 87  
GLN CA  HA   sing N N 88  
GLN C   O    doub N N 89  
GLN C   OXT  sing N N 90  
GLN CB  CG   sing N N 91  
GLN CB  HB2  sing N N 92  
GLN CB  HB3  sing N N 93  
GLN CG  CD   sing N N 94  
GLN CG  HG2  sing N N 95  
GLN CG  HG3  sing N N 96  
GLN CD  OE1  doub N N 97  
GLN CD  NE2  sing N N 98  
GLN NE2 HE21 sing N N 99  
GLN NE2 HE22 sing N N 100 
GLN OXT HXT  sing N N 101 
GLU N   CA   sing N N 102 
GLU N   H    sing N N 103 
GLU N   H2   sing N N 104 
GLU CA  C    sing N N 105 
GLU CA  CB   sing N N 106 
GLU CA  HA   sing N N 107 
GLU C   O    doub N N 108 
GLU C   OXT  sing N N 109 
GLU CB  CG   sing N N 110 
GLU CB  HB2  sing N N 111 
GLU CB  HB3  sing N N 112 
GLU CG  CD   sing N N 113 
GLU CG  HG2  sing N N 114 
GLU CG  HG3  sing N N 115 
GLU CD  OE1  doub N N 116 
GLU CD  OE2  sing N N 117 
GLU OE2 HE2  sing N N 118 
GLU OXT HXT  sing N N 119 
GLY N   CA   sing N N 120 
GLY N   H    sing N N 121 
GLY N   H2   sing N N 122 
GLY CA  C    sing N N 123 
GLY CA  HA2  sing N N 124 
GLY CA  HA3  sing N N 125 
GLY C   O    doub N N 126 
GLY C   OXT  sing N N 127 
GLY OXT HXT  sing N N 128 
HIS N   CA   sing N N 129 
HIS N   H    sing N N 130 
HIS N   H2   sing N N 131 
HIS CA  C    sing N N 132 
HIS CA  CB   sing N N 133 
HIS CA  HA   sing N N 134 
HIS C   O    doub N N 135 
HIS C   OXT  sing N N 136 
HIS CB  CG   sing N N 137 
HIS CB  HB2  sing N N 138 
HIS CB  HB3  sing N N 139 
HIS CG  ND1  sing Y N 140 
HIS CG  CD2  doub Y N 141 
HIS ND1 CE1  doub Y N 142 
HIS ND1 HD1  sing N N 143 
HIS CD2 NE2  sing Y N 144 
HIS CD2 HD2  sing N N 145 
HIS CE1 NE2  sing Y N 146 
HIS CE1 HE1  sing N N 147 
HIS NE2 HE2  sing N N 148 
HIS OXT HXT  sing N N 149 
HOH O   H1   sing N N 150 
HOH O   H2   sing N N 151 
ILE N   CA   sing N N 152 
ILE N   H    sing N N 153 
ILE N   H2   sing N N 154 
ILE CA  C    sing N N 155 
ILE CA  CB   sing N N 156 
ILE CA  HA   sing N N 157 
ILE C   O    doub N N 158 
ILE C   OXT  sing N N 159 
ILE CB  CG1  sing N N 160 
ILE CB  CG2  sing N N 161 
ILE CB  HB   sing N N 162 
ILE CG1 CD1  sing N N 163 
ILE CG1 HG12 sing N N 164 
ILE CG1 HG13 sing N N 165 
ILE CG2 HG21 sing N N 166 
ILE CG2 HG22 sing N N 167 
ILE CG2 HG23 sing N N 168 
ILE CD1 HD11 sing N N 169 
ILE CD1 HD12 sing N N 170 
ILE CD1 HD13 sing N N 171 
ILE OXT HXT  sing N N 172 
LEU N   CA   sing N N 173 
LEU N   H    sing N N 174 
LEU N   H2   sing N N 175 
LEU CA  C    sing N N 176 
LEU CA  CB   sing N N 177 
LEU CA  HA   sing N N 178 
LEU C   O    doub N N 179 
LEU C   OXT  sing N N 180 
LEU CB  CG   sing N N 181 
LEU CB  HB2  sing N N 182 
LEU CB  HB3  sing N N 183 
LEU CG  CD1  sing N N 184 
LEU CG  CD2  sing N N 185 
LEU CG  HG   sing N N 186 
LEU CD1 HD11 sing N N 187 
LEU CD1 HD12 sing N N 188 
LEU CD1 HD13 sing N N 189 
LEU CD2 HD21 sing N N 190 
LEU CD2 HD22 sing N N 191 
LEU CD2 HD23 sing N N 192 
LEU OXT HXT  sing N N 193 
LYS N   CA   sing N N 194 
LYS N   H    sing N N 195 
LYS N   H2   sing N N 196 
LYS CA  C    sing N N 197 
LYS CA  CB   sing N N 198 
LYS CA  HA   sing N N 199 
LYS C   O    doub N N 200 
LYS C   OXT  sing N N 201 
LYS CB  CG   sing N N 202 
LYS CB  HB2  sing N N 203 
LYS CB  HB3  sing N N 204 
LYS CG  CD   sing N N 205 
LYS CG  HG2  sing N N 206 
LYS CG  HG3  sing N N 207 
LYS CD  CE   sing N N 208 
LYS CD  HD2  sing N N 209 
LYS CD  HD3  sing N N 210 
LYS CE  NZ   sing N N 211 
LYS CE  HE2  sing N N 212 
LYS CE  HE3  sing N N 213 
LYS NZ  HZ1  sing N N 214 
LYS NZ  HZ2  sing N N 215 
LYS NZ  HZ3  sing N N 216 
LYS OXT HXT  sing N N 217 
MET N   CA   sing N N 218 
MET N   H    sing N N 219 
MET N   H2   sing N N 220 
MET CA  C    sing N N 221 
MET CA  CB   sing N N 222 
MET CA  HA   sing N N 223 
MET C   O    doub N N 224 
MET C   OXT  sing N N 225 
MET CB  CG   sing N N 226 
MET CB  HB2  sing N N 227 
MET CB  HB3  sing N N 228 
MET CG  SD   sing N N 229 
MET CG  HG2  sing N N 230 
MET CG  HG3  sing N N 231 
MET SD  CE   sing N N 232 
MET CE  HE1  sing N N 233 
MET CE  HE2  sing N N 234 
MET CE  HE3  sing N N 235 
MET OXT HXT  sing N N 236 
ODK C12 C7   doub Y N 237 
ODK C12 C14  sing Y N 238 
ODK C12 H12  sing N N 239 
ODK C14 C13  doub Y N 240 
ODK C14 H14  sing N N 241 
ODK C13 C11  sing Y N 242 
ODK C13 H13  sing N N 243 
ODK N8  C11  doub Y N 244 
ODK C11 H11  sing N N 245 
ODK C7  N8   sing Y N 246 
ODK C4  C7   sing Y N 247 
ODK N3  C4   doub Y N 248 
ODK C4  C2   sing Y N 249 
ODK C1  C2   doub Y N 250 
ODK C2  H2   sing N N 251 
ODK N5  C1   sing Y N 252 
ODK C6  C1   sing N N 253 
ODK O10 C6   doub N N 254 
ODK C6  O9   sing N N 255 
ODK O9  HO9  sing N N 256 
ODK N5  N3   sing Y N 257 
ODK N5  HN5  sing N N 258 
PE4 O1  C1   sing N N 259 
PE4 O1  HO1  sing N N 260 
PE4 C1  C2   sing N N 261 
PE4 C1  H11  sing N N 262 
PE4 C1  H12  sing N N 263 
PE4 C2  O2   sing N N 264 
PE4 C2  H21  sing N N 265 
PE4 C2  H22  sing N N 266 
PE4 O2  C3   sing N N 267 
PE4 C3  C4   sing N N 268 
PE4 C3  H31  sing N N 269 
PE4 C3  H32  sing N N 270 
PE4 C4  O3   sing N N 271 
PE4 C4  H41  sing N N 272 
PE4 C4  H42  sing N N 273 
PE4 O3  C5   sing N N 274 
PE4 C5  C6   sing N N 275 
PE4 C5  H51  sing N N 276 
PE4 C5  H52  sing N N 277 
PE4 C6  O4   sing N N 278 
PE4 C6  H61  sing N N 279 
PE4 C6  H62  sing N N 280 
PE4 O4  C7   sing N N 281 
PE4 C7  C8   sing N N 282 
PE4 C7  H71  sing N N 283 
PE4 C7  H72  sing N N 284 
PE4 C8  O5   sing N N 285 
PE4 C8  H81  sing N N 286 
PE4 C8  H82  sing N N 287 
PE4 O5  C9   sing N N 288 
PE4 C9  C10  sing N N 289 
PE4 C9  H91  sing N N 290 
PE4 C9  H92  sing N N 291 
PE4 C10 O6   sing N N 292 
PE4 C10 H101 sing N N 293 
PE4 C10 H102 sing N N 294 
PE4 O6  C11  sing N N 295 
PE4 C11 C12  sing N N 296 
PE4 C11 H111 sing N N 297 
PE4 C11 H112 sing N N 298 
PE4 C12 O7   sing N N 299 
PE4 C12 H121 sing N N 300 
PE4 C12 H122 sing N N 301 
PE4 O7  C13  sing N N 302 
PE4 C13 C14  sing N N 303 
PE4 C13 H131 sing N N 304 
PE4 C13 H132 sing N N 305 
PE4 C14 O8   sing N N 306 
PE4 C14 H141 sing N N 307 
PE4 C14 H142 sing N N 308 
PE4 O8  C15  sing N N 309 
PE4 C15 C16  sing N N 310 
PE4 C15 H151 sing N N 311 
PE4 C15 H152 sing N N 312 
PE4 C16 H161 sing N N 313 
PE4 C16 H162 sing N N 314 
PE4 C16 H163 sing N N 315 
PHE N   CA   sing N N 316 
PHE N   H    sing N N 317 
PHE N   H2   sing N N 318 
PHE CA  C    sing N N 319 
PHE CA  CB   sing N N 320 
PHE CA  HA   sing N N 321 
PHE C   O    doub N N 322 
PHE C   OXT  sing N N 323 
PHE CB  CG   sing N N 324 
PHE CB  HB2  sing N N 325 
PHE CB  HB3  sing N N 326 
PHE CG  CD1  doub Y N 327 
PHE CG  CD2  sing Y N 328 
PHE CD1 CE1  sing Y N 329 
PHE CD1 HD1  sing N N 330 
PHE CD2 CE2  doub Y N 331 
PHE CD2 HD2  sing N N 332 
PHE CE1 CZ   doub Y N 333 
PHE CE1 HE1  sing N N 334 
PHE CE2 CZ   sing Y N 335 
PHE CE2 HE2  sing N N 336 
PHE CZ  HZ   sing N N 337 
PHE OXT HXT  sing N N 338 
PRO N   CA   sing N N 339 
PRO N   CD   sing N N 340 
PRO N   H    sing N N 341 
PRO CA  C    sing N N 342 
PRO CA  CB   sing N N 343 
PRO CA  HA   sing N N 344 
PRO C   O    doub N N 345 
PRO C   OXT  sing N N 346 
PRO CB  CG   sing N N 347 
PRO CB  HB2  sing N N 348 
PRO CB  HB3  sing N N 349 
PRO CG  CD   sing N N 350 
PRO CG  HG2  sing N N 351 
PRO CG  HG3  sing N N 352 
PRO CD  HD2  sing N N 353 
PRO CD  HD3  sing N N 354 
PRO OXT HXT  sing N N 355 
SER N   CA   sing N N 356 
SER N   H    sing N N 357 
SER N   H2   sing N N 358 
SER CA  C    sing N N 359 
SER CA  CB   sing N N 360 
SER CA  HA   sing N N 361 
SER C   O    doub N N 362 
SER C   OXT  sing N N 363 
SER CB  OG   sing N N 364 
SER CB  HB2  sing N N 365 
SER CB  HB3  sing N N 366 
SER OG  HG   sing N N 367 
SER OXT HXT  sing N N 368 
THR N   CA   sing N N 369 
THR N   H    sing N N 370 
THR N   H2   sing N N 371 
THR CA  C    sing N N 372 
THR CA  CB   sing N N 373 
THR CA  HA   sing N N 374 
THR C   O    doub N N 375 
THR C   OXT  sing N N 376 
THR CB  OG1  sing N N 377 
THR CB  CG2  sing N N 378 
THR CB  HB   sing N N 379 
THR OG1 HG1  sing N N 380 
THR CG2 HG21 sing N N 381 
THR CG2 HG22 sing N N 382 
THR CG2 HG23 sing N N 383 
THR OXT HXT  sing N N 384 
TRP N   CA   sing N N 385 
TRP N   H    sing N N 386 
TRP N   H2   sing N N 387 
TRP CA  C    sing N N 388 
TRP CA  CB   sing N N 389 
TRP CA  HA   sing N N 390 
TRP C   O    doub N N 391 
TRP C   OXT  sing N N 392 
TRP CB  CG   sing N N 393 
TRP CB  HB2  sing N N 394 
TRP CB  HB3  sing N N 395 
TRP CG  CD1  doub Y N 396 
TRP CG  CD2  sing Y N 397 
TRP CD1 NE1  sing Y N 398 
TRP CD1 HD1  sing N N 399 
TRP CD2 CE2  doub Y N 400 
TRP CD2 CE3  sing Y N 401 
TRP NE1 CE2  sing Y N 402 
TRP NE1 HE1  sing N N 403 
TRP CE2 CZ2  sing Y N 404 
TRP CE3 CZ3  doub Y N 405 
TRP CE3 HE3  sing N N 406 
TRP CZ2 CH2  doub Y N 407 
TRP CZ2 HZ2  sing N N 408 
TRP CZ3 CH2  sing Y N 409 
TRP CZ3 HZ3  sing N N 410 
TRP CH2 HH2  sing N N 411 
TRP OXT HXT  sing N N 412 
TYR N   CA   sing N N 413 
TYR N   H    sing N N 414 
TYR N   H2   sing N N 415 
TYR CA  C    sing N N 416 
TYR CA  CB   sing N N 417 
TYR CA  HA   sing N N 418 
TYR C   O    doub N N 419 
TYR C   OXT  sing N N 420 
TYR CB  CG   sing N N 421 
TYR CB  HB2  sing N N 422 
TYR CB  HB3  sing N N 423 
TYR CG  CD1  doub Y N 424 
TYR CG  CD2  sing Y N 425 
TYR CD1 CE1  sing Y N 426 
TYR CD1 HD1  sing N N 427 
TYR CD2 CE2  doub Y N 428 
TYR CD2 HD2  sing N N 429 
TYR CE1 CZ   doub Y N 430 
TYR CE1 HE1  sing N N 431 
TYR CE2 CZ   sing Y N 432 
TYR CE2 HE2  sing N N 433 
TYR CZ  OH   sing N N 434 
TYR OH  HH   sing N N 435 
TYR OXT HXT  sing N N 436 
VAL N   CA   sing N N 437 
VAL N   H    sing N N 438 
VAL N   H2   sing N N 439 
VAL CA  C    sing N N 440 
VAL CA  CB   sing N N 441 
VAL CA  HA   sing N N 442 
VAL C   O    doub N N 443 
VAL C   OXT  sing N N 444 
VAL CB  CG1  sing N N 445 
VAL CB  CG2  sing N N 446 
VAL CB  HB   sing N N 447 
VAL CG1 HG11 sing N N 448 
VAL CG1 HG12 sing N N 449 
VAL CG1 HG13 sing N N 450 
VAL CG2 HG21 sing N N 451 
VAL CG2 HG22 sing N N 452 
VAL CG2 HG23 sing N N 453 
VAL OXT HXT  sing N N 454 
# 
_atom_sites.entry_id                    3ODK 
_atom_sites.fract_transf_matrix[1][1]   -0.01124553 
_atom_sites.fract_transf_matrix[1][2]   -0.00867052 
_atom_sites.fract_transf_matrix[1][3]   -0.00928878 
_atom_sites.fract_transf_matrix[2][1]   -0.00434158 
_atom_sites.fract_transf_matrix[2][2]   -0.01577889 
_atom_sites.fract_transf_matrix[2][3]   0.00448600 
_atom_sites.fract_transf_matrix[3][1]   -0.00934753 
_atom_sites.fract_transf_matrix[3][2]   0.00457519 
_atom_sites.fract_transf_matrix[3][3]   0.00704599 
_atom_sites.fract_transf_vector[1]      0.242381 
_atom_sites.fract_transf_vector[2]      -0.391508 
_atom_sites.fract_transf_vector[3]      0.182602 
# 
loop_
_atom_type.symbol 
C 
N 
O 
S 
# 
loop_
_atom_site.group_PDB 
_atom_site.id 
_atom_site.type_symbol 
_atom_site.label_atom_id 
_atom_site.label_alt_id 
_atom_site.label_comp_id 
_atom_site.label_asym_id 
_atom_site.label_entity_id 
_atom_site.label_seq_id 
_atom_site.pdbx_PDB_ins_code 
_atom_site.Cartn_x 
_atom_site.Cartn_y 
_atom_site.Cartn_z 
_atom_site.occupancy 
_atom_site.B_iso_or_equiv 
_atom_site.pdbx_formal_charge 
_atom_site.auth_seq_id 
_atom_site.auth_comp_id 
_atom_site.auth_asym_id 
_atom_site.auth_atom_id 
_atom_site.pdbx_PDB_model_num 
ATOM   1    N N   . LEU A 1 11  ? -1.307  22.292  -0.639  1.00 70.50 ? 7   LEU A N   1 
ATOM   2    C CA  . LEU A 1 11  ? -0.665  20.949  -0.583  1.00 70.27 ? 7   LEU A CA  1 
ATOM   3    C C   . LEU A 1 11  ? -1.239  19.999  -1.623  1.00 70.97 ? 7   LEU A C   1 
ATOM   4    O O   . LEU A 1 11  ? -2.467  19.985  -1.855  1.00 71.28 ? 7   LEU A O   1 
ATOM   5    C CB  . LEU A 1 11  ? -0.751  20.377  0.824   1.00 69.83 ? 7   LEU A CB  1 
ATOM   6    C CG  . LEU A 1 11  ? 0.418   20.920  1.643   1.00 69.21 ? 7   LEU A CG  1 
ATOM   7    C CD1 . LEU A 1 11  ? 0.231   20.785  3.154   1.00 68.86 ? 7   LEU A CD1 1 
ATOM   8    C CD2 . LEU A 1 11  ? 1.702   20.243  1.178   1.00 68.32 ? 7   LEU A CD2 1 
ATOM   9    N N   . PRO A 1 12  ? -0.358  19.195  -2.263  1.00 71.16 ? 8   PRO A N   1 
ATOM   10   C CA  . PRO A 1 12  ? -0.712  18.291  -3.389  1.00 71.09 ? 8   PRO A CA  1 
ATOM   11   C C   . PRO A 1 12  ? -1.987  17.469  -3.131  1.00 71.25 ? 8   PRO A C   1 
ATOM   12   O O   . PRO A 1 12  ? -2.515  17.525  -2.016  1.00 71.30 ? 8   PRO A O   1 
ATOM   13   C CB  . PRO A 1 12  ? 0.496   17.362  -3.484  1.00 70.85 ? 8   PRO A CB  1 
ATOM   14   C CG  . PRO A 1 12  ? 1.620   18.105  -2.863  1.00 70.53 ? 8   PRO A CG  1 
ATOM   15   C CD  . PRO A 1 12  ? 1.050   19.044  -1.850  1.00 70.75 ? 8   PRO A CD  1 
ATOM   16   N N   . PRO A 1 13  ? -2.483  16.702  -4.143  1.00 71.42 ? 9   PRO A N   1 
ATOM   17   C CA  . PRO A 1 13  ? -3.689  15.872  -3.928  1.00 71.06 ? 9   PRO A CA  1 
ATOM   18   C C   . PRO A 1 13  ? -3.757  15.197  -2.537  1.00 70.98 ? 9   PRO A C   1 
ATOM   19   O O   . PRO A 1 13  ? -2.914  14.335  -2.225  1.00 71.03 ? 9   PRO A O   1 
ATOM   20   C CB  . PRO A 1 13  ? -3.598  14.804  -5.031  1.00 70.88 ? 9   PRO A CB  1 
ATOM   21   C CG  . PRO A 1 13  ? -2.513  15.264  -5.981  1.00 71.34 ? 9   PRO A CG  1 
ATOM   22   C CD  . PRO A 1 13  ? -2.004  16.603  -5.538  1.00 71.39 ? 9   PRO A CD  1 
ATOM   23   N N   . GLY A 1 14  ? -4.724  15.625  -1.710  1.00 70.60 ? 10  GLY A N   1 
ATOM   24   C CA  . GLY A 1 14  ? -5.105  14.921  -0.470  1.00 69.62 ? 10  GLY A CA  1 
ATOM   25   C C   . GLY A 1 14  ? -4.093  14.953  0.657   1.00 69.00 ? 10  GLY A C   1 
ATOM   26   O O   . GLY A 1 14  ? -4.277  14.327  1.705   1.00 68.72 ? 10  GLY A O   1 
ATOM   27   N N   . TRP A 1 15  ? -3.004  15.672  0.435   1.00 68.85 ? 11  TRP A N   1 
ATOM   28   C CA  . TRP A 1 15  ? -2.040  15.916  1.494   1.00 68.26 ? 11  TRP A CA  1 
ATOM   29   C C   . TRP A 1 15  ? -2.635  16.966  2.405   1.00 69.35 ? 11  TRP A C   1 
ATOM   30   O O   . TRP A 1 15  ? -2.839  18.121  1.998   1.00 69.47 ? 11  TRP A O   1 
ATOM   31   C CB  . TRP A 1 15  ? -0.701  16.361  0.913   1.00 66.99 ? 11  TRP A CB  1 
ATOM   32   C CG  . TRP A 1 15  ? 0.163   15.202  0.558   1.00 63.13 ? 11  TRP A CG  1 
ATOM   33   C CD1 . TRP A 1 15  ? 0.497   14.769  -0.696  1.00 61.23 ? 11  TRP A CD1 1 
ATOM   34   C CD2 . TRP A 1 15  ? 0.793   14.296  1.477   1.00 59.53 ? 11  TRP A CD2 1 
ATOM   35   N NE1 . TRP A 1 15  ? 1.298   13.654  -0.608  1.00 59.54 ? 11  TRP A NE1 1 
ATOM   36   C CE2 . TRP A 1 15  ? 1.496   13.352  0.718   1.00 58.50 ? 11  TRP A CE2 1 
ATOM   37   C CE3 . TRP A 1 15  ? 0.830   14.194  2.874   1.00 55.60 ? 11  TRP A CE3 1 
ATOM   38   C CZ2 . TRP A 1 15  ? 2.225   12.323  1.315   1.00 56.38 ? 11  TRP A CZ2 1 
ATOM   39   C CZ3 . TRP A 1 15  ? 1.560   13.181  3.449   1.00 50.68 ? 11  TRP A CZ3 1 
ATOM   40   C CH2 . TRP A 1 15  ? 2.244   12.267  2.676   1.00 51.18 ? 11  TRP A CH2 1 
ATOM   41   N N   . GLU A 1 16  ? -2.973  16.553  3.619   1.00 70.17 ? 12  GLU A N   1 
ATOM   42   C CA  . GLU A 1 16  ? -3.510  17.487  4.586   1.00 71.61 ? 12  GLU A CA  1 
ATOM   43   C C   . GLU A 1 16  ? -2.511  17.505  5.709   1.00 72.57 ? 12  GLU A C   1 
ATOM   44   O O   . GLU A 1 16  ? -1.815  16.508  5.916   1.00 73.15 ? 12  GLU A O   1 
ATOM   45   C CB  . GLU A 1 16  ? -4.890  17.043  5.081   1.00 71.63 ? 12  GLU A CB  1 
ATOM   46   C CG  . GLU A 1 16  ? -5.929  16.757  3.953   1.00 72.64 ? 12  GLU A CG  1 
ATOM   47   C CD  . GLU A 1 16  ? -6.492  18.017  3.236   1.00 74.07 ? 12  GLU A CD  1 
ATOM   48   O OE1 . GLU A 1 16  ? -7.283  17.839  2.275   1.00 74.05 ? 12  GLU A OE1 1 
ATOM   49   O OE2 . GLU A 1 16  ? -6.159  19.173  3.617   1.00 74.61 ? 12  GLU A OE2 1 
ATOM   50   N N   . LYS A 1 17  ? -2.396  18.629  6.407   1.00 73.26 ? 13  LYS A N   1 
ATOM   51   C CA  . LYS A 1 17  ? -1.591  18.668  7.617   1.00 74.16 ? 13  LYS A CA  1 
ATOM   52   C C   . LYS A 1 17  ? -2.463  18.279  8.843   1.00 74.96 ? 13  LYS A C   1 
ATOM   53   O O   . LYS A 1 17  ? -3.705  18.253  8.741   1.00 74.97 ? 13  LYS A O   1 
ATOM   54   C CB  . LYS A 1 17  ? -0.930  20.040  7.762   1.00 74.23 ? 13  LYS A CB  1 
ATOM   55   C CG  . LYS A 1 17  ? 0.377   20.019  8.562   1.00 75.06 ? 13  LYS A CG  1 
ATOM   56   C CD  . LYS A 1 17  ? 0.926   21.427  8.880   1.00 75.18 ? 13  LYS A CD  1 
ATOM   57   C CE  . LYS A 1 17  ? 2.029   21.844  7.917   1.00 74.85 ? 13  LYS A CE  1 
ATOM   58   N NZ  . LYS A 1 17  ? 2.956   22.822  8.520   1.00 75.04 ? 13  LYS A NZ  1 
ATOM   59   N N   . ALA A 1 18  ? -1.822  17.948  9.972   1.00 75.64 ? 14  ALA A N   1 
ATOM   60   C CA  . ALA A 1 18  ? -2.520  17.526  11.199  1.00 76.88 ? 14  ALA A CA  1 
ATOM   61   C C   . ALA A 1 18  ? -1.621  17.547  12.447  1.00 78.21 ? 14  ALA A C   1 
ATOM   62   O O   . ALA A 1 18  ? -0.484  18.021  12.396  1.00 78.38 ? 14  ALA A O   1 
ATOM   63   C CB  . ALA A 1 18  ? -3.127  16.146  11.019  1.00 76.54 ? 14  ALA A CB  1 
ATOM   64   N N   . MET A 1 19  ? -2.131  17.013  13.562  1.00 79.85 ? 15  MET A N   1 
ATOM   65   C CA  . MET A 1 19  ? -1.419  17.044  14.855  1.00 80.94 ? 15  MET A CA  1 
ATOM   66   C C   . MET A 1 19  ? -1.102  15.655  15.449  1.00 81.26 ? 15  MET A C   1 
ATOM   67   O O   . MET A 1 19  ? -2.019  14.858  15.728  1.00 80.79 ? 15  MET A O   1 
ATOM   68   C CB  . MET A 1 19  ? -2.217  17.864  15.879  1.00 81.36 ? 15  MET A CB  1 
ATOM   69   C CG  . MET A 1 19  ? -1.356  18.621  16.907  1.00 82.58 ? 15  MET A CG  1 
ATOM   70   S SD  . MET A 1 19  ? -0.639  20.137  16.223  1.00 85.59 ? 15  MET A SD  1 
ATOM   71   C CE  . MET A 1 19  ? -2.070  20.999  15.529  1.00 84.32 ? 15  MET A CE  1 
ATOM   72   N N   . SER A 1 20  ? 0.196   15.392  15.655  1.00 81.65 ? 16  SER A N   1 
ATOM   73   C CA  . SER A 1 20  ? 0.652   14.138  16.256  1.00 82.27 ? 16  SER A CA  1 
ATOM   74   C C   . SER A 1 20  ? 0.180   14.018  17.698  1.00 82.73 ? 16  SER A C   1 
ATOM   75   O O   . SER A 1 20  ? 0.479   14.883  18.521  1.00 83.04 ? 16  SER A O   1 
ATOM   76   C CB  . SER A 1 20  ? 2.174   14.021  16.212  1.00 82.08 ? 16  SER A CB  1 
ATOM   77   O OG  . SER A 1 20  ? 2.632   13.081  17.182  1.00 82.20 ? 16  SER A OG  1 
ATOM   78   N N   . ARG A 1 21  ? -0.536  12.938  18.003  1.00 83.08 ? 17  ARG A N   1 
ATOM   79   C CA  . ARG A 1 21  ? -1.118  12.753  19.346  1.00 83.33 ? 17  ARG A CA  1 
ATOM   80   C C   . ARG A 1 21  ? -0.170  12.110  20.361  1.00 82.88 ? 17  ARG A C   1 
ATOM   81   O O   . ARG A 1 21  ? -0.601  11.634  21.418  1.00 82.92 ? 17  ARG A O   1 
ATOM   82   C CB  . ARG A 1 21  ? -2.462  11.999  19.281  1.00 83.68 ? 17  ARG A CB  1 
ATOM   83   C CG  . ARG A 1 21  ? -2.415  10.566  18.719  1.00 85.17 ? 17  ARG A CG  1 
ATOM   84   C CD  . ARG A 1 21  ? -3.811  9.955   18.741  1.00 86.45 ? 17  ARG A CD  1 
ATOM   85   N NE  . ARG A 1 21  ? -4.801  10.989  18.450  1.00 87.30 ? 17  ARG A NE  1 
ATOM   86   C CZ  . ARG A 1 21  ? -6.060  10.983  18.878  1.00 87.66 ? 17  ARG A CZ  1 
ATOM   87   N NH1 . ARG A 1 21  ? -6.522  9.987   19.627  1.00 87.72 ? 17  ARG A NH1 1 
ATOM   88   N NH2 . ARG A 1 21  ? -6.861  11.986  18.551  1.00 87.55 ? 17  ARG A NH2 1 
ATOM   89   N N   . SER A 1 22  ? 1.115   12.095  20.028  1.00 82.75 ? 18  SER A N   1 
ATOM   90   C CA  . SER A 1 22  ? 2.148   11.626  20.942  1.00 82.58 ? 18  SER A CA  1 
ATOM   91   C C   . SER A 1 22  ? 3.033   12.808  21.354  1.00 82.61 ? 18  SER A C   1 
ATOM   92   O O   . SER A 1 22  ? 3.309   13.007  22.553  1.00 82.49 ? 18  SER A O   1 
ATOM   93   C CB  . SER A 1 22  ? 2.974   10.505  20.296  1.00 82.60 ? 18  SER A CB  1 
ATOM   94   O OG  . SER A 1 22  ? 2.251   9.286   20.237  1.00 81.39 ? 18  SER A OG  1 
ATOM   95   N N   . SER A 1 23  ? 3.432   13.600  20.352  1.00 82.50 ? 19  SER A N   1 
ATOM   96   C CA  . SER A 1 23  ? 4.361   14.728  20.531  1.00 82.19 ? 19  SER A CA  1 
ATOM   97   C C   . SER A 1 23  ? 3.737   16.125  20.345  1.00 81.91 ? 19  SER A C   1 
ATOM   98   O O   . SER A 1 23  ? 4.339   17.130  20.762  1.00 82.39 ? 19  SER A O   1 
ATOM   99   C CB  . SER A 1 23  ? 5.596   14.572  19.621  1.00 82.23 ? 19  SER A CB  1 
ATOM   100  O OG  . SER A 1 23  ? 5.265   14.641  18.244  1.00 82.20 ? 19  SER A OG  1 
ATOM   101  N N   . GLY A 1 24  ? 2.550   16.199  19.729  1.00 81.03 ? 20  GLY A N   1 
ATOM   102  C CA  . GLY A 1 24  ? 1.909   17.490  19.431  1.00 79.98 ? 20  GLY A CA  1 
ATOM   103  C C   . GLY A 1 24  ? 2.713   18.289  18.410  1.00 79.49 ? 20  GLY A C   1 
ATOM   104  O O   . GLY A 1 24  ? 2.537   19.512  18.254  1.00 79.82 ? 20  GLY A O   1 
ATOM   105  N N   . ARG A 1 25  ? 3.617   17.585  17.728  1.00 78.30 ? 21  ARG A N   1 
ATOM   106  C CA  . ARG A 1 25  ? 4.465   18.169  16.691  1.00 76.97 ? 21  ARG A CA  1 
ATOM   107  C C   . ARG A 1 25  ? 3.878   17.799  15.326  1.00 75.98 ? 21  ARG A C   1 
ATOM   108  O O   . ARG A 1 25  ? 3.320   16.708  15.160  1.00 75.75 ? 21  ARG A O   1 
ATOM   109  C CB  . ARG A 1 25  ? 5.906   17.660  16.826  1.00 76.57 ? 21  ARG A CB  1 
ATOM   110  C CG  . ARG A 1 25  ? 6.920   18.349  15.938  1.00 75.66 ? 21  ARG A CG  1 
ATOM   111  C CD  . ARG A 1 25  ? 7.803   17.325  15.267  1.00 74.68 ? 21  ARG A CD  1 
ATOM   112  N NE  . ARG A 1 25  ? 7.852   16.070  16.022  1.00 74.82 ? 21  ARG A NE  1 
ATOM   113  C CZ  . ARG A 1 25  ? 8.332   14.917  15.554  1.00 74.93 ? 21  ARG A CZ  1 
ATOM   114  N NH1 . ARG A 1 25  ? 8.822   14.839  14.311  1.00 73.61 ? 21  ARG A NH1 1 
ATOM   115  N NH2 . ARG A 1 25  ? 8.325   13.838  16.334  1.00 74.36 ? 21  ARG A NH2 1 
ATOM   116  N N   . VAL A 1 26  ? 4.022   18.716  14.367  1.00 74.57 ? 22  VAL A N   1 
ATOM   117  C CA  . VAL A 1 26  ? 3.451   18.599  13.016  1.00 73.21 ? 22  VAL A CA  1 
ATOM   118  C C   . VAL A 1 26  ? 3.761   17.307  12.239  1.00 72.08 ? 22  VAL A C   1 
ATOM   119  O O   . VAL A 1 26  ? 4.875   16.765  12.304  1.00 72.11 ? 22  VAL A O   1 
ATOM   120  C CB  . VAL A 1 26  ? 3.868   19.807  12.139  1.00 73.70 ? 22  VAL A CB  1 
ATOM   121  C CG1 . VAL A 1 26  ? 2.666   20.753  11.894  1.00 72.80 ? 22  VAL A CG1 1 
ATOM   122  C CG2 . VAL A 1 26  ? 5.128   20.532  12.756  1.00 74.26 ? 22  VAL A CG2 1 
ATOM   123  N N   . TYR A 1 27  ? 2.753   16.822  11.518  1.00 70.13 ? 23  TYR A N   1 
ATOM   124  C CA  . TYR A 1 27  ? 2.934   15.751  10.544  1.00 68.54 ? 23  TYR A CA  1 
ATOM   125  C C   . TYR A 1 27  ? 1.822   15.815  9.495   1.00 67.24 ? 23  TYR A C   1 
ATOM   126  O O   . TYR A 1 27  ? 0.830   16.519  9.679   1.00 67.19 ? 23  TYR A O   1 
ATOM   127  C CB  . TYR A 1 27  ? 2.961   14.389  11.223  1.00 68.27 ? 23  TYR A CB  1 
ATOM   128  C CG  . TYR A 1 27  ? 1.597   13.822  11.437  1.00 68.52 ? 23  TYR A CG  1 
ATOM   129  C CD1 . TYR A 1 27  ? 1.040   12.962  10.502  1.00 69.74 ? 23  TYR A CD1 1 
ATOM   130  C CD2 . TYR A 1 27  ? 0.857   14.141  12.564  1.00 67.59 ? 23  TYR A CD2 1 
ATOM   131  C CE1 . TYR A 1 27  ? -0.218  12.432  10.678  1.00 70.60 ? 23  TYR A CE1 1 
ATOM   132  C CE2 . TYR A 1 27  ? -0.402  13.616  12.752  1.00 68.48 ? 23  TYR A CE2 1 
ATOM   133  C CZ  . TYR A 1 27  ? -0.940  12.750  11.808  1.00 70.42 ? 23  TYR A CZ  1 
ATOM   134  O OH  . TYR A 1 27  ? -2.203  12.192  11.967  1.00 70.80 ? 23  TYR A OH  1 
ATOM   135  N N   . TYR A 1 28  ? 2.013   15.089  8.394   1.00 65.62 ? 24  TYR A N   1 
ATOM   136  C CA  . TYR A 1 28  ? 1.077   15.066  7.268   1.00 63.83 ? 24  TYR A CA  1 
ATOM   137  C C   . TYR A 1 28  ? 0.634   13.612  7.028   1.00 62.77 ? 24  TYR A C   1 
ATOM   138  O O   . TYR A 1 28  ? 1.422   12.656  7.187   1.00 62.63 ? 24  TYR A O   1 
ATOM   139  C CB  . TYR A 1 28  ? 1.756   15.632  6.022   1.00 64.09 ? 24  TYR A CB  1 
ATOM   140  C CG  . TYR A 1 28  ? 2.576   16.880  6.272   1.00 65.32 ? 24  TYR A CG  1 
ATOM   141  C CD1 . TYR A 1 28  ? 3.682   16.848  7.132   1.00 66.51 ? 24  TYR A CD1 1 
ATOM   142  C CD2 . TYR A 1 28  ? 2.254   18.094  5.652   1.00 67.15 ? 24  TYR A CD2 1 
ATOM   143  C CE1 . TYR A 1 28  ? 4.441   17.985  7.388   1.00 68.30 ? 24  TYR A CE1 1 
ATOM   144  C CE2 . TYR A 1 28  ? 3.023   19.251  5.885   1.00 69.45 ? 24  TYR A CE2 1 
ATOM   145  C CZ  . TYR A 1 28  ? 4.121   19.178  6.765   1.00 70.20 ? 24  TYR A CZ  1 
ATOM   146  O OH  . TYR A 1 28  ? 4.899   20.287  7.032   1.00 71.76 ? 24  TYR A OH  1 
ATOM   147  N N   . PHE A 1 29  ? -0.644  13.441  6.700   1.00 60.44 ? 25  PHE A N   1 
ATOM   148  C CA  . PHE A 1 29  ? -1.179  12.147  6.315   1.00 58.35 ? 25  PHE A CA  1 
ATOM   149  C C   . PHE A 1 29  ? -1.800  12.410  4.995   1.00 56.54 ? 25  PHE A C   1 
ATOM   150  O O   . PHE A 1 29  ? -2.212  13.531  4.706   1.00 56.85 ? 25  PHE A O   1 
ATOM   151  C CB  . PHE A 1 29  ? -2.246  11.630  7.309   1.00 58.64 ? 25  PHE A CB  1 
ATOM   152  C CG  . PHE A 1 29  ? -3.458  12.532  7.438   1.00 58.96 ? 25  PHE A CG  1 
ATOM   153  C CD1 . PHE A 1 29  ? -4.711  12.105  6.989   1.00 59.98 ? 25  PHE A CD1 1 
ATOM   154  C CD2 . PHE A 1 29  ? -3.344  13.818  8.008   1.00 58.98 ? 25  PHE A CD2 1 
ATOM   155  C CE1 . PHE A 1 29  ? -5.841  12.958  7.100   1.00 60.88 ? 25  PHE A CE1 1 
ATOM   156  C CE2 . PHE A 1 29  ? -4.455  14.686  8.121   1.00 59.68 ? 25  PHE A CE2 1 
ATOM   157  C CZ  . PHE A 1 29  ? -5.708  14.259  7.665   1.00 61.08 ? 25  PHE A CZ  1 
ATOM   158  N N   . ASN A 1 30  ? -1.875  11.391  4.171   1.00 54.68 ? 26  ASN A N   1 
ATOM   159  C CA  . ASN A 1 30  ? -2.610  11.553  2.945   1.00 52.77 ? 26  ASN A CA  1 
ATOM   160  C C   . ASN A 1 30  ? -3.880  10.694  2.996   1.00 52.49 ? 26  ASN A C   1 
ATOM   161  O O   . ASN A 1 30  ? -3.811  9.476   3.144   1.00 52.90 ? 26  ASN A O   1 
ATOM   162  C CB  . ASN A 1 30  ? -1.713  11.253  1.771   1.00 51.68 ? 26  ASN A CB  1 
ATOM   163  C CG  . ASN A 1 30  ? -2.385  11.511  0.477   1.00 52.60 ? 26  ASN A CG  1 
ATOM   164  O OD1 . ASN A 1 30  ? -3.430  10.905  0.187   1.00 52.96 ? 26  ASN A OD1 1 
ATOM   165  N ND2 . ASN A 1 30  ? -1.817  12.422  -0.327  1.00 47.11 ? 26  ASN A ND2 1 
ATOM   166  N N   . HIS A 1 31  ? -5.049  11.327  2.924   1.00 52.07 ? 27  HIS A N   1 
ATOM   167  C CA  . HIS A 1 31  ? -6.305  10.590  3.017   1.00 51.13 ? 27  HIS A CA  1 
ATOM   168  C C   . HIS A 1 31  ? -6.635  9.823   1.732   1.00 50.50 ? 27  HIS A C   1 
ATOM   169  O O   . HIS A 1 31  ? -7.642  9.114   1.679   1.00 50.70 ? 27  HIS A O   1 
ATOM   170  C CB  . HIS A 1 31  ? -7.452  11.520  3.415   1.00 51.69 ? 27  HIS A CB  1 
ATOM   171  C CG  . HIS A 1 31  ? -7.809  12.539  2.365   1.00 53.69 ? 27  HIS A CG  1 
ATOM   172  N ND1 . HIS A 1 31  ? -8.549  12.228  1.237   1.00 54.33 ? 27  HIS A ND1 1 
ATOM   173  C CD2 . HIS A 1 31  ? -7.542  13.867  2.284   1.00 53.69 ? 27  HIS A CD2 1 
ATOM   174  C CE1 . HIS A 1 31  ? -8.692  13.313  0.493   1.00 54.32 ? 27  HIS A CE1 1 
ATOM   175  N NE2 . HIS A 1 31  ? -8.089  14.322  1.106   1.00 54.65 ? 27  HIS A NE2 1 
ATOM   176  N N   . ILE A 1 32  ? -5.808  9.955   0.698   1.00 49.34 ? 28  ILE A N   1 
ATOM   177  C CA  . ILE A 1 32  ? -6.017  9.163   -0.525  1.00 48.55 ? 28  ILE A CA  1 
ATOM   178  C C   . ILE A 1 32  ? -5.100  7.933   -0.604  1.00 47.61 ? 28  ILE A C   1 
ATOM   179  O O   . ILE A 1 32  ? -5.425  6.967   -1.316  1.00 47.55 ? 28  ILE A O   1 
ATOM   180  C CB  . ILE A 1 32  ? -5.828  9.994   -1.828  1.00 48.68 ? 28  ILE A CB  1 
ATOM   181  C CG1 . ILE A 1 32  ? -6.846  11.147  -1.928  1.00 48.97 ? 28  ILE A CG1 1 
ATOM   182  C CG2 . ILE A 1 32  ? -5.965  9.115   -3.064  1.00 49.09 ? 28  ILE A CG2 1 
ATOM   183  C CD1 . ILE A 1 32  ? -6.860  11.866  -3.331  1.00 45.09 ? 28  ILE A CD1 1 
ATOM   184  N N   . THR A 1 33  ? -3.948  7.984   0.074   1.00 45.55 ? 29  THR A N   1 
ATOM   185  C CA  . THR A 1 33  ? -3.001  6.871   0.042   1.00 43.53 ? 29  THR A CA  1 
ATOM   186  C C   . THR A 1 33  ? -2.689  6.403   1.441   1.00 43.50 ? 29  THR A C   1 
ATOM   187  O O   . THR A 1 33  ? -1.933  5.459   1.620   1.00 43.50 ? 29  THR A O   1 
ATOM   188  C CB  . THR A 1 33  ? -1.668  7.277   -0.504  1.00 42.77 ? 29  THR A CB  1 
ATOM   189  O OG1 . THR A 1 33  ? -1.017  8.050   0.477   1.00 40.09 ? 29  THR A OG1 1 
ATOM   190  C CG2 . THR A 1 33  ? -1.801  8.118   -1.684  1.00 43.20 ? 29  THR A CG2 1 
ATOM   191  N N   . ASN A 1 34  ? -3.222  7.106   2.437   1.00 42.78 ? 30  ASN A N   1 
ATOM   192  C CA  . ASN A 1 34  ? -3.019  6.749   3.819   1.00 42.33 ? 30  ASN A CA  1 
ATOM   193  C C   . ASN A 1 34  ? -1.577  6.739   4.216   1.00 43.36 ? 30  ASN A C   1 
ATOM   194  O O   . ASN A 1 34  ? -1.198  6.114   5.193   1.00 43.41 ? 30  ASN A O   1 
ATOM   195  C CB  . ASN A 1 34  ? -3.663  5.421   4.109   1.00 41.14 ? 30  ASN A CB  1 
ATOM   196  C CG  . ASN A 1 34  ? -5.136  5.530   4.124   1.00 38.21 ? 30  ASN A CG  1 
ATOM   197  O OD1 . ASN A 1 34  ? -5.835  4.608   3.788   1.00 29.09 ? 30  ASN A OD1 1 
ATOM   198  N ND2 . ASN A 1 34  ? -5.628  6.709   4.488   1.00 37.83 ? 30  ASN A ND2 1 
ATOM   199  N N   . ALA A 1 35  ? -0.782  7.458   3.447   1.00 44.35 ? 31  ALA A N   1 
ATOM   200  C CA  . ALA A 1 35  ? 0.588   7.634   3.779   1.00 45.85 ? 31  ALA A CA  1 
ATOM   201  C C   . ALA A 1 35  ? 0.544   8.599   4.941   1.00 47.17 ? 31  ALA A C   1 
ATOM   202  O O   . ALA A 1 35  ? -0.361  9.431   5.007   1.00 47.57 ? 31  ALA A O   1 
ATOM   203  C CB  . ALA A 1 35  ? 1.348   8.214   2.598   1.00 45.08 ? 31  ALA A CB  1 
ATOM   204  N N   . SER A 1 36  ? 1.470   8.441   5.883   1.00 49.36 ? 32  SER A N   1 
ATOM   205  C CA  . SER A 1 36  ? 1.785   9.485   6.887   1.00 51.17 ? 32  SER A CA  1 
ATOM   206  C C   . SER A 1 36  ? 3.297   9.698   7.071   1.00 52.48 ? 32  SER A C   1 
ATOM   207  O O   . SER A 1 36  ? 4.028   8.751   7.327   1.00 52.90 ? 32  SER A O   1 
ATOM   208  C CB  . SER A 1 36  ? 1.132   9.188   8.223   1.00 50.44 ? 32  SER A CB  1 
ATOM   209  O OG  . SER A 1 36  ? 1.459   7.889   8.624   1.00 50.73 ? 32  SER A OG  1 
ATOM   210  N N   . GLN A 1 37  ? 3.737   10.954  6.944   1.00 54.00 ? 33  GLN A N   1 
ATOM   211  C CA  . GLN A 1 37  ? 5.129   11.339  7.058   1.00 55.32 ? 33  GLN A CA  1 
ATOM   212  C C   . GLN A 1 37  ? 5.268   12.656  7.868   1.00 56.81 ? 33  GLN A C   1 
ATOM   213  O O   . GLN A 1 37  ? 4.325   13.450  7.918   1.00 57.61 ? 33  GLN A O   1 
ATOM   214  C CB  . GLN A 1 37  ? 5.721   11.495  5.646   1.00 55.24 ? 33  GLN A CB  1 
ATOM   215  C CG  . GLN A 1 37  ? 5.128   12.645  4.807   1.00 54.64 ? 33  GLN A CG  1 
ATOM   216  C CD  . GLN A 1 37  ? 5.889   12.919  3.495   1.00 55.07 ? 33  GLN A CD  1 
ATOM   217  O OE1 . GLN A 1 37  ? 6.212   12.008  2.738   1.00 55.15 ? 33  GLN A OE1 1 
ATOM   218  N NE2 . GLN A 1 37  ? 6.155   14.184  3.227   1.00 54.01 ? 33  GLN A NE2 1 
ATOM   219  N N   . TRP A 1 38  ? 6.434   12.892  8.474   1.00 57.68 ? 34  TRP A N   1 
ATOM   220  C CA  . TRP A 1 38  ? 6.723   14.147  9.195   1.00 59.22 ? 34  TRP A CA  1 
ATOM   221  C C   . TRP A 1 38  ? 7.038   15.379  8.336   1.00 60.13 ? 34  TRP A C   1 
ATOM   222  O O   . TRP A 1 38  ? 6.483   16.461  8.564   1.00 59.66 ? 34  TRP A O   1 
ATOM   223  C CB  . TRP A 1 38  ? 7.897   13.945  10.140  1.00 59.05 ? 34  TRP A CB  1 
ATOM   224  C CG  . TRP A 1 38  ? 7.652   12.944  11.206  1.00 59.81 ? 34  TRP A CG  1 
ATOM   225  C CD1 . TRP A 1 38  ? 8.186   11.682  11.294  1.00 61.34 ? 34  TRP A CD1 1 
ATOM   226  C CD2 . TRP A 1 38  ? 6.818   13.114  12.354  1.00 59.56 ? 34  TRP A CD2 1 
ATOM   227  N NE1 . TRP A 1 38  ? 7.738   11.058  12.444  1.00 62.10 ? 34  TRP A NE1 1 
ATOM   228  C CE2 . TRP A 1 38  ? 6.895   11.915  13.110  1.00 61.00 ? 34  TRP A CE2 1 
ATOM   229  C CE3 . TRP A 1 38  ? 6.026   14.168  12.829  1.00 58.78 ? 34  TRP A CE3 1 
ATOM   230  C CZ2 . TRP A 1 38  ? 6.203   11.745  14.314  1.00 59.76 ? 34  TRP A CZ2 1 
ATOM   231  C CZ3 . TRP A 1 38  ? 5.348   14.009  14.021  1.00 58.44 ? 34  TRP A CZ3 1 
ATOM   232  C CH2 . TRP A 1 38  ? 5.427   12.795  14.746  1.00 60.05 ? 34  TRP A CH2 1 
ATOM   233  N N   . GLU A 1 39  ? 7.960   15.226  7.387   1.00 61.51 ? 35  GLU A N   1 
ATOM   234  C CA  . GLU A 1 39  ? 8.418   16.343  6.549   1.00 63.68 ? 35  GLU A CA  1 
ATOM   235  C C   . GLU A 1 39  ? 7.325   16.741  5.587   1.00 65.10 ? 35  GLU A C   1 
ATOM   236  O O   . GLU A 1 39  ? 6.540   15.885  5.182   1.00 65.56 ? 35  GLU A O   1 
ATOM   237  C CB  . GLU A 1 39  ? 9.676   15.954  5.767   1.00 63.53 ? 35  GLU A CB  1 
ATOM   238  C CG  . GLU A 1 39  ? 10.547  14.913  6.456   1.00 64.61 ? 35  GLU A CG  1 
ATOM   239  C CD  . GLU A 1 39  ? 9.811   13.585  6.591   1.00 66.62 ? 35  GLU A CD  1 
ATOM   240  O OE1 . GLU A 1 39  ? 8.899   13.375  5.770   1.00 67.77 ? 35  GLU A OE1 1 
ATOM   241  O OE2 . GLU A 1 39  ? 10.120  12.770  7.497   1.00 66.44 ? 35  GLU A OE2 1 
ATOM   242  N N   . ARG A 1 40  ? 7.242   18.028  5.227   1.00 67.20 ? 36  ARG A N   1 
ATOM   243  C CA  . ARG A 1 40  ? 6.220   18.468  4.264   1.00 69.05 ? 36  ARG A CA  1 
ATOM   244  C C   . ARG A 1 40  ? 6.389   17.740  2.906   1.00 69.94 ? 36  ARG A C   1 
ATOM   245  O O   . ARG A 1 40  ? 7.499   17.606  2.402   1.00 70.22 ? 36  ARG A O   1 
ATOM   246  C CB  . ARG A 1 40  ? 6.184   20.006  4.134   1.00 69.52 ? 36  ARG A CB  1 
ATOM   247  C CG  . ARG A 1 40  ? 5.326   20.578  2.963   1.00 72.05 ? 36  ARG A CG  1 
ATOM   248  C CD  . ARG A 1 40  ? 5.115   22.120  3.050   1.00 76.68 ? 36  ARG A CD  1 
ATOM   249  N NE  . ARG A 1 40  ? 3.848   22.477  3.716   1.00 79.93 ? 36  ARG A NE  1 
ATOM   250  C CZ  . ARG A 1 40  ? 3.575   23.645  4.314   1.00 80.80 ? 36  ARG A CZ  1 
ATOM   251  N NH1 . ARG A 1 40  ? 4.486   24.625  4.369   1.00 79.50 ? 36  ARG A NH1 1 
ATOM   252  N NH2 . ARG A 1 40  ? 2.377   23.825  4.876   1.00 79.92 ? 36  ARG A NH2 1 
ATOM   253  N N   . PRO A 1 41  ? 5.285   17.222  2.339   1.00 70.99 ? 37  PRO A N   1 
ATOM   254  C CA  . PRO A 1 41  ? 5.219   16.620  1.001   1.00 71.79 ? 37  PRO A CA  1 
ATOM   255  C C   . PRO A 1 41  ? 5.991   17.399  -0.058  1.00 72.51 ? 37  PRO A C   1 
ATOM   256  O O   . PRO A 1 41  ? 6.152   18.616  0.085   1.00 73.33 ? 37  PRO A O   1 
ATOM   257  C CB  . PRO A 1 41  ? 3.716   16.677  0.662   1.00 71.64 ? 37  PRO A CB  1 
ATOM   258  C CG  . PRO A 1 41  ? 3.036   17.290  1.866   1.00 71.64 ? 37  PRO A CG  1 
ATOM   259  C CD  . PRO A 1 41  ? 3.978   17.154  3.007   1.00 71.00 ? 37  PRO A CD  1 
ATOM   260  N N   . SER A 1 42  ? 6.440   16.698  -1.106  1.00 73.04 ? 38  SER A N   1 
ATOM   261  C CA  . SER A 1 42  ? 7.151   17.281  -2.259  1.00 73.48 ? 38  SER A CA  1 
ATOM   262  C C   . SER A 1 42  ? 7.423   18.791  -2.152  1.00 73.90 ? 38  SER A C   1 
ATOM   263  O O   . SER A 1 42  ? 7.325   19.536  -3.137  1.00 74.23 ? 38  SER A O   1 
ATOM   264  C CB  . SER A 1 42  ? 6.386   16.986  -3.553  1.00 73.58 ? 38  SER A CB  1 
ATOM   265  O OG  . SER A 1 42  ? 5.292   17.873  -3.713  1.00 73.50 ? 38  SER A OG  1 
ATOM   266  N N   . GLU A 1 55  ? -0.514  16.006  -13.879 1.00 66.50 ? 51  GLU A N   1 
ATOM   267  C CA  . GLU A 1 55  ? -0.695  14.588  -13.530 1.00 66.28 ? 51  GLU A CA  1 
ATOM   268  C C   . GLU A 1 55  ? -0.344  13.622  -14.697 1.00 65.63 ? 51  GLU A C   1 
ATOM   269  O O   . GLU A 1 55  ? -0.854  13.821  -15.835 1.00 65.32 ? 51  GLU A O   1 
ATOM   270  C CB  . GLU A 1 55  ? -2.120  14.283  -12.993 1.00 66.42 ? 51  GLU A CB  1 
ATOM   271  C CG  . GLU A 1 55  ? -2.254  12.791  -12.548 1.00 68.02 ? 51  GLU A CG  1 
ATOM   272  C CD  . GLU A 1 55  ? -3.675  12.247  -12.418 1.00 68.80 ? 51  GLU A CD  1 
ATOM   273  O OE1 . GLU A 1 55  ? -4.124  11.548  -13.362 1.00 70.25 ? 51  GLU A OE1 1 
ATOM   274  O OE2 . GLU A 1 55  ? -4.325  12.473  -11.360 1.00 69.59 ? 51  GLU A OE2 1 
ATOM   275  N N   . PRO A 1 56  ? 0.523   12.585  -14.411 1.00 64.39 ? 52  PRO A N   1 
ATOM   276  C CA  . PRO A 1 56  ? 0.836   11.420  -15.279 1.00 63.52 ? 52  PRO A CA  1 
ATOM   277  C C   . PRO A 1 56  ? -0.408  10.746  -15.874 1.00 62.44 ? 52  PRO A C   1 
ATOM   278  O O   . PRO A 1 56  ? -1.469  10.768  -15.256 1.00 62.98 ? 52  PRO A O   1 
ATOM   279  C CB  . PRO A 1 56  ? 1.568   10.453  -14.328 1.00 63.26 ? 52  PRO A CB  1 
ATOM   280  C CG  . PRO A 1 56  ? 1.487   11.080  -12.958 1.00 63.41 ? 52  PRO A CG  1 
ATOM   281  C CD  . PRO A 1 56  ? 1.373   12.544  -13.209 1.00 63.97 ? 52  PRO A CD  1 
ATOM   282  N N   . ALA A 1 57  ? -0.282  10.196  -17.077 1.00 60.82 ? 53  ALA A N   1 
ATOM   283  C CA  . ALA A 1 57  ? -1.398  9.537   -17.739 1.00 59.51 ? 53  ALA A CA  1 
ATOM   284  C C   . ALA A 1 57  ? -1.373  8.105   -17.283 1.00 58.52 ? 53  ALA A C   1 
ATOM   285  O O   . ALA A 1 57  ? -2.429  7.478   -17.054 1.00 58.38 ? 53  ALA A O   1 
ATOM   286  C CB  . ALA A 1 57  ? -1.245  9.600   -19.237 1.00 59.57 ? 53  ALA A CB  1 
ATOM   287  N N   . ARG A 1 58  ? -0.145  7.612   -17.146 1.00 56.80 ? 54  ARG A N   1 
ATOM   288  C CA  . ARG A 1 58  ? 0.127   6.281   -16.643 1.00 55.58 ? 54  ARG A CA  1 
ATOM   289  C C   . ARG A 1 58  ? 1.064   6.333   -15.434 1.00 53.72 ? 54  ARG A C   1 
ATOM   290  O O   . ARG A 1 58  ? 1.849   7.270   -15.297 1.00 54.19 ? 54  ARG A O   1 
ATOM   291  C CB  . ARG A 1 58  ? 0.806   5.445   -17.712 1.00 56.15 ? 54  ARG A CB  1 
ATOM   292  C CG  . ARG A 1 58  ? 0.585   5.869   -19.143 1.00 57.63 ? 54  ARG A CG  1 
ATOM   293  C CD  . ARG A 1 58  ? 1.153   4.779   -20.023 1.00 60.47 ? 54  ARG A CD  1 
ATOM   294  N NE  . ARG A 1 58  ? 0.669   3.461   -19.593 1.00 60.54 ? 54  ARG A NE  1 
ATOM   295  C CZ  . ARG A 1 58  ? -0.553  3.000   -19.843 1.00 61.41 ? 54  ARG A CZ  1 
ATOM   296  N NH1 . ARG A 1 58  ? -1.428  3.756   -20.510 1.00 64.12 ? 54  ARG A NH1 1 
ATOM   297  N NH2 . ARG A 1 58  ? -0.907  1.790   -19.434 1.00 60.81 ? 54  ARG A NH2 1 
ATOM   298  N N   . VAL A 1 59  ? 0.979   5.329   -14.561 1.00 51.33 ? 55  VAL A N   1 
ATOM   299  C CA  . VAL A 1 59  ? 1.937   5.162   -13.461 1.00 48.95 ? 55  VAL A CA  1 
ATOM   300  C C   . VAL A 1 59  ? 2.297   3.695   -13.368 1.00 47.49 ? 55  VAL A C   1 
ATOM   301  O O   . VAL A 1 59  ? 1.499   2.868   -13.787 1.00 47.28 ? 55  VAL A O   1 
ATOM   302  C CB  . VAL A 1 59  ? 1.398   5.669   -12.089 1.00 48.96 ? 55  VAL A CB  1 
ATOM   303  C CG1 . VAL A 1 59  ? 1.209   7.203   -12.095 1.00 48.26 ? 55  VAL A CG1 1 
ATOM   304  C CG2 . VAL A 1 59  ? 0.127   4.918   -11.634 1.00 48.00 ? 55  VAL A CG2 1 
ATOM   305  N N   . ARG A 1 60  ? 3.483   3.382   -12.843 1.00 45.88 ? 56  ARG A N   1 
ATOM   306  C CA  . ARG A 1 60  ? 3.908   1.989   -12.631 1.00 44.85 ? 56  ARG A CA  1 
ATOM   307  C C   . ARG A 1 60  ? 4.079   1.691   -11.164 1.00 43.11 ? 56  ARG A C   1 
ATOM   308  O O   . ARG A 1 60  ? 4.786   2.400   -10.499 1.00 42.77 ? 56  ARG A O   1 
ATOM   309  C CB  . ARG A 1 60  ? 5.230   1.685   -13.332 1.00 45.27 ? 56  ARG A CB  1 
ATOM   310  C CG  . ARG A 1 60  ? 5.617   0.198   -13.297 1.00 46.35 ? 56  ARG A CG  1 
ATOM   311  C CD  . ARG A 1 60  ? 6.968   0.026   -13.963 1.00 48.07 ? 56  ARG A CD  1 
ATOM   312  N NE  . ARG A 1 60  ? 7.385   -1.365  -14.103 1.00 51.53 ? 56  ARG A NE  1 
ATOM   313  C CZ  . ARG A 1 60  ? 8.648   -1.740  -14.325 1.00 55.08 ? 56  ARG A CZ  1 
ATOM   314  N NH1 . ARG A 1 60  ? 9.611   -0.832  -14.430 1.00 53.48 ? 56  ARG A NH1 1 
ATOM   315  N NH2 . ARG A 1 60  ? 8.960   -3.021  -14.440 1.00 55.03 ? 56  ARG A NH2 1 
ATOM   316  N N   . CYS A 1 61  ? 3.462   0.606   -10.698 1.00 41.64 ? 57  CYS A N   1 
ATOM   317  C CA  . CYS A 1 61  ? 3.388   0.279   -9.278  1.00 40.20 ? 57  CYS A CA  1 
ATOM   318  C C   . CYS A 1 61  ? 3.680   -1.168  -8.957  1.00 39.61 ? 57  CYS A C   1 
ATOM   319  O O   . CYS A 1 61  ? 3.448   -2.060  -9.774  1.00 38.47 ? 57  CYS A O   1 
ATOM   320  C CB  . CYS A 1 61  ? 2.010   0.638   -8.707  1.00 40.35 ? 57  CYS A CB  1 
ATOM   321  S SG  . CYS A 1 61  ? 1.759   2.436   -8.533  1.00 39.28 ? 57  CYS A SG  1 
ATOM   322  N N   . SER A 1 62  ? 4.215   -1.379  -7.749  1.00 38.80 ? 58  SER A N   1 
ATOM   323  C CA  . SER A 1 62  ? 4.375   -2.697  -7.158  1.00 37.64 ? 58  SER A CA  1 
ATOM   324  C C   . SER A 1 62  ? 3.544   -2.656  -5.915  1.00 37.86 ? 58  SER A C   1 
ATOM   325  O O   . SER A 1 62  ? 3.264   -1.557  -5.424  1.00 37.22 ? 58  SER A O   1 
ATOM   326  C CB  . SER A 1 62  ? 5.828   -2.953  -6.815  1.00 37.77 ? 58  SER A CB  1 
ATOM   327  O OG  . SER A 1 62  ? 6.597   -2.980  -8.018  1.00 37.05 ? 58  SER A OG  1 
ATOM   328  N N   . HIS A 1 63  ? 3.120   -3.826  -5.414  1.00 37.05 ? 59  HIS A N   1 
ATOM   329  C CA  . HIS A 1 63  ? 2.303   -3.853  -4.198  1.00 36.87 ? 59  HIS A CA  1 
ATOM   330  C C   . HIS A 1 63  ? 2.490   -5.106  -3.413  1.00 37.09 ? 59  HIS A C   1 
ATOM   331  O O   . HIS A 1 63  ? 2.973   -6.107  -3.929  1.00 37.92 ? 59  HIS A O   1 
ATOM   332  C CB  . HIS A 1 63  ? 0.793   -3.599  -4.472  1.00 36.85 ? 59  HIS A CB  1 
ATOM   333  C CG  . HIS A 1 63  ? 0.039   -4.789  -4.982  1.00 35.73 ? 59  HIS A CG  1 
ATOM   334  N ND1 . HIS A 1 63  ? -1.272  -5.032  -4.642  1.00 37.61 ? 59  HIS A ND1 1 
ATOM   335  C CD2 . HIS A 1 63  ? 0.388   -5.781  -5.838  1.00 36.03 ? 59  HIS A CD2 1 
ATOM   336  C CE1 . HIS A 1 63  ? -1.688  -6.144  -5.233  1.00 34.10 ? 59  HIS A CE1 1 
ATOM   337  N NE2 . HIS A 1 63  ? -0.695  -6.626  -5.954  1.00 31.64 ? 59  HIS A NE2 1 
ATOM   338  N N   . LEU A 1 64  ? 2.090   -5.059  -2.154  1.00 36.76 ? 60  LEU A N   1 
ATOM   339  C CA  . LEU A 1 64  ? 2.174   -6.216  -1.302  1.00 36.76 ? 60  LEU A CA  1 
ATOM   340  C C   . LEU A 1 64  ? 0.749   -6.279  -0.810  1.00 36.70 ? 60  LEU A C   1 
ATOM   341  O O   . LEU A 1 64  ? 0.265   -5.333  -0.202  1.00 37.82 ? 60  LEU A O   1 
ATOM   342  C CB  . LEU A 1 64  ? 3.156   -5.966  -0.129  1.00 35.97 ? 60  LEU A CB  1 
ATOM   343  C CG  . LEU A 1 64  ? 3.492   -7.225  0.704   1.00 37.76 ? 60  LEU A CG  1 
ATOM   344  C CD1 . LEU A 1 64  ? 4.639   -7.006  1.689   1.00 38.70 ? 60  LEU A CD1 1 
ATOM   345  C CD2 . LEU A 1 64  ? 2.290   -7.904  1.440   1.00 33.71 ? 60  LEU A CD2 1 
ATOM   346  N N   . LEU A 1 65  ? 0.085   -7.384  -1.073  1.00 37.09 ? 61  LEU A N   1 
ATOM   347  C CA  . LEU A 1 65  ? -1.320  -7.594  -0.745  1.00 37.61 ? 61  LEU A CA  1 
ATOM   348  C C   . LEU A 1 65  ? -1.430  -8.633  0.408   1.00 38.82 ? 61  LEU A C   1 
ATOM   349  O O   . LEU A 1 65  ? -0.742  -9.666  0.397   1.00 39.08 ? 61  LEU A O   1 
ATOM   350  C CB  . LEU A 1 65  ? -2.030  -8.105  -1.990  1.00 35.56 ? 61  LEU A CB  1 
ATOM   351  C CG  . LEU A 1 65  ? -3.486  -8.442  -1.783  1.00 37.75 ? 61  LEU A CG  1 
ATOM   352  C CD1 . LEU A 1 65  ? -4.275  -7.191  -1.502  1.00 36.95 ? 61  LEU A CD1 1 
ATOM   353  C CD2 . LEU A 1 65  ? -4.087  -9.167  -2.994  1.00 34.59 ? 61  LEU A CD2 1 
ATOM   354  N N   . VAL A 1 66  ? -2.270  -8.352  1.402   1.00 39.31 ? 62  VAL A N   1 
ATOM   355  C CA  . VAL A 1 66  ? -2.534  -9.303  2.475   1.00 39.58 ? 62  VAL A CA  1 
ATOM   356  C C   . VAL A 1 66  ? -4.037  -9.537  2.531   1.00 41.26 ? 62  VAL A C   1 
ATOM   357  O O   . VAL A 1 66  ? -4.770  -8.699  3.036   1.00 40.12 ? 62  VAL A O   1 
ATOM   358  C CB  . VAL A 1 66  ? -1.995  -8.755  3.810   1.00 39.38 ? 62  VAL A CB  1 
ATOM   359  C CG1 . VAL A 1 66  ? -2.235  -9.701  4.971   1.00 39.14 ? 62  VAL A CG1 1 
ATOM   360  C CG2 . VAL A 1 66  ? -0.535  -8.558  3.695   1.00 38.55 ? 62  VAL A CG2 1 
ATOM   361  N N   . LYS A 1 67  ? -4.495  -10.669 1.981   1.00 43.44 ? 63  LYS A N   1 
ATOM   362  C CA  . LYS A 1 67  ? -5.926  -10.965 1.893   1.00 45.99 ? 63  LYS A CA  1 
ATOM   363  C C   . LYS A 1 67  ? -6.533  -11.336 3.246   1.00 48.58 ? 63  LYS A C   1 
ATOM   364  O O   . LYS A 1 67  ? -5.790  -11.623 4.214   1.00 49.58 ? 63  LYS A O   1 
ATOM   365  C CB  . LYS A 1 67  ? -6.203  -12.110 0.918   1.00 45.96 ? 63  LYS A CB  1 
ATOM   366  C CG  . LYS A 1 67  ? -5.687  -11.919 -0.478  1.00 44.05 ? 63  LYS A CG  1 
ATOM   367  C CD  . LYS A 1 67  ? -6.415  -12.858 -1.429  1.00 44.38 ? 63  LYS A CD  1 
ATOM   368  C CE  . LYS A 1 67  ? -6.072  -12.570 -2.876  1.00 40.44 ? 63  LYS A CE  1 
ATOM   369  N NZ  . LYS A 1 67  ? -6.705  -13.526 -3.784  1.00 42.38 ? 63  LYS A NZ  1 
ATOM   370  N N   . HIS A 1 68  ? -7.871  -11.350 3.314   1.00 49.97 ? 64  HIS A N   1 
ATOM   371  C CA  . HIS A 1 68  ? -8.580  -11.727 4.536   1.00 50.99 ? 64  HIS A CA  1 
ATOM   372  C C   . HIS A 1 68  ? -9.854  -12.458 4.175   1.00 52.08 ? 64  HIS A C   1 
ATOM   373  O O   . HIS A 1 68  ? -10.173 -12.597 2.985   1.00 52.30 ? 64  HIS A O   1 
ATOM   374  C CB  . HIS A 1 68  ? -8.909  -10.506 5.398   1.00 51.23 ? 64  HIS A CB  1 
ATOM   375  C CG  . HIS A 1 68  ? -9.572  -9.399  4.645   1.00 51.73 ? 64  HIS A CG  1 
ATOM   376  N ND1 . HIS A 1 68  ? -10.516 -9.624  3.671   1.00 53.28 ? 64  HIS A ND1 1 
ATOM   377  C CD2 . HIS A 1 68  ? -9.417  -8.059  4.713   1.00 53.02 ? 64  HIS A CD2 1 
ATOM   378  C CE1 . HIS A 1 68  ? -10.923 -8.472  3.173   1.00 51.76 ? 64  HIS A CE1 1 
ATOM   379  N NE2 . HIS A 1 68  ? -10.270 -7.505  3.788   1.00 53.18 ? 64  HIS A NE2 1 
ATOM   380  N N   . SER A 1 69  ? -10.574 -12.906 5.209   1.00 52.89 ? 65  SER A N   1 
ATOM   381  C CA  . SER A 1 69  ? -11.748 -13.768 5.077   1.00 53.58 ? 65  SER A CA  1 
ATOM   382  C C   . SER A 1 69  ? -12.776 -13.122 4.180   1.00 54.41 ? 65  SER A C   1 
ATOM   383  O O   . SER A 1 69  ? -13.341 -13.779 3.299   1.00 53.83 ? 65  SER A O   1 
ATOM   384  C CB  . SER A 1 69  ? -12.361 -14.051 6.447   1.00 53.55 ? 65  SER A CB  1 
ATOM   385  O OG  . SER A 1 69  ? -12.882 -12.873 7.040   1.00 54.09 ? 65  SER A OG  1 
ATOM   386  N N   . GLN A 1 70  ? -12.981 -11.820 4.392   1.00 55.47 ? 66  GLN A N   1 
ATOM   387  C CA  . GLN A 1 70  ? -13.896 -11.024 3.576   1.00 56.41 ? 66  GLN A CA  1 
ATOM   388  C C   . GLN A 1 70  ? -13.336 -10.644 2.170   1.00 56.20 ? 66  GLN A C   1 
ATOM   389  O O   . GLN A 1 70  ? -14.023 -9.959  1.385   1.00 55.71 ? 66  GLN A O   1 
ATOM   390  C CB  . GLN A 1 70  ? -14.361 -9.790  4.369   1.00 57.00 ? 66  GLN A CB  1 
ATOM   391  C CG  . GLN A 1 70  ? -15.304 -10.089 5.582   1.00 61.17 ? 66  GLN A CG  1 
ATOM   392  C CD  . GLN A 1 70  ? -15.866 -8.800  6.284   1.00 66.72 ? 66  GLN A CD  1 
ATOM   393  O OE1 . GLN A 1 70  ? -17.087 -8.515  6.237   1.00 67.56 ? 66  GLN A OE1 1 
ATOM   394  N NE2 . GLN A 1 70  ? -14.970 -8.028  6.930   1.00 66.32 ? 66  GLN A NE2 1 
ATOM   395  N N   . SER A 1 71  ? -12.121 -11.112 1.844   1.00 56.60 ? 67  SER A N   1 
ATOM   396  C CA  . SER A 1 71  ? -11.478 -10.813 0.545   1.00 57.31 ? 67  SER A CA  1 
ATOM   397  C C   . SER A 1 71  ? -12.250 -11.459 -0.542  1.00 57.62 ? 67  SER A C   1 
ATOM   398  O O   . SER A 1 71  ? -12.938 -12.442 -0.283  1.00 58.07 ? 67  SER A O   1 
ATOM   399  C CB  . SER A 1 71  ? -10.053 -11.352 0.463   1.00 57.09 ? 67  SER A CB  1 
ATOM   400  O OG  . SER A 1 71  ? -9.161  -10.584 1.235   1.00 58.03 ? 67  SER A OG  1 
ATOM   401  N N   . ARG A 1 72  ? -12.109 -10.932 -1.753  1.00 58.24 ? 68  ARG A N   1 
ATOM   402  C CA  . ARG A 1 72  ? -12.846 -11.411 -2.924  1.00 59.63 ? 68  ARG A CA  1 
ATOM   403  C C   . ARG A 1 72  ? -12.676 -12.896 -3.108  1.00 60.13 ? 68  ARG A C   1 
ATOM   404  O O   . ARG A 1 72  ? -13.635 -13.648 -3.032  1.00 60.37 ? 68  ARG A O   1 
ATOM   405  C CB  . ARG A 1 72  ? -12.352 -10.717 -4.191  1.00 59.48 ? 68  ARG A CB  1 
ATOM   406  C CG  . ARG A 1 72  ? -13.334 -10.710 -5.326  1.00 61.86 ? 68  ARG A CG  1 
ATOM   407  C CD  . ARG A 1 72  ? -12.677 -10.023 -6.485  1.00 67.03 ? 68  ARG A CD  1 
ATOM   408  N NE  . ARG A 1 72  ? -13.582 -9.532  -7.529  1.00 71.38 ? 68  ARG A NE  1 
ATOM   409  C CZ  . ARG A 1 72  ? -13.847 -8.238  -7.744  1.00 73.27 ? 68  ARG A CZ  1 
ATOM   410  N NH1 . ARG A 1 72  ? -13.312 -7.302  -6.956  1.00 73.05 ? 68  ARG A NH1 1 
ATOM   411  N NH2 . ARG A 1 72  ? -14.651 -7.871  -8.748  1.00 72.13 ? 68  ARG A NH2 1 
ATOM   412  N N   . ARG A 1 73  ? -11.444 -13.302 -3.386  1.00 60.83 ? 69  ARG A N   1 
ATOM   413  C CA  . ARG A 1 73  ? -11.101 -14.697 -3.537  1.00 61.10 ? 69  ARG A CA  1 
ATOM   414  C C   . ARG A 1 73  ? -10.138 -14.953 -2.394  1.00 60.71 ? 69  ARG A C   1 
ATOM   415  O O   . ARG A 1 73  ? -8.946  -14.713 -2.566  1.00 61.18 ? 69  ARG A O   1 
ATOM   416  C CB  . ARG A 1 73  ? -10.418 -14.938 -4.895  1.00 60.89 ? 69  ARG A CB  1 
ATOM   417  C CG  . ARG A 1 73  ? -11.045 -14.121 -6.019  1.00 63.84 ? 69  ARG A CG  1 
ATOM   418  C CD  . ARG A 1 73  ? -10.279 -14.168 -7.353  1.00 68.20 ? 69  ARG A CD  1 
ATOM   419  N NE  . ARG A 1 73  ? -10.741 -13.106 -8.269  1.00 71.82 ? 69  ARG A NE  1 
ATOM   420  C CZ  . ARG A 1 73  ? -11.545 -13.271 -9.330  1.00 71.80 ? 69  ARG A CZ  1 
ATOM   421  N NH1 . ARG A 1 73  ? -11.995 -14.468 -9.659  1.00 71.85 ? 69  ARG A NH1 1 
ATOM   422  N NH2 . ARG A 1 73  ? -11.897 -12.226 -10.075 1.00 71.09 ? 69  ARG A NH2 1 
ATOM   423  N N   . PRO A 1 74  ? -10.644 -15.419 -1.216  1.00 60.46 ? 70  PRO A N   1 
ATOM   424  C CA  . PRO A 1 74  ? -9.793  -15.715 -0.043  1.00 60.15 ? 70  PRO A CA  1 
ATOM   425  C C   . PRO A 1 74  ? -8.799  -16.862 -0.300  1.00 60.22 ? 70  PRO A C   1 
ATOM   426  O O   . PRO A 1 74  ? -8.741  -17.825 0.465   1.00 60.72 ? 70  PRO A O   1 
ATOM   427  C CB  . PRO A 1 74  ? -10.804 -16.106 1.044   1.00 60.29 ? 70  PRO A CB  1 
ATOM   428  C CG  . PRO A 1 74  ? -12.126 -15.645 0.541   1.00 60.47 ? 70  PRO A CG  1 
ATOM   429  C CD  . PRO A 1 74  ? -12.055 -15.745 -0.944  1.00 60.04 ? 70  PRO A CD  1 
ATOM   430  N N   . SER A 1 75  ? -8.008  -16.725 -1.361  1.00 59.58 ? 71  SER A N   1 
ATOM   431  C CA  . SER A 1 75  ? -7.135  -17.764 -1.851  1.00 59.35 ? 71  SER A CA  1 
ATOM   432  C C   . SER A 1 75  ? -5.898  -17.145 -2.464  1.00 59.35 ? 71  SER A C   1 
ATOM   433  O O   . SER A 1 75  ? -5.973  -16.064 -3.051  1.00 59.65 ? 71  SER A O   1 
ATOM   434  C CB  . SER A 1 75  ? -7.840  -18.580 -2.923  1.00 59.36 ? 71  SER A CB  1 
ATOM   435  O OG  . SER A 1 75  ? -6.994  -19.650 -3.308  1.00 60.17 ? 71  SER A OG  1 
ATOM   436  N N   . SER A 1 76  ? -4.761  -17.827 -2.337  1.00 59.09 ? 72  SER A N   1 
ATOM   437  C CA  . SER A 1 76  ? -3.504  -17.312 -2.854  1.00 58.96 ? 72  SER A CA  1 
ATOM   438  C C   . SER A 1 76  ? -2.436  -18.365 -2.903  1.00 58.63 ? 72  SER A C   1 
ATOM   439  O O   . SER A 1 76  ? -2.427  -19.277 -2.069  1.00 58.70 ? 72  SER A O   1 
ATOM   440  C CB  . SER A 1 76  ? -3.002  -16.116 -2.009  1.00 59.33 ? 72  SER A CB  1 
ATOM   441  O OG  . SER A 1 76  ? -2.432  -16.491 -0.764  1.00 59.37 ? 72  SER A OG  1 
ATOM   442  N N   . TRP A 1 77  ? -1.506  -18.201 -3.841  1.00 58.18 ? 73  TRP A N   1 
ATOM   443  C CA  . TRP A 1 77  ? -0.325  -19.054 -3.923  1.00 58.62 ? 73  TRP A CA  1 
ATOM   444  C C   . TRP A 1 77  ? 0.278   -19.443 -2.551  1.00 58.92 ? 73  TRP A C   1 
ATOM   445  O O   . TRP A 1 77  ? 1.049   -20.395 -2.471  1.00 59.56 ? 73  TRP A O   1 
ATOM   446  C CB  . TRP A 1 77  ? 0.752   -18.453 -4.858  1.00 58.61 ? 73  TRP A CB  1 
ATOM   447  C CG  . TRP A 1 77  ? 1.425   -17.194 -4.322  1.00 59.03 ? 73  TRP A CG  1 
ATOM   448  C CD1 . TRP A 1 77  ? 1.062   -15.901 -4.577  1.00 60.44 ? 73  TRP A CD1 1 
ATOM   449  C CD2 . TRP A 1 77  ? 2.567   -17.119 -3.442  1.00 58.60 ? 73  TRP A CD2 1 
ATOM   450  N NE1 . TRP A 1 77  ? 1.890   -15.026 -3.894  1.00 61.04 ? 73  TRP A NE1 1 
ATOM   451  C CE2 . TRP A 1 77  ? 2.825   -15.748 -3.200  1.00 58.86 ? 73  TRP A CE2 1 
ATOM   452  C CE3 . TRP A 1 77  ? 3.397   -18.077 -2.836  1.00 58.75 ? 73  TRP A CE3 1 
ATOM   453  C CZ2 . TRP A 1 77  ? 3.890   -15.311 -2.388  1.00 59.15 ? 73  TRP A CZ2 1 
ATOM   454  C CZ3 . TRP A 1 77  ? 4.465   -17.634 -2.008  1.00 56.39 ? 73  TRP A CZ3 1 
ATOM   455  C CH2 . TRP A 1 77  ? 4.688   -16.273 -1.793  1.00 56.17 ? 73  TRP A CH2 1 
ATOM   456  N N   . ARG A 1 78  ? -0.085  -18.736 -1.480  1.00 58.98 ? 74  ARG A N   1 
ATOM   457  C CA  . ARG A 1 78  ? 0.515   -18.955 -0.153  1.00 58.98 ? 74  ARG A CA  1 
ATOM   458  C C   . ARG A 1 78  ? -0.280  -19.853 0.788   1.00 59.69 ? 74  ARG A C   1 
ATOM   459  O O   . ARG A 1 78  ? 0.290   -20.484 1.687   1.00 59.90 ? 74  ARG A O   1 
ATOM   460  C CB  . ARG A 1 78  ? 0.706   -17.616 0.554   1.00 58.36 ? 74  ARG A CB  1 
ATOM   461  C CG  . ARG A 1 78  ? 1.827   -16.787 0.037   1.00 56.90 ? 74  ARG A CG  1 
ATOM   462  C CD  . ARG A 1 78  ? 2.102   -15.607 0.955   1.00 54.67 ? 74  ARG A CD  1 
ATOM   463  N NE  . ARG A 1 78  ? 2.765   -15.964 2.218   1.00 48.43 ? 74  ARG A NE  1 
ATOM   464  C CZ  . ARG A 1 78  ? 2.499   -15.374 3.378   1.00 47.68 ? 74  ARG A CZ  1 
ATOM   465  N NH1 . ARG A 1 78  ? 1.558   -14.455 3.423   1.00 45.38 ? 74  ARG A NH1 1 
ATOM   466  N NH2 . ARG A 1 78  ? 3.138   -15.724 4.504   1.00 47.05 ? 74  ARG A NH2 1 
ATOM   467  N N   . GLN A 1 79  ? -1.596  -19.874 0.595   1.00 60.66 ? 75  GLN A N   1 
ATOM   468  C CA  . GLN A 1 79  ? -2.549  -20.455 1.549   1.00 61.47 ? 75  GLN A CA  1 
ATOM   469  C C   . GLN A 1 79  ? -3.852  -20.642 0.786   1.00 62.12 ? 75  GLN A C   1 
ATOM   470  O O   . GLN A 1 79  ? -4.327  -19.697 0.133   1.00 62.28 ? 75  GLN A O   1 
ATOM   471  C CB  . GLN A 1 79  ? -2.746  -19.486 2.708   1.00 61.22 ? 75  GLN A CB  1 
ATOM   472  C CG  . GLN A 1 79  ? -3.811  -19.851 3.694   1.00 63.11 ? 75  GLN A CG  1 
ATOM   473  C CD  . GLN A 1 79  ? -3.567  -19.218 5.058   1.00 65.61 ? 75  GLN A CD  1 
ATOM   474  O OE1 . GLN A 1 79  ? -2.736  -18.320 5.191   1.00 66.56 ? 75  GLN A OE1 1 
ATOM   475  N NE2 . GLN A 1 79  ? -4.288  -19.693 6.086   1.00 67.34 ? 75  GLN A NE2 1 
ATOM   476  N N   . GLU A 1 80  ? -4.422  -21.850 0.864   1.00 62.76 ? 76  GLU A N   1 
ATOM   477  C CA  . GLU A 1 80  ? -5.552  -22.255 -0.010  1.00 63.11 ? 76  GLU A CA  1 
ATOM   478  C C   . GLU A 1 80  ? -6.873  -21.617 0.372   1.00 62.99 ? 76  GLU A C   1 
ATOM   479  O O   . GLU A 1 80  ? -7.751  -21.394 -0.471  1.00 62.80 ? 76  GLU A O   1 
ATOM   480  C CB  . GLU A 1 80  ? -5.717  -23.785 -0.051  1.00 63.21 ? 76  GLU A CB  1 
ATOM   481  C CG  . GLU A 1 80  ? -6.782  -24.250 -1.061  1.00 63.68 ? 76  GLU A CG  1 
ATOM   482  C CD  . GLU A 1 80  ? -6.457  -25.582 -1.737  1.00 64.14 ? 76  GLU A CD  1 
ATOM   483  O OE1 . GLU A 1 80  ? -6.993  -25.810 -2.855  1.00 61.88 ? 76  GLU A OE1 1 
ATOM   484  O OE2 . GLU A 1 80  ? -5.673  -26.385 -1.152  1.00 64.04 ? 76  GLU A OE2 1 
ATOM   485  N N   . LYS A 1 81  ? -7.028  -21.389 1.663   1.00 62.71 ? 77  LYS A N   1 
ATOM   486  C CA  . LYS A 1 81  ? -8.164  -20.669 2.149   1.00 62.67 ? 77  LYS A CA  1 
ATOM   487  C C   . LYS A 1 81  ? -7.569  -19.783 3.179   1.00 62.35 ? 77  LYS A C   1 
ATOM   488  O O   . LYS A 1 81  ? -6.989  -20.266 4.175   1.00 62.21 ? 77  LYS A O   1 
ATOM   489  C CB  . LYS A 1 81  ? -9.205  -21.580 2.800   1.00 63.39 ? 77  LYS A CB  1 
ATOM   490  C CG  . LYS A 1 81  ? -10.216 -20.808 3.668   1.00 64.32 ? 77  LYS A CG  1 
ATOM   491  C CD  . LYS A 1 81  ? -10.880 -21.684 4.708   1.00 65.99 ? 77  LYS A CD  1 
ATOM   492  C CE  . LYS A 1 81  ? -11.941 -20.933 5.507   1.00 66.64 ? 77  LYS A CE  1 
ATOM   493  N NZ  . LYS A 1 81  ? -13.141 -20.508 4.717   1.00 67.52 ? 77  LYS A NZ  1 
ATOM   494  N N   . ILE A 1 82  ? -7.698  -18.485 2.928   1.00 61.67 ? 78  ILE A N   1 
ATOM   495  C CA  . ILE A 1 82  ? -7.277  -17.497 3.898   1.00 60.94 ? 78  ILE A CA  1 
ATOM   496  C C   . ILE A 1 82  ? -8.322  -17.377 4.998   1.00 60.37 ? 78  ILE A C   1 
ATOM   497  O O   . ILE A 1 82  ? -9.532  -17.348 4.733   1.00 60.97 ? 78  ILE A O   1 
ATOM   498  C CB  . ILE A 1 82  ? -6.982  -16.173 3.224   1.00 60.89 ? 78  ILE A CB  1 
ATOM   499  C CG1 . ILE A 1 82  ? -5.646  -16.288 2.481   1.00 61.27 ? 78  ILE A CG1 1 
ATOM   500  C CG2 . ILE A 1 82  ? -6.892  -15.083 4.268   1.00 60.47 ? 78  ILE A CG2 1 
ATOM   501  C CD1 . ILE A 1 82  ? -5.679  -15.833 1.046   1.00 61.51 ? 78  ILE A CD1 1 
ATOM   502  N N   . THR A 1 83  ? -7.852  -17.337 6.234   1.00 59.35 ? 79  THR A N   1 
ATOM   503  C CA  . THR A 1 83  ? -8.743  -17.405 7.375   1.00 58.36 ? 79  THR A CA  1 
ATOM   504  C C   . THR A 1 83  ? -8.599  -16.188 8.271   1.00 58.12 ? 79  THR A C   1 
ATOM   505  O O   . THR A 1 83  ? -9.543  -15.808 8.964   1.00 58.39 ? 79  THR A O   1 
ATOM   506  C CB  . THR A 1 83  ? -8.485  -18.681 8.183   1.00 58.26 ? 79  THR A CB  1 
ATOM   507  O OG1 . THR A 1 83  ? -7.172  -18.631 8.781   1.00 56.91 ? 79  THR A OG1 1 
ATOM   508  C CG2 . THR A 1 83  ? -8.624  -19.904 7.257   1.00 57.62 ? 79  THR A CG2 1 
ATOM   509  N N   . ARG A 1 84  ? -7.420  -15.576 8.255   1.00 57.26 ? 80  ARG A N   1 
ATOM   510  C CA  . ARG A 1 84  ? -7.192  -14.362 8.997   1.00 56.37 ? 80  ARG A CA  1 
ATOM   511  C C   . ARG A 1 84  ? -8.300  -13.333 8.796   1.00 56.30 ? 80  ARG A C   1 
ATOM   512  O O   . ARG A 1 84  ? -8.840  -13.139 7.700   1.00 55.22 ? 80  ARG A O   1 
ATOM   513  C CB  . ARG A 1 84  ? -5.819  -13.760 8.648   1.00 56.69 ? 80  ARG A CB  1 
ATOM   514  C CG  . ARG A 1 84  ? -5.743  -12.918 7.369   1.00 54.69 ? 80  ARG A CG  1 
ATOM   515  C CD  . ARG A 1 84  ? -4.337  -12.337 7.217   1.00 55.08 ? 80  ARG A CD  1 
ATOM   516  N NE  . ARG A 1 84  ? -3.339  -13.361 6.884   1.00 54.90 ? 80  ARG A NE  1 
ATOM   517  C CZ  . ARG A 1 84  ? -3.066  -13.771 5.643   1.00 56.23 ? 80  ARG A CZ  1 
ATOM   518  N NH1 . ARG A 1 84  ? -3.690  -13.248 4.580   1.00 57.17 ? 80  ARG A NH1 1 
ATOM   519  N NH2 . ARG A 1 84  ? -2.165  -14.711 5.449   1.00 55.92 ? 80  ARG A NH2 1 
ATOM   520  N N   . THR A 1 85  ? -8.617  -12.667 9.891   1.00 56.70 ? 81  THR A N   1 
ATOM   521  C CA  . THR A 1 85  ? -9.658  -11.665 9.913   1.00 57.49 ? 81  THR A CA  1 
ATOM   522  C C   . THR A 1 85  ? -9.187  -10.422 9.183   1.00 57.27 ? 81  THR A C   1 
ATOM   523  O O   . THR A 1 85  ? -8.088  -10.392 8.642   1.00 57.51 ? 81  THR A O   1 
ATOM   524  C CB  . THR A 1 85  ? -10.037 -11.310 11.368  1.00 58.00 ? 81  THR A CB  1 
ATOM   525  O OG1 . THR A 1 85  ? -8.942  -10.625 12.014  1.00 59.02 ? 81  THR A OG1 1 
ATOM   526  C CG2 . THR A 1 85  ? -10.387 -12.587 12.155  1.00 58.06 ? 81  THR A CG2 1 
ATOM   527  N N   . LYS A 1 86  ? -10.022 -9.399  9.158   1.00 57.34 ? 82  LYS A N   1 
ATOM   528  C CA  . LYS A 1 86  ? -9.612  -8.126  8.578   1.00 57.83 ? 82  LYS A CA  1 
ATOM   529  C C   . LYS A 1 86  ? -8.705  -7.374  9.563   1.00 57.66 ? 82  LYS A C   1 
ATOM   530  O O   . LYS A 1 86  ? -7.665  -6.837  9.173   1.00 57.83 ? 82  LYS A O   1 
ATOM   531  C CB  . LYS A 1 86  ? -10.833 -7.287  8.152   1.00 57.73 ? 82  LYS A CB  1 
ATOM   532  C CG  . LYS A 1 86  ? -10.473 -6.030  7.368   1.00 58.37 ? 82  LYS A CG  1 
ATOM   533  C CD  . LYS A 1 86  ? -11.677 -5.140  7.112   1.00 60.93 ? 82  LYS A CD  1 
ATOM   534  C CE  . LYS A 1 86  ? -12.601 -5.746  6.066   1.00 60.85 ? 82  LYS A CE  1 
ATOM   535  N NZ  . LYS A 1 86  ? -14.006 -5.277  6.240   1.00 62.89 ? 82  LYS A NZ  1 
ATOM   536  N N   . GLU A 1 87  ? -9.087  -7.364  10.836  1.00 57.69 ? 83  GLU A N   1 
ATOM   537  C CA  . GLU A 1 87  ? -8.336  -6.616  11.848  1.00 58.10 ? 83  GLU A CA  1 
ATOM   538  C C   . GLU A 1 87  ? -6.889  -7.111  11.801  1.00 57.20 ? 83  GLU A C   1 
ATOM   539  O O   . GLU A 1 87  ? -5.951  -6.305  11.874  1.00 57.66 ? 83  GLU A O   1 
ATOM   540  C CB  . GLU A 1 87  ? -8.966  -6.733  13.256  1.00 58.08 ? 83  GLU A CB  1 
ATOM   541  C CG  . GLU A 1 87  ? -8.298  -5.811  14.332  1.00 62.74 ? 83  GLU A CG  1 
ATOM   542  C CD  . GLU A 1 87  ? -8.414  -6.313  15.815  1.00 66.62 ? 83  GLU A CD  1 
ATOM   543  O OE1 . GLU A 1 87  ? -9.542  -6.341  16.368  1.00 68.00 ? 83  GLU A OE1 1 
ATOM   544  O OE2 . GLU A 1 87  ? -7.371  -6.650  16.444  1.00 67.65 ? 83  GLU A OE2 1 
ATOM   545  N N   . GLU A 1 88  ? -6.729  -8.425  11.616  1.00 55.89 ? 84  GLU A N   1 
ATOM   546  C CA  . GLU A 1 88  ? -5.415  -9.112  11.558  1.00 54.29 ? 84  GLU A CA  1 
ATOM   547  C C   . GLU A 1 88  ? -4.602  -8.875  10.280  1.00 53.18 ? 84  GLU A C   1 
ATOM   548  O O   . GLU A 1 88  ? -3.359  -8.785  10.321  1.00 52.20 ? 84  GLU A O   1 
ATOM   549  C CB  . GLU A 1 88  ? -5.615  -10.626 11.685  1.00 54.33 ? 84  GLU A CB  1 
ATOM   550  C CG  . GLU A 1 88  ? -5.875  -11.135 13.103  1.00 52.06 ? 84  GLU A CG  1 
ATOM   551  C CD  . GLU A 1 88  ? -6.252  -12.602 13.138  1.00 48.84 ? 84  GLU A CD  1 
ATOM   552  O OE1 . GLU A 1 88  ? -5.948  -13.242 14.162  1.00 48.48 ? 84  GLU A OE1 1 
ATOM   553  O OE2 . GLU A 1 88  ? -6.863  -13.111 12.155  1.00 45.80 ? 84  GLU A OE2 1 
ATOM   554  N N   . ALA A 1 89  ? -5.306  -8.864  9.151   1.00 51.77 ? 85  ALA A N   1 
ATOM   555  C CA  . ALA A 1 89  ? -4.716  -8.467  7.879   1.00 51.16 ? 85  ALA A CA  1 
ATOM   556  C C   . ALA A 1 89  ? -4.018  -7.132  8.039   1.00 50.40 ? 85  ALA A C   1 
ATOM   557  O O   . ALA A 1 89  ? -2.851  -6.999  7.694   1.00 49.85 ? 85  ALA A O   1 
ATOM   558  C CB  . ALA A 1 89  ? -5.776  -8.351  6.823   1.00 51.10 ? 85  ALA A CB  1 
ATOM   559  N N   . LEU A 1 90  ? -4.759  -6.152  8.556   1.00 50.62 ? 86  LEU A N   1 
ATOM   560  C CA  . LEU A 1 90  ? -4.222  -4.820  8.837   1.00 50.64 ? 86  LEU A CA  1 
ATOM   561  C C   . LEU A 1 90  ? -2.969  -4.929  9.720   1.00 51.40 ? 86  LEU A C   1 
ATOM   562  O O   . LEU A 1 90  ? -1.926  -4.362  9.358   1.00 51.98 ? 86  LEU A O   1 
ATOM   563  C CB  . LEU A 1 90  ? -5.260  -3.880  9.452   1.00 49.27 ? 86  LEU A CB  1 
ATOM   564  C CG  . LEU A 1 90  ? -4.792  -2.423  9.581   1.00 48.72 ? 86  LEU A CG  1 
ATOM   565  C CD1 . LEU A 1 90  ? -4.674  -1.681  8.221   1.00 47.26 ? 86  LEU A CD1 1 
ATOM   566  C CD2 . LEU A 1 90  ? -5.711  -1.642  10.460  1.00 47.66 ? 86  LEU A CD2 1 
ATOM   567  N N   . GLU A 1 91  ? -3.048  -5.672  10.834  1.00 51.23 ? 87  GLU A N   1 
ATOM   568  C CA  . GLU A 1 91  ? -1.885  -5.803  11.724  1.00 51.85 ? 87  GLU A CA  1 
ATOM   569  C C   . GLU A 1 91  ? -0.669  -6.189  10.914  1.00 51.04 ? 87  GLU A C   1 
ATOM   570  O O   . GLU A 1 91  ? 0.362   -5.544  10.992  1.00 50.64 ? 87  GLU A O   1 
ATOM   571  C CB  . GLU A 1 91  ? -2.104  -6.848  12.822  1.00 52.12 ? 87  GLU A CB  1 
ATOM   572  C CG  . GLU A 1 91  ? -2.258  -6.302  14.274  1.00 56.20 ? 87  GLU A CG  1 
ATOM   573  C CD  . GLU A 1 91  ? -3.044  -7.292  15.186  1.00 61.31 ? 87  GLU A CD  1 
ATOM   574  O OE1 . GLU A 1 91  ? -2.727  -8.516  15.162  1.00 60.51 ? 87  GLU A OE1 1 
ATOM   575  O OE2 . GLU A 1 91  ? -3.994  -6.852  15.895  1.00 62.66 ? 87  GLU A OE2 1 
ATOM   576  N N   . LEU A 1 92  ? -0.811  -7.229  10.107  1.00 50.71 ? 88  LEU A N   1 
ATOM   577  C CA  . LEU A 1 92  ? 0.298   -7.721  9.326   1.00 49.91 ? 88  LEU A CA  1 
ATOM   578  C C   . LEU A 1 92  ? 0.799   -6.643  8.404   1.00 49.75 ? 88  LEU A C   1 
ATOM   579  O O   . LEU A 1 92  ? 2.013   -6.481  8.232   1.00 50.13 ? 88  LEU A O   1 
ATOM   580  C CB  . LEU A 1 92  ? -0.107  -8.960  8.532   1.00 49.97 ? 88  LEU A CB  1 
ATOM   581  C CG  . LEU A 1 92  ? 0.108   -10.302 9.238   1.00 49.48 ? 88  LEU A CG  1 
ATOM   582  C CD1 . LEU A 1 92  ? -0.459  -11.466 8.460   1.00 48.23 ? 88  LEU A CD1 1 
ATOM   583  C CD2 . LEU A 1 92  ? 1.601   -10.522 9.530   1.00 50.31 ? 88  LEU A CD2 1 
ATOM   584  N N   . ILE A 1 93  ? -0.135  -5.899  7.820   1.00 49.06 ? 89  ILE A N   1 
ATOM   585  C CA  . ILE A 1 93  ? 0.199   -4.859  6.860   1.00 48.32 ? 89  ILE A CA  1 
ATOM   586  C C   . ILE A 1 93  ? 0.954   -3.734  7.584   1.00 48.84 ? 89  ILE A C   1 
ATOM   587  O O   . ILE A 1 93  ? 1.978   -3.223  7.091   1.00 49.39 ? 89  ILE A O   1 
ATOM   588  C CB  . ILE A 1 93  ? -1.095  -4.349  6.127   1.00 47.58 ? 89  ILE A CB  1 
ATOM   589  C CG1 . ILE A 1 93  ? -1.329  -5.111  4.834   1.00 45.95 ? 89  ILE A CG1 1 
ATOM   590  C CG2 . ILE A 1 93  ? -1.082  -2.847  5.864   1.00 47.11 ? 89  ILE A CG2 1 
ATOM   591  C CD1 . ILE A 1 93  ? -0.323  -4.897  3.754   1.00 44.43 ? 89  ILE A CD1 1 
ATOM   592  N N   . ASN A 1 94  ? 0.468   -3.356  8.765   1.00 48.55 ? 90  ASN A N   1 
ATOM   593  C CA  . ASN A 1 94  ? 1.156   -2.335  9.542   1.00 48.76 ? 90  ASN A CA  1 
ATOM   594  C C   . ASN A 1 94  ? 2.599   -2.787  9.798   1.00 48.38 ? 90  ASN A C   1 
ATOM   595  O O   . ASN A 1 94  ? 3.534   -1.974  9.779   1.00 48.53 ? 90  ASN A O   1 
ATOM   596  C CB  . ASN A 1 94  ? 0.437   -2.089  10.881  1.00 49.46 ? 90  ASN A CB  1 
ATOM   597  C CG  . ASN A 1 94  ? -0.846  -1.269  10.741  1.00 49.59 ? 90  ASN A CG  1 
ATOM   598  O OD1 . ASN A 1 94  ? -0.904  -0.313  9.970   1.00 48.86 ? 90  ASN A OD1 1 
ATOM   599  N ND2 . ASN A 1 94  ? -1.872  -1.624  11.533  1.00 50.49 ? 90  ASN A ND2 1 
ATOM   600  N N   . GLY A 1 95  ? 2.743   -4.097  10.011  1.00 47.17 ? 91  GLY A N   1 
ATOM   601  C CA  . GLY A 1 95  ? 3.978   -4.717  10.445  1.00 46.67 ? 91  GLY A CA  1 
ATOM   602  C C   . GLY A 1 95  ? 5.063   -4.535  9.426   1.00 46.69 ? 91  GLY A C   1 
ATOM   603  O O   . GLY A 1 95  ? 6.207   -4.244  9.783   1.00 46.75 ? 91  GLY A O   1 
ATOM   604  N N   . TYR A 1 96  ? 4.695   -4.690  8.154   1.00 45.73 ? 92  TYR A N   1 
ATOM   605  C CA  . TYR A 1 96  ? 5.645   -4.561  7.062   1.00 45.18 ? 92  TYR A CA  1 
ATOM   606  C C   . TYR A 1 96  ? 5.994   -3.118  6.796   1.00 45.61 ? 92  TYR A C   1 
ATOM   607  O O   . TYR A 1 96  ? 7.087   -2.809  6.353   1.00 45.21 ? 92  TYR A O   1 
ATOM   608  C CB  . TYR A 1 96  ? 5.045   -5.125  5.781   1.00 44.70 ? 92  TYR A CB  1 
ATOM   609  C CG  . TYR A 1 96  ? 4.650   -6.563  5.885   1.00 41.78 ? 92  TYR A CG  1 
ATOM   610  C CD1 . TYR A 1 96  ? 3.510   -7.041  5.249   1.00 39.96 ? 92  TYR A CD1 1 
ATOM   611  C CD2 . TYR A 1 96  ? 5.424   -7.444  6.603   1.00 39.78 ? 92  TYR A CD2 1 
ATOM   612  C CE1 . TYR A 1 96  ? 3.151   -8.373  5.349   1.00 38.63 ? 92  TYR A CE1 1 
ATOM   613  C CE2 . TYR A 1 96  ? 5.079   -8.750  6.721   1.00 38.39 ? 92  TYR A CE2 1 
ATOM   614  C CZ  . TYR A 1 96  ? 3.960   -9.207  6.105   1.00 36.28 ? 92  TYR A CZ  1 
ATOM   615  O OH  . TYR A 1 96  ? 3.679   -10.497 6.246   1.00 29.45 ? 92  TYR A OH  1 
ATOM   616  N N   . ILE A 1 97  ? 5.029   -2.244  7.025   1.00 46.19 ? 93  ILE A N   1 
ATOM   617  C CA  . ILE A 1 97  ? 5.243   -0.832  6.868   1.00 46.98 ? 93  ILE A CA  1 
ATOM   618  C C   . ILE A 1 97  ? 6.322   -0.432  7.863   1.00 48.21 ? 93  ILE A C   1 
ATOM   619  O O   . ILE A 1 97  ? 7.264   0.281   7.520   1.00 49.39 ? 93  ILE A O   1 
ATOM   620  C CB  . ILE A 1 97  ? 3.942   -0.065  7.100   1.00 46.65 ? 93  ILE A CB  1 
ATOM   621  C CG1 . ILE A 1 97  ? 3.018   -0.210  5.900   1.00 44.93 ? 93  ILE A CG1 1 
ATOM   622  C CG2 . ILE A 1 97  ? 4.208   1.386   7.376   1.00 47.74 ? 93  ILE A CG2 1 
ATOM   623  C CD1 . ILE A 1 97  ? 1.597   0.222   6.185   1.00 42.88 ? 93  ILE A CD1 1 
ATOM   624  N N   . GLN A 1 98  ? 6.230   -0.904  9.095   1.00 48.61 ? 94  GLN A N   1 
ATOM   625  C CA  . GLN A 1 98  ? 7.259   -0.533  10.048  1.00 49.16 ? 94  GLN A CA  1 
ATOM   626  C C   . GLN A 1 98  ? 8.649   -1.035  9.604   1.00 48.92 ? 94  GLN A C   1 
ATOM   627  O O   . GLN A 1 98  ? 9.633   -0.269  9.570   1.00 48.22 ? 94  GLN A O   1 
ATOM   628  C CB  . GLN A 1 98  ? 6.907   -1.047  11.433  1.00 50.22 ? 94  GLN A CB  1 
ATOM   629  C CG  . GLN A 1 98  ? 5.739   -0.331  12.118  1.00 52.32 ? 94  GLN A CG  1 
ATOM   630  C CD  . GLN A 1 98  ? 5.646   -0.744  13.582  1.00 55.62 ? 94  GLN A CD  1 
ATOM   631  O OE1 . GLN A 1 98  ? 5.345   -1.894  13.893  1.00 57.90 ? 94  GLN A OE1 1 
ATOM   632  N NE2 . GLN A 1 98  ? 5.962   0.185   14.490  1.00 59.82 ? 94  GLN A NE2 1 
ATOM   633  N N   . LYS A 1 99  ? 8.726   -2.311  9.235   1.00 48.33 ? 95  LYS A N   1 
ATOM   634  C CA  . LYS A 1 99  ? 9.989   -2.854  8.717   1.00 47.99 ? 95  LYS A CA  1 
ATOM   635  C C   . LYS A 1 99  ? 10.499  -2.134  7.454   1.00 47.21 ? 95  LYS A C   1 
ATOM   636  O O   . LYS A 1 99  ? 11.701  -1.933  7.290   1.00 47.64 ? 95  LYS A O   1 
ATOM   637  C CB  . LYS A 1 99  ? 9.850   -4.352  8.480   1.00 48.53 ? 95  LYS A CB  1 
ATOM   638  C CG  . LYS A 1 99  ? 9.736   -5.145  9.771   1.00 50.11 ? 95  LYS A CG  1 
ATOM   639  C CD  . LYS A 1 99  ? 9.352   -6.607  9.529   1.00 52.18 ? 95  LYS A CD  1 
ATOM   640  C CE  . LYS A 1 99  ? 10.172  -7.503  10.465  1.00 54.68 ? 95  LYS A CE  1 
ATOM   641  N NZ  . LYS A 1 99  ? 10.746  -6.738  11.627  1.00 53.18 ? 95  LYS A NZ  1 
ATOM   642  N N   . ILE A 1 100 ? 9.589   -1.736  6.567   1.00 45.88 ? 96  ILE A N   1 
ATOM   643  C CA  . ILE A 1 100 ? 9.994   -0.976  5.395   1.00 45.27 ? 96  ILE A CA  1 
ATOM   644  C C   . ILE A 1 100 ? 10.482  0.420   5.804   1.00 45.13 ? 96  ILE A C   1 
ATOM   645  O O   . ILE A 1 100 ? 11.580  0.822   5.500   1.00 44.65 ? 96  ILE A O   1 
ATOM   646  C CB  . ILE A 1 100 ? 8.900   -0.930  4.324   1.00 44.39 ? 96  ILE A CB  1 
ATOM   647  C CG1 . ILE A 1 100 ? 8.705   -2.346  3.725   1.00 45.11 ? 96  ILE A CG1 1 
ATOM   648  C CG2 . ILE A 1 100 ? 9.319   -0.025  3.220   1.00 44.14 ? 96  ILE A CG2 1 
ATOM   649  C CD1 . ILE A 1 100 ? 7.468   -2.538  2.828   1.00 41.90 ? 96  ILE A CD1 1 
ATOM   650  N N   . LYS A 1 101 ? 9.657   1.134   6.537   1.00 45.50 ? 97  LYS A N   1 
ATOM   651  C CA  . LYS A 1 101 ? 9.999   2.465   6.972   1.00 45.65 ? 97  LYS A CA  1 
ATOM   652  C C   . LYS A 1 101 ? 11.291  2.524   7.783   1.00 46.66 ? 97  LYS A C   1 
ATOM   653  O O   . LYS A 1 101 ? 12.023  3.529   7.717   1.00 46.65 ? 97  LYS A O   1 
ATOM   654  C CB  . LYS A 1 101 ? 8.820   3.107   7.727   1.00 45.14 ? 97  LYS A CB  1 
ATOM   655  C CG  . LYS A 1 101 ? 7.884   3.788   6.781   1.00 42.04 ? 97  LYS A CG  1 
ATOM   656  C CD  . LYS A 1 101 ? 6.758   4.456   7.461   1.00 40.57 ? 97  LYS A CD  1 
ATOM   657  C CE  . LYS A 1 101 ? 6.082   5.403   6.466   1.00 42.23 ? 97  LYS A CE  1 
ATOM   658  N NZ  . LYS A 1 101 ? 5.241   6.519   7.081   1.00 39.03 ? 97  LYS A NZ  1 
ATOM   659  N N   . SER A 1 102 ? 11.594  1.459   8.522   1.00 47.39 ? 98  SER A N   1 
ATOM   660  C CA  . SER A 1 102 ? 12.788  1.480   9.354   1.00 47.63 ? 98  SER A CA  1 
ATOM   661  C C   . SER A 1 102 ? 14.027  0.927   8.651   1.00 48.06 ? 98  SER A C   1 
ATOM   662  O O   . SER A 1 102 ? 15.074  0.773   9.268   1.00 48.75 ? 98  SER A O   1 
ATOM   663  C CB  . SER A 1 102 ? 12.530  0.694   10.626  1.00 47.57 ? 98  SER A CB  1 
ATOM   664  O OG  . SER A 1 102 ? 12.481  -0.683  10.331  1.00 49.00 ? 98  SER A OG  1 
ATOM   665  N N   . GLY A 1 103 ? 13.919  0.602   7.372   1.00 48.51 ? 99  GLY A N   1 
ATOM   666  C CA  . GLY A 1 103 ? 15.034  -0.024  6.650   1.00 48.70 ? 99  GLY A CA  1 
ATOM   667  C C   . GLY A 1 103 ? 15.417  -1.453  7.065   1.00 48.78 ? 99  GLY A C   1 
ATOM   668  O O   . GLY A 1 103 ? 16.292  -2.060  6.441   1.00 48.17 ? 99  GLY A O   1 
ATOM   669  N N   . GLU A 1 104 ? 14.780  -1.983  8.104   1.00 48.40 ? 100 GLU A N   1 
ATOM   670  C CA  . GLU A 1 104 ? 14.922  -3.397  8.450   1.00 50.00 ? 100 GLU A CA  1 
ATOM   671  C C   . GLU A 1 104 ? 14.660  -4.394  7.288   1.00 50.40 ? 100 GLU A C   1 
ATOM   672  O O   . GLU A 1 104 ? 15.236  -5.492  7.254   1.00 50.88 ? 100 GLU A O   1 
ATOM   673  C CB  . GLU A 1 104 ? 13.997  -3.732  9.625   1.00 50.25 ? 100 GLU A CB  1 
ATOM   674  C CG  . GLU A 1 104 ? 14.315  -5.042  10.310  1.00 53.10 ? 100 GLU A CG  1 
ATOM   675  C CD  . GLU A 1 104 ? 13.669  -5.153  11.682  1.00 57.58 ? 100 GLU A CD  1 
ATOM   676  O OE1 . GLU A 1 104 ? 13.233  -4.109  12.238  1.00 60.02 ? 100 GLU A OE1 1 
ATOM   677  O OE2 . GLU A 1 104 ? 13.594  -6.296  12.194  1.00 59.44 ? 100 GLU A OE2 1 
ATOM   678  N N   . GLU A 1 105 ? 13.770  -4.024  6.370   1.00 50.29 ? 101 GLU A N   1 
ATOM   679  C CA  . GLU A 1 105 ? 13.408  -4.850  5.235   1.00 51.29 ? 101 GLU A CA  1 
ATOM   680  C C   . GLU A 1 105 ? 13.066  -3.895  4.126   1.00 51.56 ? 101 GLU A C   1 
ATOM   681  O O   . GLU A 1 105 ? 12.689  -2.753  4.406   1.00 51.06 ? 101 GLU A O   1 
ATOM   682  C CB  . GLU A 1 105 ? 12.155  -5.677  5.527   1.00 51.50 ? 101 GLU A CB  1 
ATOM   683  C CG  . GLU A 1 105 ? 12.338  -6.809  6.506   1.00 54.11 ? 101 GLU A CG  1 
ATOM   684  C CD  . GLU A 1 105 ? 13.576  -7.608  6.212   1.00 57.19 ? 101 GLU A CD  1 
ATOM   685  O OE1 . GLU A 1 105 ? 14.156  -8.137  7.194   1.00 62.13 ? 101 GLU A OE1 1 
ATOM   686  O OE2 . GLU A 1 105 ? 13.980  -7.677  5.020   1.00 56.94 ? 101 GLU A OE2 1 
ATOM   687  N N   . ASP A 1 106 ? 13.180  -4.349  2.873   1.00 51.51 ? 102 ASP A N   1 
ATOM   688  C CA  . ASP A 1 106 ? 12.608  -3.569  1.774   1.00 51.82 ? 102 ASP A CA  1 
ATOM   689  C C   . ASP A 1 106 ? 11.364  -4.168  1.128   1.00 50.79 ? 102 ASP A C   1 
ATOM   690  O O   . ASP A 1 106 ? 11.083  -5.362  1.204   1.00 51.24 ? 102 ASP A O   1 
ATOM   691  C CB  . ASP A 1 106 ? 13.645  -3.099  0.731   1.00 52.46 ? 102 ASP A CB  1 
ATOM   692  C CG  . ASP A 1 106 ? 14.439  -4.235  0.105   1.00 54.43 ? 102 ASP A CG  1 
ATOM   693  O OD1 . ASP A 1 106 ? 15.339  -3.890  -0.691  1.00 56.65 ? 102 ASP A OD1 1 
ATOM   694  O OD2 . ASP A 1 106 ? 14.194  -5.440  0.394   1.00 56.38 ? 102 ASP A OD2 1 
ATOM   695  N N   . PHE A 1 107 ? 10.606  -3.283  0.524   1.00 49.66 ? 103 PHE A N   1 
ATOM   696  C CA  . PHE A 1 107 ? 9.383   -3.648  -0.090  1.00 48.66 ? 103 PHE A CA  1 
ATOM   697  C C   . PHE A 1 107 ? 9.525   -4.980  -0.797  1.00 47.83 ? 103 PHE A C   1 
ATOM   698  O O   . PHE A 1 107 ? 8.798   -5.902  -0.508  1.00 47.23 ? 103 PHE A O   1 
ATOM   699  C CB  . PHE A 1 107 ? 8.968   -2.561  -1.059  1.00 48.52 ? 103 PHE A CB  1 
ATOM   700  C CG  . PHE A 1 107 ? 7.559   -2.693  -1.513  1.00 50.08 ? 103 PHE A CG  1 
ATOM   701  C CD1 . PHE A 1 107 ? 6.558   -1.939  -0.921  1.00 49.45 ? 103 PHE A CD1 1 
ATOM   702  C CD2 . PHE A 1 107 ? 7.227   -3.598  -2.509  1.00 49.78 ? 103 PHE A CD2 1 
ATOM   703  C CE1 . PHE A 1 107 ? 5.285   -2.065  -1.317  1.00 47.15 ? 103 PHE A CE1 1 
ATOM   704  C CE2 . PHE A 1 107 ? 5.944   -3.736  -2.896  1.00 47.78 ? 103 PHE A CE2 1 
ATOM   705  C CZ  . PHE A 1 107 ? 4.968   -2.967  -2.297  1.00 47.45 ? 103 PHE A CZ  1 
ATOM   706  N N   . GLU A 1 108 ? 10.501  -5.083  -1.681  1.00 47.42 ? 104 GLU A N   1 
ATOM   707  C CA  . GLU A 1 108 ? 10.631  -6.225  -2.571  1.00 46.68 ? 104 GLU A CA  1 
ATOM   708  C C   . GLU A 1 108 ? 10.735  -7.525  -1.790  1.00 45.85 ? 104 GLU A C   1 
ATOM   709  O O   . GLU A 1 108 ? 10.011  -8.484  -2.047  1.00 44.53 ? 104 GLU A O   1 
ATOM   710  C CB  . GLU A 1 108 ? 11.823  -6.029  -3.515  1.00 46.94 ? 104 GLU A CB  1 
ATOM   711  C CG  . GLU A 1 108 ? 11.647  -4.888  -4.568  1.00 49.85 ? 104 GLU A CG  1 
ATOM   712  C CD  . GLU A 1 108 ? 11.904  -3.444  -4.047  1.00 53.77 ? 104 GLU A CD  1 
ATOM   713  O OE1 . GLU A 1 108 ? 11.904  -3.175  -2.806  1.00 54.64 ? 104 GLU A OE1 1 
ATOM   714  O OE2 . GLU A 1 108 ? 12.113  -2.556  -4.906  1.00 56.44 ? 104 GLU A OE2 1 
ATOM   715  N N   . SER A 1 109 ? 11.624  -7.558  -0.816  1.00 46.11 ? 105 SER A N   1 
ATOM   716  C CA  . SER A 1 109 ? 11.756  -8.754  0.006   1.00 46.04 ? 105 SER A CA  1 
ATOM   717  C C   . SER A 1 109 ? 10.445  -9.188  0.691   1.00 45.79 ? 105 SER A C   1 
ATOM   718  O O   . SER A 1 109 ? 9.921   -10.303 0.449   1.00 47.11 ? 105 SER A O   1 
ATOM   719  C CB  . SER A 1 109 ? 12.845  -8.559  1.023   1.00 45.96 ? 105 SER A CB  1 
ATOM   720  O OG  . SER A 1 109 ? 13.138  -9.804  1.628   1.00 49.11 ? 105 SER A OG  1 
ATOM   721  N N   . LEU A 1 110 ? 9.874   -8.328  1.531   1.00 44.58 ? 106 LEU A N   1 
ATOM   722  C CA  . LEU A 1 110 ? 8.559   -8.648  2.106   1.00 42.78 ? 106 LEU A CA  1 
ATOM   723  C C   . LEU A 1 110 ? 7.516   -8.994  1.047   1.00 42.87 ? 106 LEU A C   1 
ATOM   724  O O   . LEU A 1 110 ? 6.721   -9.927  1.237   1.00 43.56 ? 106 LEU A O   1 
ATOM   725  C CB  . LEU A 1 110 ? 8.068   -7.517  3.004   1.00 41.95 ? 106 LEU A CB  1 
ATOM   726  C CG  . LEU A 1 110 ? 9.139   -7.107  4.015   1.00 39.96 ? 106 LEU A CG  1 
ATOM   727  C CD1 . LEU A 1 110 ? 8.757   -5.928  4.859   1.00 37.14 ? 106 LEU A CD1 1 
ATOM   728  C CD2 . LEU A 1 110 ? 9.474   -8.279  4.879   1.00 38.08 ? 106 LEU A CD2 1 
ATOM   729  N N   . ALA A 1 111 ? 7.504   -8.260  -0.066  1.00 42.31 ? 107 ALA A N   1 
ATOM   730  C CA  . ALA A 1 111 ? 6.510   -8.516  -1.157  1.00 42.80 ? 107 ALA A CA  1 
ATOM   731  C C   . ALA A 1 111 ? 6.701   -9.888  -1.813  1.00 43.37 ? 107 ALA A C   1 
ATOM   732  O O   . ALA A 1 111 ? 5.753   -10.618 -2.062  1.00 42.89 ? 107 ALA A O   1 
ATOM   733  C CB  . ALA A 1 111 ? 6.566   -7.438  -2.208  1.00 41.28 ? 107 ALA A CB  1 
ATOM   734  N N   . SER A 1 112 ? 7.957   -10.248 -2.060  1.00 44.28 ? 108 SER A N   1 
ATOM   735  C CA  . SER A 1 112 ? 8.274   -11.524 -2.681  1.00 44.60 ? 108 SER A CA  1 
ATOM   736  C C   . SER A 1 112 ? 8.038   -12.713 -1.801  1.00 44.05 ? 108 SER A C   1 
ATOM   737  O O   . SER A 1 112 ? 8.105   -13.833 -2.266  1.00 43.59 ? 108 SER A O   1 
ATOM   738  C CB  . SER A 1 112 ? 9.713   -11.524 -3.118  1.00 44.68 ? 108 SER A CB  1 
ATOM   739  O OG  . SER A 1 112 ? 9.758   -10.965 -4.408  1.00 48.76 ? 108 SER A OG  1 
ATOM   740  N N   . GLN A 1 113 ? 7.788   -12.456 -0.524  1.00 43.91 ? 109 GLN A N   1 
ATOM   741  C CA  . GLN A 1 113 ? 7.534   -13.516 0.421   1.00 43.25 ? 109 GLN A CA  1 
ATOM   742  C C   . GLN A 1 113 ? 6.133   -13.564 0.884   1.00 42.69 ? 109 GLN A C   1 
ATOM   743  O O   . GLN A 1 113 ? 5.530   -14.637 0.951   1.00 42.80 ? 109 GLN A O   1 
ATOM   744  C CB  . GLN A 1 113 ? 8.377   -13.308 1.644   1.00 43.52 ? 109 GLN A CB  1 
ATOM   745  C CG  . GLN A 1 113 ? 9.776   -13.666 1.400   1.00 45.50 ? 109 GLN A CG  1 
ATOM   746  C CD  . GLN A 1 113 ? 10.614  -13.404 2.621   1.00 47.81 ? 109 GLN A CD  1 
ATOM   747  O OE1 . GLN A 1 113 ? 11.336  -12.385 2.692   1.00 48.90 ? 109 GLN A OE1 1 
ATOM   748  N NE2 . GLN A 1 113 ? 10.504  -14.298 3.609   1.00 42.63 ? 109 GLN A NE2 1 
ATOM   749  N N   . PHE A 1 114 ? 5.609   -12.400 1.226   1.00 42.26 ? 110 PHE A N   1 
ATOM   750  C CA  . PHE A 1 114 ? 4.331   -12.363 1.880   1.00 41.58 ? 110 PHE A CA  1 
ATOM   751  C C   . PHE A 1 114 ? 3.150   -12.005 1.010   1.00 42.42 ? 110 PHE A C   1 
ATOM   752  O O   . PHE A 1 114 ? 2.030   -12.491 1.288   1.00 43.44 ? 110 PHE A O   1 
ATOM   753  C CB  . PHE A 1 114 ? 4.410   -11.486 3.091   1.00 41.31 ? 110 PHE A CB  1 
ATOM   754  C CG  . PHE A 1 114 ? 5.461   -11.917 4.042   1.00 40.35 ? 110 PHE A CG  1 
ATOM   755  C CD1 . PHE A 1 114 ? 6.580   -11.158 4.235   1.00 41.36 ? 110 PHE A CD1 1 
ATOM   756  C CD2 . PHE A 1 114 ? 5.340   -13.098 4.736   1.00 41.96 ? 110 PHE A CD2 1 
ATOM   757  C CE1 . PHE A 1 114 ? 7.580   -11.562 5.139   1.00 41.20 ? 110 PHE A CE1 1 
ATOM   758  C CE2 . PHE A 1 114 ? 6.332   -13.506 5.628   1.00 41.36 ? 110 PHE A CE2 1 
ATOM   759  C CZ  . PHE A 1 114 ? 7.444   -12.731 5.828   1.00 39.40 ? 110 PHE A CZ  1 
ATOM   760  N N   . SER A 1 115 ? 3.362   -11.201 -0.037  1.00 41.20 ? 111 SER A N   1 
ATOM   761  C CA  . SER A 1 115 ? 2.256   -10.787 -0.871  1.00 40.95 ? 111 SER A CA  1 
ATOM   762  C C   . SER A 1 115 ? 1.343   -11.959 -1.309  1.00 41.65 ? 111 SER A C   1 
ATOM   763  O O   . SER A 1 115 ? 1.794   -12.933 -1.901  1.00 42.19 ? 111 SER A O   1 
ATOM   764  C CB  . SER A 1 115 ? 2.756   -10.047 -2.094  1.00 40.16 ? 111 SER A CB  1 
ATOM   765  O OG  . SER A 1 115 ? 1.703   -9.304  -2.662  1.00 38.79 ? 111 SER A OG  1 
ATOM   766  N N   . ASP A 1 116 ? 0.058   -11.849 -1.007  1.00 42.49 ? 112 ASP A N   1 
ATOM   767  C CA  . ASP A 1 116 ? -0.944  -12.825 -1.447  1.00 43.23 ? 112 ASP A CA  1 
ATOM   768  C C   . ASP A 1 116 ? -1.348  -12.640 -2.919  1.00 43.41 ? 112 ASP A C   1 
ATOM   769  O O   . ASP A 1 116 ? -2.166  -13.379 -3.445  1.00 44.25 ? 112 ASP A O   1 
ATOM   770  C CB  . ASP A 1 116 ? -2.149  -12.815 -0.489  1.00 43.20 ? 112 ASP A CB  1 
ATOM   771  C CG  . ASP A 1 116 ? -1.814  -13.432 0.881   1.00 44.18 ? 112 ASP A CG  1 
ATOM   772  O OD1 . ASP A 1 116 ? -1.303  -14.589 0.899   1.00 46.48 ? 112 ASP A OD1 1 
ATOM   773  O OD2 . ASP A 1 116 ? -2.078  -12.793 1.935   1.00 42.59 ? 112 ASP A OD2 1 
ATOM   774  N N   . CYS A 1 117 ? -0.745  -11.688 -3.613  1.00 43.57 ? 113 CYS A N   1 
ATOM   775  C CA  . CYS A 1 117 ? -0.914  -11.642 -5.056  1.00 43.77 ? 113 CYS A CA  1 
ATOM   776  C C   . CYS A 1 117 ? 0.176   -12.443 -5.729  1.00 43.68 ? 113 CYS A C   1 
ATOM   777  O O   . CYS A 1 117 ? 1.268   -12.569 -5.184  1.00 44.09 ? 113 CYS A O   1 
ATOM   778  C CB  . CYS A 1 117 ? -0.829  -10.225 -5.563  1.00 43.74 ? 113 CYS A CB  1 
ATOM   779  S SG  . CYS A 1 117 ? -1.005  -10.191 -7.339  1.00 44.66 ? 113 CYS A SG  1 
ATOM   780  N N   . SER A 1 118 ? -0.105  -12.980 -6.917  1.00 43.61 ? 114 SER A N   1 
ATOM   781  C CA  . SER A 1 118 ? 0.914   -13.741 -7.653  1.00 43.00 ? 114 SER A CA  1 
ATOM   782  C C   . SER A 1 118 ? 2.039   -12.853 -8.219  1.00 42.87 ? 114 SER A C   1 
ATOM   783  O O   . SER A 1 118 ? 3.134   -13.364 -8.472  1.00 43.59 ? 114 SER A O   1 
ATOM   784  C CB  . SER A 1 118 ? 0.287   -14.558 -8.771  1.00 43.61 ? 114 SER A CB  1 
ATOM   785  O OG  . SER A 1 118 ? -0.221  -13.686 -9.769  1.00 41.77 ? 114 SER A OG  1 
ATOM   786  N N   . SER A 1 119 ? 1.778   -11.555 -8.417  1.00 41.74 ? 115 SER A N   1 
ATOM   787  C CA  . SER A 1 119 ? 2.840   -10.550 -8.700  1.00 41.94 ? 115 SER A CA  1 
ATOM   788  C C   . SER A 1 119 ? 3.999   -10.493 -7.695  1.00 42.69 ? 115 SER A C   1 
ATOM   789  O O   . SER A 1 119 ? 4.979   -9.768  -7.894  1.00 43.96 ? 115 SER A O   1 
ATOM   790  C CB  . SER A 1 119 ? 2.251   -9.158  -8.714  1.00 41.27 ? 115 SER A CB  1 
ATOM   791  O OG  . SER A 1 119 ? 1.605   -8.908  -7.484  1.00 40.44 ? 115 SER A OG  1 
ATOM   792  N N   . ALA A 1 120 ? 3.874   -11.210 -6.592  1.00 43.07 ? 116 ALA A N   1 
ATOM   793  C CA  . ALA A 1 120 ? 4.988   -11.395 -5.664  1.00 43.32 ? 116 ALA A CA  1 
ATOM   794  C C   . ALA A 1 120 ? 6.190   -12.038 -6.356  1.00 43.48 ? 116 ALA A C   1 
ATOM   795  O O   . ALA A 1 120 ? 7.306   -11.650 -6.096  1.00 44.38 ? 116 ALA A O   1 
ATOM   796  C CB  . ALA A 1 120 ? 4.544   -12.222 -4.512  1.00 42.67 ? 116 ALA A CB  1 
ATOM   797  N N   . LYS A 1 121 ? 5.953   -13.012 -7.234  1.00 43.76 ? 117 LYS A N   1 
ATOM   798  C CA  . LYS A 1 121 ? 7.008   -13.636 -8.016  1.00 44.81 ? 117 LYS A CA  1 
ATOM   799  C C   . LYS A 1 121 ? 7.807   -12.541 -8.777  1.00 45.43 ? 117 LYS A C   1 
ATOM   800  O O   . LYS A 1 121 ? 8.946   -12.729 -9.191  1.00 46.02 ? 117 LYS A O   1 
ATOM   801  C CB  . LYS A 1 121 ? 6.396   -14.680 -8.986  1.00 45.71 ? 117 LYS A CB  1 
ATOM   802  C CG  . LYS A 1 121 ? 6.123   -16.166 -8.439  1.00 47.21 ? 117 LYS A CG  1 
ATOM   803  C CD  . LYS A 1 121 ? 5.568   -16.245 -6.985  1.00 50.94 ? 117 LYS A CD  1 
ATOM   804  C CE  . LYS A 1 121 ? 5.527   -17.679 -6.372  1.00 53.32 ? 117 LYS A CE  1 
ATOM   805  N NZ  . LYS A 1 121 ? 6.459   -17.962 -5.194  1.00 53.76 ? 117 LYS A NZ  1 
ATOM   806  N N   . ALA A 1 122 ? 7.207   -11.383 -8.933  1.00 45.24 ? 118 ALA A N   1 
ATOM   807  C CA  . ALA A 1 122 ? 7.849   -10.310 -9.657  1.00 45.91 ? 118 ALA A CA  1 
ATOM   808  C C   . ALA A 1 122 ? 8.128   -9.170  -8.687  1.00 45.99 ? 118 ALA A C   1 
ATOM   809  O O   . ALA A 1 122 ? 8.006   -7.974  -9.034  1.00 45.56 ? 118 ALA A O   1 
ATOM   810  C CB  . ALA A 1 122 ? 6.974   -9.838  -10.814 1.00 45.51 ? 118 ALA A CB  1 
ATOM   811  N N   . ARG A 1 123 ? 8.501   -9.548  -7.463  1.00 45.80 ? 119 ARG A N   1 
ATOM   812  C CA  . ARG A 1 123 ? 8.806   -8.560  -6.415  1.00 45.81 ? 119 ARG A CA  1 
ATOM   813  C C   . ARG A 1 123 ? 7.668   -7.552  -6.325  1.00 45.53 ? 119 ARG A C   1 
ATOM   814  O O   . ARG A 1 123 ? 7.847   -6.403  -6.017  1.00 45.51 ? 119 ARG A O   1 
ATOM   815  C CB  . ARG A 1 123 ? 10.177  -7.909  -6.655  1.00 45.12 ? 119 ARG A CB  1 
ATOM   816  C CG  . ARG A 1 123 ? 11.331  -8.961  -6.602  1.00 46.03 ? 119 ARG A CG  1 
ATOM   817  C CD  . ARG A 1 123 ? 12.602  -8.395  -7.124  1.00 45.87 ? 119 ARG A CD  1 
ATOM   818  N NE  . ARG A 1 123 ? 12.227  -7.382  -8.105  1.00 47.43 ? 119 ARG A NE  1 
ATOM   819  C CZ  . ARG A 1 123 ? 11.962  -7.631  -9.403  1.00 47.54 ? 119 ARG A CZ  1 
ATOM   820  N NH1 . ARG A 1 123 ? 12.052  -8.882  -9.876  1.00 39.85 ? 119 ARG A NH1 1 
ATOM   821  N NH2 . ARG A 1 123 ? 11.613  -6.620  -10.235 1.00 47.44 ? 119 ARG A NH2 1 
ATOM   822  N N   . GLY A 1 124 ? 6.476   -8.015  -6.641  1.00 45.87 ? 120 GLY A N   1 
ATOM   823  C CA  . GLY A 1 124 ? 5.319   -7.196  -6.454  1.00 46.92 ? 120 GLY A CA  1 
ATOM   824  C C   . GLY A 1 124 ? 5.043   -6.199  -7.540  1.00 47.31 ? 120 GLY A C   1 
ATOM   825  O O   . GLY A 1 124 ? 4.094   -5.445  -7.409  1.00 48.09 ? 120 GLY A O   1 
ATOM   826  N N   . ASP A 1 125 ? 5.842   -6.173  -8.604  1.00 47.59 ? 121 ASP A N   1 
ATOM   827  C CA  . ASP A 1 125 ? 5.499   -5.317  -9.754  1.00 48.32 ? 121 ASP A CA  1 
ATOM   828  C C   . ASP A 1 125 ? 4.131   -5.656  -10.324 1.00 47.95 ? 121 ASP A C   1 
ATOM   829  O O   . ASP A 1 125 ? 3.793   -6.814  -10.440 1.00 48.49 ? 121 ASP A O   1 
ATOM   830  C CB  . ASP A 1 125 ? 6.492   -5.441  -10.889 1.00 47.86 ? 121 ASP A CB  1 
ATOM   831  C CG  . ASP A 1 125 ? 6.228   -4.412  -11.968 1.00 52.69 ? 121 ASP A CG  1 
ATOM   832  O OD1 . ASP A 1 125 ? 5.667   -3.351  -11.616 1.00 55.32 ? 121 ASP A OD1 1 
ATOM   833  O OD2 . ASP A 1 125 ? 6.544   -4.628  -13.166 1.00 56.63 ? 121 ASP A OD2 1 
ATOM   834  N N   . LEU A 1 126 ? 3.357   -4.638  -10.680 1.00 48.41 ? 122 LEU A N   1 
ATOM   835  C CA  . LEU A 1 126 ? 2.111   -4.799  -11.447 1.00 47.79 ? 122 LEU A CA  1 
ATOM   836  C C   . LEU A 1 126 ? 2.194   -4.161  -12.812 1.00 47.94 ? 122 LEU A C   1 
ATOM   837  O O   . LEU A 1 126 ? 1.189   -4.103  -13.519 1.00 48.25 ? 122 LEU A O   1 
ATOM   838  C CB  . LEU A 1 126 ? 0.882   -4.220  -10.725 1.00 47.20 ? 122 LEU A CB  1 
ATOM   839  C CG  . LEU A 1 126 ? 0.401   -4.877  -9.430  1.00 47.88 ? 122 LEU A CG  1 
ATOM   840  C CD1 . LEU A 1 126 ? -0.742  -4.089  -8.864  1.00 49.60 ? 122 LEU A CD1 1 
ATOM   841  C CD2 . LEU A 1 126 ? 0.006   -6.317  -9.605  1.00 46.01 ? 122 LEU A CD2 1 
ATOM   842  N N   . GLY A 1 127 ? 3.378   -3.708  -13.196 1.00 48.00 ? 123 GLY A N   1 
ATOM   843  C CA  . GLY A 1 127 ? 3.580   -3.106  -14.511 1.00 48.38 ? 123 GLY A CA  1 
ATOM   844  C C   . GLY A 1 127 ? 2.929   -1.748  -14.607 1.00 48.94 ? 123 GLY A C   1 
ATOM   845  O O   . GLY A 1 127 ? 2.107   -1.376  -13.777 1.00 48.63 ? 123 GLY A O   1 
ATOM   846  N N   . ALA A 1 128 ? 3.326   -0.990  -15.620 1.00 49.91 ? 124 ALA A N   1 
ATOM   847  C CA  . ALA A 1 128 ? 2.759   0.335   -15.888 1.00 49.81 ? 124 ALA A CA  1 
ATOM   848  C C   . ALA A 1 128 ? 1.254   0.177   -16.136 1.00 50.01 ? 124 ALA A C   1 
ATOM   849  O O   . ALA A 1 128 ? 0.830   -0.933  -16.432 1.00 50.25 ? 124 ALA A O   1 
ATOM   850  C CB  . ALA A 1 128 ? 3.448   0.952   -17.078 1.00 49.37 ? 124 ALA A CB  1 
ATOM   851  N N   . PHE A 1 129 ? 0.469   1.259   -15.967 1.00 50.17 ? 125 PHE A N   1 
ATOM   852  C CA  . PHE A 1 129 ? -1.008  1.260   -16.088 1.00 50.92 ? 125 PHE A CA  1 
ATOM   853  C C   . PHE A 1 129 ? -1.605  2.673   -15.909 1.00 51.78 ? 125 PHE A C   1 
ATOM   854  O O   . PHE A 1 129 ? -0.949  3.567   -15.347 1.00 52.06 ? 125 PHE A O   1 
ATOM   855  C CB  . PHE A 1 129 ? -1.656  0.280   -15.108 1.00 50.85 ? 125 PHE A CB  1 
ATOM   856  C CG  . PHE A 1 129 ? -1.543  0.699   -13.668 1.00 51.31 ? 125 PHE A CG  1 
ATOM   857  C CD1 . PHE A 1 129 ? -2.518  1.491   -13.086 1.00 52.02 ? 125 PHE A CD1 1 
ATOM   858  C CD2 . PHE A 1 129 ? -0.468  0.291   -12.896 1.00 51.59 ? 125 PHE A CD2 1 
ATOM   859  C CE1 . PHE A 1 129 ? -2.416  1.889   -11.768 1.00 52.34 ? 125 PHE A CE1 1 
ATOM   860  C CE2 . PHE A 1 129 ? -0.353  0.676   -11.578 1.00 52.69 ? 125 PHE A CE2 1 
ATOM   861  C CZ  . PHE A 1 129 ? -1.326  1.482   -11.009 1.00 54.01 ? 125 PHE A CZ  1 
ATOM   862  N N   . SER A 1 130 ? -2.823  2.884   -16.405 1.00 52.17 ? 126 SER A N   1 
ATOM   863  C CA  . SER A 1 130 ? -3.484  4.197   -16.310 1.00 53.54 ? 126 SER A CA  1 
ATOM   864  C C   . SER A 1 130 ? -4.866  4.012   -15.701 1.00 54.18 ? 126 SER A C   1 
ATOM   865  O O   . SER A 1 130 ? -5.170  2.929   -15.183 1.00 54.47 ? 126 SER A O   1 
ATOM   866  C CB  . SER A 1 130 ? -3.537  4.967   -17.662 1.00 53.44 ? 126 SER A CB  1 
ATOM   867  O OG  . SER A 1 130 ? -4.196  4.237   -18.692 1.00 54.35 ? 126 SER A OG  1 
ATOM   868  N N   . ARG A 1 131 ? -5.693  5.059   -15.748 1.00 54.83 ? 127 ARG A N   1 
ATOM   869  C CA  . ARG A 1 131 ? -6.942  5.054   -15.005 1.00 54.97 ? 127 ARG A CA  1 
ATOM   870  C C   . ARG A 1 131 ? -7.956  4.095   -15.634 1.00 55.76 ? 127 ARG A C   1 
ATOM   871  O O   . ARG A 1 131 ? -7.665  3.424   -16.638 1.00 55.78 ? 127 ARG A O   1 
ATOM   872  C CB  . ARG A 1 131 ? -7.497  6.463   -14.815 1.00 54.72 ? 127 ARG A CB  1 
ATOM   873  C CG  . ARG A 1 131 ? -6.623  7.403   -13.935 1.00 54.32 ? 127 ARG A CG  1 
ATOM   874  C CD  . ARG A 1 131 ? -7.489  8.391   -13.140 1.00 52.62 ? 127 ARG A CD  1 
ATOM   875  N NE  . ARG A 1 131 ? -6.766  9.185   -12.144 1.00 54.80 ? 127 ARG A NE  1 
ATOM   876  C CZ  . ARG A 1 131 ? -6.921  9.083   -10.820 1.00 55.37 ? 127 ARG A CZ  1 
ATOM   877  N NH1 . ARG A 1 131 ? -7.761  8.187   -10.309 1.00 53.35 ? 127 ARG A NH1 1 
ATOM   878  N NH2 . ARG A 1 131 ? -6.222  9.875   -9.996  1.00 55.11 ? 127 ARG A NH2 1 
ATOM   879  N N   . GLY A 1 132 ? -9.119  3.976   -15.007 1.00 56.16 ? 128 GLY A N   1 
ATOM   880  C CA  . GLY A 1 132 ? -10.087 2.971   -15.423 1.00 57.28 ? 128 GLY A CA  1 
ATOM   881  C C   . GLY A 1 132 ? -9.596  1.541   -15.239 1.00 57.67 ? 128 GLY A C   1 
ATOM   882  O O   . GLY A 1 132 ? -10.402 0.642   -15.045 1.00 58.13 ? 128 GLY A O   1 
ATOM   883  N N   . GLN A 1 133 ? -8.280  1.329   -15.273 1.00 58.23 ? 129 GLN A N   1 
ATOM   884  C CA  . GLN A 1 133 ? -7.689  -0.022  -15.300 1.00 58.63 ? 129 GLN A CA  1 
ATOM   885  C C   . GLN A 1 133 ? -7.802  -0.878  -14.015 1.00 58.31 ? 129 GLN A C   1 
ATOM   886  O O   . GLN A 1 133 ? -8.190  -2.040  -14.100 1.00 58.03 ? 129 GLN A O   1 
ATOM   887  C CB  . GLN A 1 133 ? -6.229  0.033   -15.801 1.00 59.31 ? 129 GLN A CB  1 
ATOM   888  C CG  . GLN A 1 133 ? -6.051  0.693   -17.189 1.00 60.39 ? 129 GLN A CG  1 
ATOM   889  C CD  . GLN A 1 133 ? -4.872  0.140   -17.993 1.00 61.15 ? 129 GLN A CD  1 
ATOM   890  O OE1 . GLN A 1 133 ? -4.518  0.684   -19.052 1.00 63.57 ? 129 GLN A OE1 1 
ATOM   891  N NE2 . GLN A 1 133 ? -4.275  -0.944  -17.513 1.00 58.66 ? 129 GLN A NE2 1 
ATOM   892  N N   . MET A 1 134 ? -7.448  -0.318  -12.854 1.00 57.68 ? 130 MET A N   1 
ATOM   893  C CA  . MET A 1 134 ? -7.510  -1.031  -11.568 1.00 57.47 ? 130 MET A CA  1 
ATOM   894  C C   . MET A 1 134 ? -8.718  -0.591  -10.780 1.00 57.05 ? 130 MET A C   1 
ATOM   895  O O   . MET A 1 134 ? -9.348  0.402   -11.139 1.00 56.99 ? 130 MET A O   1 
ATOM   896  C CB  . MET A 1 134 ? -6.277  -0.724  -10.706 1.00 57.72 ? 130 MET A CB  1 
ATOM   897  C CG  . MET A 1 134 ? -4.936  -1.136  -11.316 1.00 58.22 ? 130 MET A CG  1 
ATOM   898  S SD  . MET A 1 134 ? -4.736  -2.923  -11.358 1.00 55.80 ? 130 MET A SD  1 
ATOM   899  C CE  . MET A 1 134 ? -3.205  -3.080  -12.280 1.00 55.28 ? 130 MET A CE  1 
ATOM   900  N N   . GLN A 1 135 ? -9.011  -1.292  -9.686  1.00 56.11 ? 131 GLN A N   1 
ATOM   901  C CA  . GLN A 1 135 ? -10.058 -0.853  -8.774  1.00 56.11 ? 131 GLN A CA  1 
ATOM   902  C C   . GLN A 1 135 ? -9.757  0.528   -8.200  1.00 55.97 ? 131 GLN A C   1 
ATOM   903  O O   . GLN A 1 135 ? -8.609  0.841   -7.911  1.00 56.58 ? 131 GLN A O   1 
ATOM   904  C CB  . GLN A 1 135 ? -10.188 -1.804  -7.619  1.00 56.11 ? 131 GLN A CB  1 
ATOM   905  C CG  . GLN A 1 135 ? -10.724 -3.159  -7.959  1.00 57.50 ? 131 GLN A CG  1 
ATOM   906  C CD  . GLN A 1 135 ? -10.544 -4.112  -6.782  1.00 59.13 ? 131 GLN A CD  1 
ATOM   907  O OE1 . GLN A 1 135 ? -10.917 -5.277  -6.836  1.00 61.74 ? 131 GLN A OE1 1 
ATOM   908  N NE2 . GLN A 1 135 ? -9.960  -3.610  -5.718  1.00 59.70 ? 131 GLN A NE2 1 
ATOM   909  N N   . LYS A 1 136 ? -10.803 1.326   -7.985  1.00 55.39 ? 132 LYS A N   1 
ATOM   910  C CA  . LYS A 1 136 ? -10.677 2.754   -7.680  1.00 54.29 ? 132 LYS A CA  1 
ATOM   911  C C   . LYS A 1 136 ? -9.814  3.163   -6.447  1.00 53.78 ? 132 LYS A C   1 
ATOM   912  O O   . LYS A 1 136 ? -8.999  4.106   -6.537  1.00 54.27 ? 132 LYS A O   1 
ATOM   913  C CB  . LYS A 1 136 ? -12.077 3.353   -7.597  1.00 54.73 ? 132 LYS A CB  1 
ATOM   914  C CG  . LYS A 1 136 ? -12.182 4.823   -7.954  1.00 55.47 ? 132 LYS A CG  1 
ATOM   915  C CD  . LYS A 1 136 ? -11.983 5.051   -9.460  1.00 59.08 ? 132 LYS A CD  1 
ATOM   916  C CE  . LYS A 1 136 ? -12.259 6.513   -9.817  1.00 60.09 ? 132 LYS A CE  1 
ATOM   917  N NZ  . LYS A 1 136 ? -11.644 6.926   -11.117 1.00 63.59 ? 132 LYS A NZ  1 
ATOM   918  N N   . PRO A 1 137 ? -9.976  2.486   -5.292  1.00 52.46 ? 133 PRO A N   1 
ATOM   919  C CA  . PRO A 1 137 ? -9.141  2.973   -4.211  1.00 51.33 ? 133 PRO A CA  1 
ATOM   920  C C   . PRO A 1 137 ? -7.648  2.721   -4.491  1.00 50.89 ? 133 PRO A C   1 
ATOM   921  O O   . PRO A 1 137 ? -6.780  3.492   -4.013  1.00 51.43 ? 133 PRO A O   1 
ATOM   922  C CB  . PRO A 1 137 ? -9.608  2.151   -3.010  1.00 51.57 ? 133 PRO A CB  1 
ATOM   923  C CG  . PRO A 1 137 ? -10.934 1.492   -3.452  1.00 51.37 ? 133 PRO A CG  1 
ATOM   924  C CD  . PRO A 1 137 ? -10.738 1.285   -4.894  1.00 52.54 ? 133 PRO A CD  1 
ATOM   925  N N   . PHE A 1 138 ? -7.342  1.677   -5.265  1.00 48.80 ? 134 PHE A N   1 
ATOM   926  C CA  . PHE A 1 138 ? -5.966  1.338   -5.586  1.00 47.30 ? 134 PHE A CA  1 
ATOM   927  C C   . PHE A 1 138 ? -5.460  2.369   -6.590  1.00 46.63 ? 134 PHE A C   1 
ATOM   928  O O   . PHE A 1 138 ? -4.342  2.851   -6.502  1.00 45.46 ? 134 PHE A O   1 
ATOM   929  C CB  . PHE A 1 138 ? -5.912  -0.073  -6.158  1.00 46.95 ? 134 PHE A CB  1 
ATOM   930  C CG  . PHE A 1 138 ? -4.525  -0.633  -6.326  1.00 46.52 ? 134 PHE A CG  1 
ATOM   931  C CD1 . PHE A 1 138 ? -3.945  -1.405  -5.328  1.00 47.76 ? 134 PHE A CD1 1 
ATOM   932  C CD2 . PHE A 1 138 ? -3.811  -0.435  -7.504  1.00 45.81 ? 134 PHE A CD2 1 
ATOM   933  C CE1 . PHE A 1 138 ? -2.649  -1.939  -5.494  1.00 46.34 ? 134 PHE A CE1 1 
ATOM   934  C CE2 . PHE A 1 138 ? -2.522  -0.963  -7.672  1.00 43.25 ? 134 PHE A CE2 1 
ATOM   935  C CZ  . PHE A 1 138 ? -1.958  -1.717  -6.680  1.00 44.55 ? 134 PHE A CZ  1 
ATOM   936  N N   . GLU A 1 139 ? -6.317  2.734   -7.527  1.00 46.79 ? 135 GLU A N   1 
ATOM   937  C CA  . GLU A 1 139 ? -6.000  3.761   -8.510  1.00 47.05 ? 135 GLU A CA  1 
ATOM   938  C C   . GLU A 1 139 ? -5.721  5.066   -7.793  1.00 47.28 ? 135 GLU A C   1 
ATOM   939  O O   . GLU A 1 139 ? -4.660  5.676   -7.954  1.00 47.67 ? 135 GLU A O   1 
ATOM   940  C CB  . GLU A 1 139 ? -7.195  3.949   -9.434  1.00 47.14 ? 135 GLU A CB  1 
ATOM   941  C CG  . GLU A 1 139 ? -6.950  4.763   -10.707 1.00 47.83 ? 135 GLU A CG  1 
ATOM   942  C CD  . GLU A 1 139 ? -8.227  4.917   -11.612 1.00 47.77 ? 135 GLU A CD  1 
ATOM   943  O OE1 . GLU A 1 139 ? -8.835  3.896   -12.042 1.00 46.46 ? 135 GLU A OE1 1 
ATOM   944  O OE2 . GLU A 1 139 ? -8.613  6.067   -11.905 1.00 46.61 ? 135 GLU A OE2 1 
ATOM   945  N N   . ASP A 1 140 ? -6.680  5.491   -6.989  1.00 47.21 ? 136 ASP A N   1 
ATOM   946  C CA  . ASP A 1 140 ? -6.616  6.803   -6.409  1.00 47.42 ? 136 ASP A CA  1 
ATOM   947  C C   . ASP A 1 140 ? -5.317  6.947   -5.623  1.00 47.44 ? 136 ASP A C   1 
ATOM   948  O O   . ASP A 1 140 ? -4.607  7.923   -5.812  1.00 47.00 ? 136 ASP A O   1 
ATOM   949  C CB  . ASP A 1 140 ? -7.872  7.081   -5.572  1.00 48.05 ? 136 ASP A CB  1 
ATOM   950  C CG  . ASP A 1 140 ? -9.064  7.489   -6.426  1.00 48.47 ? 136 ASP A CG  1 
ATOM   951  O OD1 . ASP A 1 140 ? -8.967  7.405   -7.668  1.00 48.36 ? 136 ASP A OD1 1 
ATOM   952  O OD2 . ASP A 1 140 ? -10.099 7.908   -5.859  1.00 48.77 ? 136 ASP A OD2 1 
ATOM   953  N N   . ALA A 1 141 ? -4.990  5.951   -4.789  1.00 47.26 ? 137 ALA A N   1 
ATOM   954  C CA  . ALA A 1 141 ? -3.668  5.863   -4.159  1.00 47.06 ? 137 ALA A CA  1 
ATOM   955  C C   . ALA A 1 141 ? -2.524  5.849   -5.197  1.00 47.23 ? 137 ALA A C   1 
ATOM   956  O O   . ALA A 1 141 ? -1.581  6.659   -5.108  1.00 47.74 ? 137 ALA A O   1 
ATOM   957  C CB  . ALA A 1 141 ? -3.571  4.618   -3.243  1.00 46.67 ? 137 ALA A CB  1 
ATOM   958  N N   . SER A 1 142 ? -2.590  4.949   -6.177  1.00 45.84 ? 138 SER A N   1 
ATOM   959  C CA  . SER A 1 142 ? -1.510  4.837   -7.145  1.00 45.42 ? 138 SER A CA  1 
ATOM   960  C C   . SER A 1 142 ? -1.184  6.129   -7.886  1.00 45.60 ? 138 SER A C   1 
ATOM   961  O O   . SER A 1 142 ? -0.110  6.253   -8.464  1.00 46.03 ? 138 SER A O   1 
ATOM   962  C CB  . SER A 1 142 ? -1.843  3.783   -8.183  1.00 45.09 ? 138 SER A CB  1 
ATOM   963  O OG  . SER A 1 142 ? -1.984  2.508   -7.601  1.00 44.93 ? 138 SER A OG  1 
ATOM   964  N N   . PHE A 1 143 ? -2.109  7.081   -7.918  1.00 45.56 ? 139 PHE A N   1 
ATOM   965  C CA  . PHE A 1 143 ? -1.909  8.257   -8.765  1.00 44.86 ? 139 PHE A CA  1 
ATOM   966  C C   . PHE A 1 143 ? -1.533  9.414   -7.940  1.00 45.11 ? 139 PHE A C   1 
ATOM   967  O O   . PHE A 1 143 ? -1.141  10.448  -8.478  1.00 46.15 ? 139 PHE A O   1 
ATOM   968  C CB  . PHE A 1 143 ? -3.150  8.585   -9.585  1.00 44.36 ? 139 PHE A CB  1 
ATOM   969  C CG  . PHE A 1 143 ? -3.186  7.858   -10.915 1.00 44.54 ? 139 PHE A CG  1 
ATOM   970  C CD1 . PHE A 1 143 ? -3.872  6.637   -11.039 1.00 43.11 ? 139 PHE A CD1 1 
ATOM   971  C CD2 . PHE A 1 143 ? -2.495  8.366   -12.026 1.00 40.33 ? 139 PHE A CD2 1 
ATOM   972  C CE1 . PHE A 1 143 ? -3.875  5.930   -12.265 1.00 44.12 ? 139 PHE A CE1 1 
ATOM   973  C CE2 . PHE A 1 143 ? -2.478  7.691   -13.230 1.00 38.83 ? 139 PHE A CE2 1 
ATOM   974  C CZ  . PHE A 1 143 ? -3.175  6.463   -13.368 1.00 42.67 ? 139 PHE A CZ  1 
ATOM   975  N N   . ALA A 1 144 ? -1.626  9.225   -6.634  1.00 44.08 ? 140 ALA A N   1 
ATOM   976  C CA  . ALA A 1 144 ? -1.561  10.308  -5.706  1.00 44.26 ? 140 ALA A CA  1 
ATOM   977  C C   . ALA A 1 144 ? -0.221  10.231  -5.042  1.00 44.56 ? 140 ALA A C   1 
ATOM   978  O O   . ALA A 1 144 ? 0.243   11.178  -4.405  1.00 44.42 ? 140 ALA A O   1 
ATOM   979  C CB  . ALA A 1 144 ? -2.684  10.191  -4.679  1.00 44.12 ? 140 ALA A CB  1 
ATOM   980  N N   . LEU A 1 145 ? 0.387   9.066   -5.179  1.00 45.06 ? 141 LEU A N   1 
ATOM   981  C CA  . LEU A 1 145 ? 1.761   8.876   -4.784  1.00 45.94 ? 141 LEU A CA  1 
ATOM   982  C C   . LEU A 1 145 ? 2.638   9.536   -5.835  1.00 47.30 ? 141 LEU A C   1 
ATOM   983  O O   . LEU A 1 145 ? 2.238   9.663   -7.002  1.00 47.79 ? 141 LEU A O   1 
ATOM   984  C CB  . LEU A 1 145 ? 2.097   7.377   -4.725  1.00 45.46 ? 141 LEU A CB  1 
ATOM   985  C CG  . LEU A 1 145 ? 1.410   6.485   -3.680  1.00 44.11 ? 141 LEU A CG  1 
ATOM   986  C CD1 . LEU A 1 145 ? 1.654   5.031   -3.997  1.00 39.55 ? 141 LEU A CD1 1 
ATOM   987  C CD2 . LEU A 1 145 ? 1.786   6.808   -2.221  1.00 41.48 ? 141 LEU A CD2 1 
ATOM   988  N N   . ARG A 1 146 ? 3.837   9.949   -5.452  1.00 48.58 ? 142 ARG A N   1 
ATOM   989  C CA  . ARG A 1 146 ? 4.787   10.294  -6.482  1.00 49.83 ? 142 ARG A CA  1 
ATOM   990  C C   . ARG A 1 146 ? 5.882   9.251   -6.520  1.00 49.31 ? 142 ARG A C   1 
ATOM   991  O O   . ARG A 1 146 ? 6.238   8.687   -5.482  1.00 48.95 ? 142 ARG A O   1 
ATOM   992  C CB  . ARG A 1 146 ? 5.345   11.713  -6.301  1.00 51.26 ? 142 ARG A CB  1 
ATOM   993  C CG  . ARG A 1 146 ? 4.746   12.773  -7.296  1.00 55.53 ? 142 ARG A CG  1 
ATOM   994  C CD  . ARG A 1 146 ? 3.498   13.453  -6.712  1.00 61.63 ? 142 ARG A CD  1 
ATOM   995  N NE  . ARG A 1 146 ? 3.836   14.082  -5.424  1.00 67.03 ? 142 ARG A NE  1 
ATOM   996  C CZ  . ARG A 1 146 ? 2.963   14.623  -4.567  1.00 69.58 ? 142 ARG A CZ  1 
ATOM   997  N NH1 . ARG A 1 146 ? 1.647   14.629  -4.858  1.00 69.95 ? 142 ARG A NH1 1 
ATOM   998  N NH2 . ARG A 1 146 ? 3.412   15.149  -3.413  1.00 68.26 ? 142 ARG A NH2 1 
ATOM   999  N N   . THR A 1 147 ? 6.390   8.988   -7.723  1.00 48.71 ? 143 THR A N   1 
ATOM   1000 C CA  . THR A 1 147 ? 7.602   8.174   -7.901  1.00 47.89 ? 143 THR A CA  1 
ATOM   1001 C C   . THR A 1 147 ? 8.434   8.109   -6.614  1.00 47.46 ? 143 THR A C   1 
ATOM   1002 O O   . THR A 1 147 ? 9.027   9.102   -6.196  1.00 47.84 ? 143 THR A O   1 
ATOM   1003 C CB  . THR A 1 147 ? 8.457   8.679   -9.076  1.00 47.76 ? 143 THR A CB  1 
ATOM   1004 O OG1 . THR A 1 147 ? 7.604   8.945   -10.205 1.00 48.98 ? 143 THR A OG1 1 
ATOM   1005 C CG2 . THR A 1 147 ? 9.479   7.643   -9.450  1.00 45.79 ? 143 THR A CG2 1 
ATOM   1006 N N   . GLY A 1 148 ? 8.411   6.943   -5.965  1.00 47.02 ? 144 GLY A N   1 
ATOM   1007 C CA  . GLY A 1 148 ? 9.168   6.680   -4.738  1.00 45.80 ? 144 GLY A CA  1 
ATOM   1008 C C   . GLY A 1 148 ? 8.330   6.467   -3.482  1.00 45.53 ? 144 GLY A C   1 
ATOM   1009 O O   . GLY A 1 148 ? 8.739   5.762   -2.540  1.00 44.65 ? 144 GLY A O   1 
ATOM   1010 N N   . GLU A 1 149 ? 7.148   7.073   -3.452  1.00 45.08 ? 145 GLU A N   1 
ATOM   1011 C CA  . GLU A 1 149 ? 6.339   6.951   -2.274  1.00 45.29 ? 145 GLU A CA  1 
ATOM   1012 C C   . GLU A 1 149 ? 5.732   5.595   -2.189  1.00 45.16 ? 145 GLU A C   1 
ATOM   1013 O O   . GLU A 1 149 ? 5.310   5.018   -3.184  1.00 45.14 ? 145 GLU A O   1 
ATOM   1014 C CB  . GLU A 1 149 ? 5.252   7.973   -2.264  1.00 45.36 ? 145 GLU A CB  1 
ATOM   1015 C CG  . GLU A 1 149 ? 5.816   9.293   -2.496  1.00 49.39 ? 145 GLU A CG  1 
ATOM   1016 C CD  . GLU A 1 149 ? 5.024   10.355  -1.831  1.00 54.09 ? 145 GLU A CD  1 
ATOM   1017 O OE1 . GLU A 1 149 ? 4.803   11.385  -2.548  1.00 51.54 ? 145 GLU A OE1 1 
ATOM   1018 O OE2 . GLU A 1 149 ? 4.660   10.132  -0.612  1.00 54.17 ? 145 GLU A OE2 1 
ATOM   1019 N N   . MET A 1 150 ? 5.751   5.071   -0.979  1.00 45.35 ? 146 MET A N   1 
ATOM   1020 C CA  . MET A 1 150 ? 4.978   3.922   -0.649  1.00 45.29 ? 146 MET A CA  1 
ATOM   1021 C C   . MET A 1 150 ? 3.703   4.517   -0.118  1.00 45.04 ? 146 MET A C   1 
ATOM   1022 O O   . MET A 1 150 ? 3.717   5.674   0.326   1.00 46.33 ? 146 MET A O   1 
ATOM   1023 C CB  . MET A 1 150 ? 5.684   3.188   0.442   1.00 45.47 ? 146 MET A CB  1 
ATOM   1024 C CG  . MET A 1 150 ? 5.315   1.744   0.511   1.00 46.60 ? 146 MET A CG  1 
ATOM   1025 S SD  . MET A 1 150 ? 6.262   1.079   1.853   1.00 49.73 ? 146 MET A SD  1 
ATOM   1026 C CE  . MET A 1 150 ? 5.559   2.039   3.213   1.00 44.15 ? 146 MET A CE  1 
ATOM   1027 N N   . SER A 1 151 ? 2.610   3.762   -0.189  1.00 43.45 ? 147 SER A N   1 
ATOM   1028 C CA  . SER A 1 151 ? 1.352   4.156   0.427   1.00 42.20 ? 147 SER A CA  1 
ATOM   1029 C C   . SER A 1 151 ? 1.322   3.609   1.850   1.00 41.46 ? 147 SER A C   1 
ATOM   1030 O O   . SER A 1 151 ? 2.156   2.810   2.206   1.00 41.10 ? 147 SER A O   1 
ATOM   1031 C CB  . SER A 1 151 ? 0.193   3.537   -0.357  1.00 42.02 ? 147 SER A CB  1 
ATOM   1032 O OG  . SER A 1 151 ? 0.074   2.181   0.012   1.00 39.28 ? 147 SER A OG  1 
ATOM   1033 N N   . GLY A 1 152 ? 0.364   4.049   2.659   1.00 41.33 ? 148 GLY A N   1 
ATOM   1034 C CA  . GLY A 1 152 ? -0.044  3.320   3.864   1.00 40.71 ? 148 GLY A CA  1 
ATOM   1035 C C   . GLY A 1 152 ? -0.982  2.179   3.493   1.00 41.40 ? 148 GLY A C   1 
ATOM   1036 O O   . GLY A 1 152 ? -1.019  1.763   2.332   1.00 41.60 ? 148 GLY A O   1 
ATOM   1037 N N   . PRO A 1 153 ? -1.736  1.642   4.469   1.00 41.65 ? 149 PRO A N   1 
ATOM   1038 C CA  . PRO A 1 153 ? -2.665  0.556   4.153   1.00 42.03 ? 149 PRO A CA  1 
ATOM   1039 C C   . PRO A 1 153 ? -3.790  1.050   3.271   1.00 41.54 ? 149 PRO A C   1 
ATOM   1040 O O   . PRO A 1 153 ? -4.364  2.110   3.564   1.00 40.71 ? 149 PRO A O   1 
ATOM   1041 C CB  . PRO A 1 153 ? -3.223  0.151   5.527   1.00 41.93 ? 149 PRO A CB  1 
ATOM   1042 C CG  . PRO A 1 153 ? -3.014  1.337   6.410   1.00 41.98 ? 149 PRO A CG  1 
ATOM   1043 C CD  . PRO A 1 153 ? -1.715  1.932   5.917   1.00 42.54 ? 149 PRO A CD  1 
ATOM   1044 N N   . VAL A 1 154 ? -4.079  0.303   2.200   1.00 41.23 ? 150 VAL A N   1 
ATOM   1045 C CA  . VAL A 1 154 ? -5.141  0.678   1.237   1.00 40.66 ? 150 VAL A CA  1 
ATOM   1046 C C   . VAL A 1 154 ? -6.061  -0.496  1.083   1.00 41.56 ? 150 VAL A C   1 
ATOM   1047 O O   . VAL A 1 154 ? -5.606  -1.626  0.953   1.00 41.47 ? 150 VAL A O   1 
ATOM   1048 C CB  . VAL A 1 154 ? -4.588  1.132   -0.126  1.00 39.88 ? 150 VAL A CB  1 
ATOM   1049 C CG1 . VAL A 1 154 ? -5.683  1.373   -1.101  1.00 38.23 ? 150 VAL A CG1 1 
ATOM   1050 C CG2 . VAL A 1 154 ? -3.858  2.389   0.051   1.00 39.76 ? 150 VAL A CG2 1 
ATOM   1051 N N   . PHE A 1 155 ? -7.356  -0.217  1.135   1.00 42.82 ? 151 PHE A N   1 
ATOM   1052 C CA  . PHE A 1 155 ? -8.355  -1.241  1.286   1.00 44.28 ? 151 PHE A CA  1 
ATOM   1053 C C   . PHE A 1 155 ? -9.090  -1.360  -0.002  1.00 45.40 ? 151 PHE A C   1 
ATOM   1054 O O   . PHE A 1 155 ? -9.582  -0.365  -0.528  1.00 46.69 ? 151 PHE A O   1 
ATOM   1055 C CB  . PHE A 1 155 ? -9.354  -0.800  2.342   1.00 44.45 ? 151 PHE A CB  1 
ATOM   1056 C CG  . PHE A 1 155 ? -8.845  -0.910  3.733   1.00 44.54 ? 151 PHE A CG  1 
ATOM   1057 C CD1 . PHE A 1 155 ? -7.951  0.017   4.231   1.00 45.17 ? 151 PHE A CD1 1 
ATOM   1058 C CD2 . PHE A 1 155 ? -9.271  -1.936  4.554   1.00 46.87 ? 151 PHE A CD2 1 
ATOM   1059 C CE1 . PHE A 1 155 ? -7.489  -0.078  5.537   1.00 43.82 ? 151 PHE A CE1 1 
ATOM   1060 C CE2 . PHE A 1 155 ? -8.801  -2.049  5.850   1.00 46.04 ? 151 PHE A CE2 1 
ATOM   1061 C CZ  . PHE A 1 155 ? -7.912  -1.096  6.342   1.00 44.52 ? 151 PHE A CZ  1 
ATOM   1062 N N   . THR A 1 156 ? -9.195  -2.561  -0.535  1.00 46.20 ? 152 THR A N   1 
ATOM   1063 C CA  . THR A 1 156 ? -9.971  -2.742  -1.730  1.00 46.76 ? 152 THR A CA  1 
ATOM   1064 C C   . THR A 1 156 ? -10.743 -3.973  -1.405  1.00 48.35 ? 152 THR A C   1 
ATOM   1065 O O   . THR A 1 156 ? -10.507 -4.566  -0.338  1.00 48.33 ? 152 THR A O   1 
ATOM   1066 C CB  . THR A 1 156 ? -9.080  -3.056  -2.910  1.00 47.38 ? 152 THR A CB  1 
ATOM   1067 O OG1 . THR A 1 156 ? -8.431  -4.315  -2.689  1.00 47.32 ? 152 THR A OG1 1 
ATOM   1068 C CG2 . THR A 1 156 ? -8.042  -1.965  -3.139  1.00 45.03 ? 152 THR A CG2 1 
ATOM   1069 N N   . ASP A 1 157 ? -11.626 -4.390  -2.324  1.00 48.92 ? 153 ASP A N   1 
ATOM   1070 C CA  . ASP A 1 157 ? -12.374 -5.647  -2.193  1.00 48.70 ? 153 ASP A CA  1 
ATOM   1071 C C   . ASP A 1 157 ? -11.545 -6.906  -2.215  1.00 47.75 ? 153 ASP A C   1 
ATOM   1072 O O   . ASP A 1 157 ? -12.086 -7.994  -2.080  1.00 47.66 ? 153 ASP A O   1 
ATOM   1073 C CB  . ASP A 1 157 ? -13.383 -5.739  -3.317  1.00 49.53 ? 153 ASP A CB  1 
ATOM   1074 C CG  . ASP A 1 157 ? -14.451 -4.684  -3.209  1.00 52.82 ? 153 ASP A CG  1 
ATOM   1075 O OD1 . ASP A 1 157 ? -14.850 -4.380  -2.055  1.00 54.83 ? 153 ASP A OD1 1 
ATOM   1076 O OD2 . ASP A 1 157 ? -14.873 -4.156  -4.276  1.00 58.03 ? 153 ASP A OD2 1 
ATOM   1077 N N   . SER A 1 158 ? -10.241 -6.761  -2.403  1.00 47.35 ? 154 SER A N   1 
ATOM   1078 C CA  . SER A 1 158 ? -9.341  -7.886  -2.575  1.00 46.91 ? 154 SER A CA  1 
ATOM   1079 C C   . SER A 1 158 ? -8.660  -8.146  -1.296  1.00 47.12 ? 154 SER A C   1 
ATOM   1080 O O   . SER A 1 158 ? -8.522  -9.287  -0.877  1.00 48.58 ? 154 SER A O   1 
ATOM   1081 C CB  . SER A 1 158 ? -8.306  -7.580  -3.633  1.00 46.58 ? 154 SER A CB  1 
ATOM   1082 O OG  . SER A 1 158 ? -8.967  -7.043  -4.765  1.00 48.17 ? 154 SER A OG  1 
ATOM   1083 N N   . GLY A 1 159 ? -8.249  -7.079  -0.642  1.00 46.78 ? 155 GLY A N   1 
ATOM   1084 C CA  . GLY A 1 159 ? -7.627  -7.226  0.660   1.00 45.75 ? 155 GLY A CA  1 
ATOM   1085 C C   . GLY A 1 159 ? -7.045  -5.907  1.078   1.00 44.39 ? 155 GLY A C   1 
ATOM   1086 O O   . GLY A 1 159 ? -7.643  -4.867  0.845   1.00 44.61 ? 155 GLY A O   1 
ATOM   1087 N N   . ILE A 1 160 ? -5.874  -5.952  1.696   1.00 43.93 ? 156 ILE A N   1 
ATOM   1088 C CA  . ILE A 1 160 ? -5.196  -4.726  2.078   1.00 42.91 ? 156 ILE A CA  1 
ATOM   1089 C C   . ILE A 1 160 ? -3.862  -4.655  1.329   1.00 42.11 ? 156 ILE A C   1 
ATOM   1090 O O   . ILE A 1 160 ? -3.106  -5.635  1.324   1.00 41.99 ? 156 ILE A O   1 
ATOM   1091 C CB  . ILE A 1 160 ? -5.005  -4.648  3.598   1.00 42.63 ? 156 ILE A CB  1 
ATOM   1092 C CG1 . ILE A 1 160 ? -6.329  -4.790  4.317   1.00 42.31 ? 156 ILE A CG1 1 
ATOM   1093 C CG2 . ILE A 1 160 ? -4.474  -3.299  3.992   1.00 43.92 ? 156 ILE A CG2 1 
ATOM   1094 C CD1 . ILE A 1 160 ? -6.194  -4.661  5.851   1.00 40.63 ? 156 ILE A CD1 1 
ATOM   1095 N N   . HIS A 1 161 ? -3.587  -3.495  0.725   1.00 40.70 ? 157 HIS A N   1 
ATOM   1096 C CA  . HIS A 1 161 ? -2.363  -3.254  -0.041  1.00 39.05 ? 157 HIS A CA  1 
ATOM   1097 C C   . HIS A 1 161 ? -1.396  -2.251  0.603   1.00 38.51 ? 157 HIS A C   1 
ATOM   1098 O O   . HIS A 1 161 ? -1.797  -1.328  1.348   1.00 37.90 ? 157 HIS A O   1 
ATOM   1099 C CB  . HIS A 1 161 ? -2.684  -2.653  -1.389  1.00 38.54 ? 157 HIS A CB  1 
ATOM   1100 C CG  . HIS A 1 161 ? -3.792  -3.333  -2.124  1.00 39.97 ? 157 HIS A CG  1 
ATOM   1101 N ND1 . HIS A 1 161 ? -3.582  -4.007  -3.305  1.00 39.20 ? 157 HIS A ND1 1 
ATOM   1102 C CD2 . HIS A 1 161 ? -5.123  -3.403  -1.879  1.00 39.11 ? 157 HIS A CD2 1 
ATOM   1103 C CE1 . HIS A 1 161 ? -4.738  -4.467  -3.759  1.00 40.77 ? 157 HIS A CE1 1 
ATOM   1104 N NE2 . HIS A 1 161 ? -5.689  -4.105  -2.915  1.00 40.16 ? 157 HIS A NE2 1 
ATOM   1105 N N   . ILE A 1 162 ? -0.114  -2.475  0.285   1.00 36.79 ? 158 ILE A N   1 
ATOM   1106 C CA  . ILE A 1 162 ? 0.933   -1.492  0.367   1.00 35.17 ? 158 ILE A CA  1 
ATOM   1107 C C   . ILE A 1 162 ? 1.341   -1.392  -1.060  1.00 34.41 ? 158 ILE A C   1 
ATOM   1108 O O   . ILE A 1 162 ? 1.638   -2.417  -1.711  1.00 33.38 ? 158 ILE A O   1 
ATOM   1109 C CB  . ILE A 1 162 ? 2.131   -1.954  1.156   1.00 33.92 ? 158 ILE A CB  1 
ATOM   1110 C CG1 . ILE A 1 162 ? 1.723   -2.224  2.592   1.00 36.49 ? 158 ILE A CG1 1 
ATOM   1111 C CG2 . ILE A 1 162 ? 3.065   -0.858  1.258   1.00 36.65 ? 158 ILE A CG2 1 
ATOM   1112 C CD1 . ILE A 1 162 ? 2.824   -2.876  3.463   1.00 36.96 ? 158 ILE A CD1 1 
ATOM   1113 N N   . ILE A 1 163 ? 1.335   -0.146  -1.518  1.00 33.74 ? 159 ILE A N   1 
ATOM   1114 C CA  . ILE A 1 163 ? 1.506   0.241   -2.898  1.00 33.82 ? 159 ILE A CA  1 
ATOM   1115 C C   . ILE A 1 163 ? 2.721   1.106   -2.932  1.00 34.43 ? 159 ILE A C   1 
ATOM   1116 O O   . ILE A 1 163 ? 2.733   2.146   -2.281  1.00 34.74 ? 159 ILE A O   1 
ATOM   1117 C CB  . ILE A 1 163 ? 0.336   1.130   -3.360  1.00 32.93 ? 159 ILE A CB  1 
ATOM   1118 C CG1 . ILE A 1 163 ? -0.984  0.377   -3.155  1.00 33.50 ? 159 ILE A CG1 1 
ATOM   1119 C CG2 . ILE A 1 163 ? 0.541   1.530   -4.796  1.00 33.83 ? 159 ILE A CG2 1 
ATOM   1120 C CD1 . ILE A 1 163 ? -2.310  1.015   -3.675  1.00 29.82 ? 159 ILE A CD1 1 
ATOM   1121 N N   . LEU A 1 164 ? 3.747   0.667   -3.661  1.00 34.55 ? 160 LEU A N   1 
ATOM   1122 C CA  . LEU A 1 164 ? 4.872   1.498   -3.972  1.00 34.88 ? 160 LEU A CA  1 
ATOM   1123 C C   . LEU A 1 164 ? 4.673   1.928   -5.382  1.00 36.48 ? 160 LEU A C   1 
ATOM   1124 O O   . LEU A 1 164 ? 4.215   1.113   -6.199  1.00 37.98 ? 160 LEU A O   1 
ATOM   1125 C CB  . LEU A 1 164 ? 6.107   0.655   -3.953  1.00 34.32 ? 160 LEU A CB  1 
ATOM   1126 C CG  . LEU A 1 164 ? 7.409   1.424   -4.026  1.00 31.08 ? 160 LEU A CG  1 
ATOM   1127 C CD1 . LEU A 1 164 ? 7.535   2.188   -2.787  1.00 31.00 ? 160 LEU A CD1 1 
ATOM   1128 C CD2 . LEU A 1 164 ? 8.577   0.469   -4.203  1.00 31.71 ? 160 LEU A CD2 1 
ATOM   1129 N N   . ARG A 1 165 ? 4.995   3.187   -5.705  1.00 37.20 ? 161 ARG A N   1 
ATOM   1130 C CA  . ARG A 1 165 ? 4.916   3.671   -7.108  1.00 37.45 ? 161 ARG A CA  1 
ATOM   1131 C C   . ARG A 1 165 ? 6.310   3.800   -7.682  1.00 37.51 ? 161 ARG A C   1 
ATOM   1132 O O   . ARG A 1 165 ? 7.144   4.459   -7.073  1.00 37.30 ? 161 ARG A O   1 
ATOM   1133 C CB  . ARG A 1 165 ? 4.196   4.992   -7.198  1.00 37.86 ? 161 ARG A CB  1 
ATOM   1134 C CG  . ARG A 1 165 ? 4.530   5.792   -8.475  1.00 41.00 ? 161 ARG A CG  1 
ATOM   1135 C CD  . ARG A 1 165 ? 3.661   7.034   -8.661  1.00 47.28 ? 161 ARG A CD  1 
ATOM   1136 N NE  . ARG A 1 165 ? 3.902   7.633   -9.988  1.00 52.23 ? 161 ARG A NE  1 
ATOM   1137 C CZ  . ARG A 1 165 ? 3.774   8.935   -10.297 1.00 52.72 ? 161 ARG A CZ  1 
ATOM   1138 N NH1 . ARG A 1 165 ? 3.388   9.825   -9.387  1.00 53.52 ? 161 ARG A NH1 1 
ATOM   1139 N NH2 . ARG A 1 165 ? 4.022   9.358   -11.535 1.00 50.96 ? 161 ARG A NH2 1 
ATOM   1140 N N   . THR A 1 166 ? 6.571   3.173   -8.830  1.00 37.69 ? 162 THR A N   1 
ATOM   1141 C CA  . THR A 1 166 ? 7.953   3.033   -9.345  1.00 39.69 ? 162 THR A CA  1 
ATOM   1142 C C   . THR A 1 166 ? 8.289   3.979   -10.509 1.00 41.05 ? 162 THR A C   1 
ATOM   1143 O O   . THR A 1 166 ? 9.397   4.479   -10.626 1.00 41.12 ? 162 THR A O   1 
ATOM   1144 C CB  . THR A 1 166 ? 8.303   1.583   -9.768  1.00 39.35 ? 162 THR A CB  1 
ATOM   1145 O OG1 . THR A 1 166 ? 7.303   1.087   -10.650 1.00 39.15 ? 162 THR A OG1 1 
ATOM   1146 C CG2 . THR A 1 166 ? 8.399   0.646   -8.565  1.00 39.67 ? 162 THR A CG2 1 
ATOM   1147 N N   . GLU A 1 167 ? 7.328   4.205   -11.386 1.00 43.19 ? 163 GLU A N   1 
ATOM   1148 C CA  . GLU A 1 167 ? 7.472   5.183   -12.456 1.00 45.16 ? 163 GLU A CA  1 
ATOM   1149 C C   . GLU A 1 167 ? 6.100   5.846   -12.524 1.00 45.19 ? 163 GLU A C   1 
ATOM   1150 O O   . GLU A 1 167 ? 5.108   5.288   -12.069 1.00 44.26 ? 163 GLU A O   1 
ATOM   1151 C CB  . GLU A 1 167 ? 7.800   4.507   -13.811 1.00 46.38 ? 163 GLU A CB  1 
ATOM   1152 C CG  . GLU A 1 167 ? 8.825   3.333   -13.775 1.00 48.66 ? 163 GLU A CG  1 
ATOM   1153 C CD  . GLU A 1 167 ? 8.938   2.578   -15.110 1.00 52.67 ? 163 GLU A CD  1 
ATOM   1154 O OE1 . GLU A 1 167 ? 7.912   2.471   -15.837 1.00 53.88 ? 163 GLU A OE1 1 
ATOM   1155 O OE2 . GLU A 1 167 ? 10.059  2.074   -15.425 1.00 52.99 ? 163 GLU A OE2 1 
ATOM   1156 O OXT . GLU A 1 167 ? 5.951   6.955   -13.019 1.00 46.00 ? 163 GLU A OXT 1 
HETATM 1157 C C1  . PE4 B 2 .   ? 8.037   8.579   4.873   1.00 71.81 ? 164 PE4 A C1  1 
HETATM 1158 C C2  . PE4 B 2 .   ? 7.079   8.710   3.694   1.00 72.89 ? 164 PE4 A C2  1 
HETATM 1159 O O2  . PE4 B 2 .   ? 6.446   7.439   3.511   1.00 73.80 ? 164 PE4 A O2  1 
HETATM 1160 C C3  . PE4 B 2 .   ? 5.035   7.469   3.239   1.00 72.48 ? 164 PE4 A C3  1 
HETATM 1161 C C4  . PE4 B 2 .   ? 4.169   7.147   4.473   1.00 72.23 ? 164 PE4 A C4  1 
HETATM 1162 O O3  . PE4 B 2 .   ? 3.846   5.752   4.700   1.00 72.51 ? 164 PE4 A O3  1 
HETATM 1163 C C5  . PE4 B 2 .   ? 2.557   5.564   5.314   1.00 70.27 ? 164 PE4 A C5  1 
HETATM 1164 C C6  . PE4 B 2 .   ? 2.599   4.677   6.555   1.00 70.34 ? 164 PE4 A C6  1 
HETATM 1165 O O4  . PE4 B 2 .   ? 2.292   5.453   7.723   1.00 71.33 ? 164 PE4 A O4  1 
HETATM 1166 C C7  . PE4 B 2 .   ? 2.478   4.802   8.994   1.00 68.68 ? 164 PE4 A C7  1 
HETATM 1167 C C8  . PE4 B 2 .   ? 3.954   4.648   9.357   1.00 66.71 ? 164 PE4 A C8  1 
HETATM 1168 O O5  . PE4 B 2 .   ? 4.166   4.767   10.768  1.00 66.72 ? 164 PE4 A O5  1 
HETATM 1169 C C9  . PE4 B 2 .   ? 5.362   5.500   11.087  1.00 65.13 ? 164 PE4 A C9  1 
HETATM 1170 C C10 . PE4 B 2 .   ? 5.496   6.837   10.334  1.00 64.72 ? 164 PE4 A C10 1 
HETATM 1171 O O6  . PE4 B 2 .   ? 5.911   7.900   11.195  1.00 62.40 ? 164 PE4 A O6  1 
HETATM 1172 C C11 . PE4 B 2 .   ? 5.145   9.083   10.959  1.00 64.69 ? 164 PE4 A C11 1 
HETATM 1173 C C12 . PE4 B 2 .   ? 4.431   9.479   12.252  1.00 65.47 ? 164 PE4 A C12 1 
HETATM 1174 O O7  . PE4 B 2 .   ? 3.458   10.506  12.020  1.00 66.17 ? 164 PE4 A O7  1 
HETATM 1175 C C13 . PE4 B 2 .   ? 2.430   10.614  13.033  1.00 67.59 ? 164 PE4 A C13 1 
HETATM 1176 C C14 . PE4 B 2 .   ? 1.710   9.288   13.312  1.00 69.37 ? 164 PE4 A C14 1 
HETATM 1177 O O8  . PE4 B 2 .   ? 0.283   9.410   13.358  1.00 71.80 ? 164 PE4 A O8  1 
HETATM 1178 C C15 . PE4 B 2 .   ? -0.418  8.740   12.292  1.00 72.35 ? 164 PE4 A C15 1 
HETATM 1179 C C16 . PE4 B 2 .   ? -0.444  7.228   12.477  1.00 73.08 ? 164 PE4 A C16 1 
HETATM 1180 C C12 . ODK C 3 .   ? -4.829  -5.237  -7.782  1.00 53.17 ? 165 ODK A C12 1 
HETATM 1181 C C14 . ODK C 3 .   ? -5.216  -3.919  -7.930  1.00 53.48 ? 165 ODK A C14 1 
HETATM 1182 C C13 . ODK C 3 .   ? -6.457  -3.537  -7.448  1.00 52.80 ? 165 ODK A C13 1 
HETATM 1183 C C11 . ODK C 3 .   ? -7.271  -4.482  -6.830  1.00 54.42 ? 165 ODK A C11 1 
HETATM 1184 N N8  . ODK C 3 .   ? -6.879  -5.742  -6.685  1.00 54.83 ? 165 ODK A N8  1 
HETATM 1185 C C7  . ODK C 3 .   ? -5.682  -6.143  -7.160  1.00 53.67 ? 165 ODK A C7  1 
HETATM 1186 C C4  . ODK C 3 .   ? -5.269  -7.458  -6.992  1.00 53.13 ? 165 ODK A C4  1 
HETATM 1187 C C2  . ODK C 3 .   ? -6.026  -8.558  -6.886  1.00 53.18 ? 165 ODK A C2  1 
HETATM 1188 C C1  . ODK C 3 .   ? -5.132  -9.537  -6.702  1.00 54.40 ? 165 ODK A C1  1 
HETATM 1189 C C6  . ODK C 3 .   ? -5.423  -11.034 -6.533  1.00 55.10 ? 165 ODK A C6  1 
HETATM 1190 O O10 . ODK C 3 .   ? -4.636  -11.870 -6.985  1.00 54.97 ? 165 ODK A O10 1 
HETATM 1191 O O9  . ODK C 3 .   ? -6.446  -11.415 -5.959  1.00 56.41 ? 165 ODK A O9  1 
HETATM 1192 N N5  . ODK C 3 .   ? -3.901  -9.032  -6.694  1.00 53.18 ? 165 ODK A N5  1 
HETATM 1193 N N3  . ODK C 3 .   ? -3.987  -7.809  -6.858  1.00 51.77 ? 165 ODK A N3  1 
HETATM 1194 O O   . HOH D 4 .   ? 8.541   -10.233 8.024   1.00 39.97 ? 166 HOH A O   1 
HETATM 1195 O O   . HOH D 4 .   ? 2.240   -8.800  -4.794  1.00 32.06 ? 167 HOH A O   1 
HETATM 1196 O O   . HOH D 4 .   ? 3.479   -18.900 -7.764  1.00 50.81 ? 168 HOH A O   1 
HETATM 1197 O O   . HOH D 4 .   ? 11.344  4.538   -4.078  1.00 43.13 ? 169 HOH A O   1 
HETATM 1198 O O   . HOH D 4 .   ? -12.639 -2.182  -4.188  1.00 51.82 ? 170 HOH A O   1 
HETATM 1199 O O   . HOH D 4 .   ? 10.540  -2.164  12.907  1.00 44.02 ? 171 HOH A O   1 
HETATM 1200 O O   . HOH D 4 .   ? -2.043  -10.121 12.145  1.00 34.11 ? 172 HOH A O   1 
HETATM 1201 O O   . HOH D 4 .   ? 0.909   9.707   -0.580  1.00 64.87 ? 173 HOH A O   1 
HETATM 1202 O O   . HOH D 4 .   ? -6.596  2.112   -12.657 1.00 53.20 ? 174 HOH A O   1 
HETATM 1203 O O   . HOH D 4 .   ? 2.142   8.154   10.835  1.00 53.99 ? 175 HOH A O   1 
HETATM 1204 O O   . HOH D 4 .   ? -7.837  7.490   3.461   1.00 25.60 ? 176 HOH A O   1 
HETATM 1205 O O   . HOH D 4 .   ? 9.969   12.056  15.079  1.00 31.82 ? 177 HOH A O   1 
HETATM 1206 O O   . HOH D 4 .   ? 11.312  12.648  13.349  1.00 34.38 ? 178 HOH A O   1 
HETATM 1207 O O   . HOH D 4 .   ? -5.245  -16.455 7.011   1.00 47.95 ? 179 HOH A O   1 
HETATM 1208 O O   . HOH D 4 .   ? 10.654  13.953  11.157  1.00 47.26 ? 180 HOH A O   1 
HETATM 1209 O O   . HOH D 4 .   ? 11.082  -11.987 -6.493  1.00 29.14 ? 181 HOH A O   1 
HETATM 1210 O O   . HOH D 4 .   ? 0.493   -12.152 3.256   1.00 39.70 ? 182 HOH A O   1 
HETATM 1211 O O   . HOH D 4 .   ? -1.321  10.384  15.753  1.00 42.56 ? 183 HOH A O   1 
HETATM 1212 O O   . HOH D 4 .   ? -10.141 8.522   -0.108  1.00 39.78 ? 184 HOH A O   1 
HETATM 1213 O O   . HOH D 4 .   ? 15.874  -0.522  3.468   1.00 46.74 ? 185 HOH A O   1 
HETATM 1214 O O   . HOH D 4 .   ? 2.655   6.058   12.980  1.00 63.46 ? 186 HOH A O   1 
HETATM 1215 O O   . HOH D 4 .   ? 6.926   -1.404  -9.914  1.00 24.05 ? 187 HOH A O   1 
HETATM 1216 O O   . HOH D 4 .   ? 5.271   5.044   -17.076 1.00 43.70 ? 188 HOH A O   1 
HETATM 1217 O O   . HOH D 4 .   ? 4.292   -7.754  9.807   1.00 41.01 ? 189 HOH A O   1 
HETATM 1218 O O   . HOH D 4 .   ? -12.763 -10.201 8.804   1.00 48.04 ? 190 HOH A O   1 
HETATM 1219 O O   . HOH D 4 .   ? -2.205  -12.640 12.200  1.00 48.02 ? 191 HOH A O   1 
HETATM 1220 O O   . HOH D 4 .   ? 0.601   -9.422  13.784  1.00 40.48 ? 192 HOH A O   1 
HETATM 1221 O O   . HOH D 4 .   ? -3.641  1.126   11.261  1.00 40.80 ? 193 HOH A O   1 
HETATM 1222 O O   . HOH D 4 .   ? -7.832  5.483   -2.656  1.00 42.27 ? 194 HOH A O   1 
HETATM 1223 O O   . HOH D 4 .   ? -8.926  -10.989 -5.429  1.00 54.37 ? 195 HOH A O   1 
HETATM 1224 O O   . HOH D 4 .   ? -11.644 -7.891  11.623  1.00 27.71 ? 196 HOH A O   1 
HETATM 1225 O O   . HOH D 4 .   ? -3.229  -8.862  -10.870 1.00 39.32 ? 197 HOH A O   1 
HETATM 1226 O O   . HOH D 4 .   ? -5.602  -7.015  -11.134 1.00 60.39 ? 198 HOH A O   1 
HETATM 1227 O O   . HOH D 4 .   ? -12.858 -1.858  -12.385 1.00 49.54 ? 199 HOH A O   1 
HETATM 1228 O O   . HOH D 4 .   ? 4.824   21.234  -0.172  1.00 44.66 ? 200 HOH A O   1 
HETATM 1229 O O   . HOH D 4 .   ? -8.946  2.695   1.753   1.00 55.97 ? 201 HOH A O   1 
HETATM 1230 O O   . HOH D 4 .   ? 4.869   -12.477 8.096   1.00 38.85 ? 202 HOH A O   1 
HETATM 1231 O O   . HOH D 4 .   ? 8.806   -4.240  -7.277  1.00 35.91 ? 203 HOH A O   1 
HETATM 1232 O O   . HOH D 4 .   ? 1.369   -11.625 5.341   1.00 42.96 ? 204 HOH A O   1 
HETATM 1233 O O   . HOH D 4 .   ? 7.764   6.228   0.687   1.00 51.21 ? 205 HOH A O   1 
HETATM 1234 O O   . HOH D 4 .   ? 2.263   -7.425  12.664  1.00 44.42 ? 206 HOH A O   1 
HETATM 1235 O O   . HOH D 4 .   ? 5.877   12.834  -0.863  1.00 28.32 ? 207 HOH A O   1 
HETATM 1236 O O   . HOH D 4 .   ? -3.961  18.519  -0.346  1.00 52.59 ? 208 HOH A O   1 
HETATM 1237 O O   . HOH D 4 .   ? -10.122 -5.295  2.303   1.00 40.06 ? 209 HOH A O   1 
HETATM 1238 O O   . HOH D 4 .   ? 4.529   6.761   -15.390 1.00 44.12 ? 210 HOH A O   1 
HETATM 1239 O O   . HOH D 4 .   ? -2.574  -14.030 9.220   1.00 39.54 ? 211 HOH A O   1 
HETATM 1240 O O   . HOH D 4 .   ? 6.330   11.526  -10.195 1.00 60.44 ? 212 HOH A O   1 
HETATM 1241 O O   . HOH D 4 .   ? -5.874  -21.914 5.941   1.00 39.85 ? 213 HOH A O   1 
HETATM 1242 O O   . HOH D 4 .   ? -4.068  9.622   10.885  1.00 63.03 ? 214 HOH A O   1 
HETATM 1243 O O   . HOH D 4 .   ? 11.520  6.349   6.667   1.00 52.41 ? 215 HOH A O   1 
HETATM 1244 O O   . HOH D 4 .   ? 3.972   2.418   -20.120 1.00 44.51 ? 216 HOH A O   1 
HETATM 1245 O O   . HOH D 4 .   ? -1.768  -24.082 2.611   1.00 49.89 ? 217 HOH A O   1 
HETATM 1246 O O   . HOH D 4 .   ? 8.264   11.054  8.141   1.00 61.13 ? 218 HOH A O   1 
HETATM 1247 O O   . HOH D 4 .   ? -7.759  -5.489  -10.072 1.00 46.32 ? 219 HOH A O   1 
HETATM 1248 O O   . HOH D 4 .   ? -1.606  23.290  4.459   1.00 54.98 ? 220 HOH A O   1 
HETATM 1249 O O   . HOH D 4 .   ? 7.002   -9.019  10.246  1.00 48.33 ? 221 HOH A O   1 
HETATM 1250 O O   . HOH D 4 .   ? 1.278   22.628  -1.570  1.00 63.65 ? 222 HOH A O   1 
HETATM 1251 O O   . HOH D 4 .   ? -14.093 1.191   -12.060 1.00 38.63 ? 223 HOH A O   1 
HETATM 1252 O O   . HOH D 4 .   ? 3.895   -20.261 2.000   1.00 43.58 ? 224 HOH A O   1 
HETATM 1253 O O   . HOH D 4 .   ? 2.161   -4.439  13.706  1.00 40.73 ? 225 HOH A O   1 
HETATM 1254 O O   . HOH D 4 .   ? -11.214 -20.110 1.215   1.00 41.48 ? 226 HOH A O   1 
HETATM 1255 O O   . HOH D 4 .   ? 4.588   10.840  24.945  1.00 51.09 ? 227 HOH A O   1 
HETATM 1256 O O   . HOH D 4 .   ? 10.977  1.350   -11.705 1.00 56.48 ? 228 HOH A O   1 
HETATM 1257 O O   . HOH D 4 .   ? -2.200  -3.091  14.155  1.00 53.59 ? 229 HOH A O   1 
HETATM 1258 O O   . HOH D 4 .   ? 8.581   8.863   -13.392 1.00 47.99 ? 230 HOH A O   1 
HETATM 1259 O O   . HOH D 4 .   ? 4.873   8.572   23.649  1.00 40.71 ? 231 HOH A O   1 
HETATM 1260 O O   . HOH D 4 .   ? -1.414  -3.621  -17.059 1.00 60.55 ? 232 HOH A O   1 
# 
